data_9JBV
#
_entry.id   9JBV
#
_cell.length_a   1.00
_cell.length_b   1.00
_cell.length_c   1.00
_cell.angle_alpha   90.00
_cell.angle_beta   90.00
_cell.angle_gamma   90.00
#
_symmetry.space_group_name_H-M   'P 1'
#
_entity_poly.entity_id   1
_entity_poly.type   'polypeptide(L)'
_entity_poly.pdbx_seq_one_letter_code
;MQIELSTCFFLCLLPFCFSATRRYYLGAVELSWDYMQSDLGELHVDTRFPPRVPKSFPFNTSVVYKKTLFVEFTDHLFNI
AKPRPPWMGLLGPTIQAEVYDTVVITLKNMASHPVSLHAVGVSYWKASEGAEYDDQTSQREKEDDKVFPGGSHTYVWQVL
KENGPMASDPPCLTYSYLSHVDLVKDLNSGLIGALLVCREGSLAKEKTQTLHKFILLFAVFDEGKSWHSETNNSLTQDRD
AASARAQPKMHTVNGYVNRSLPGLIGCHRKSVYWHVIGMGTTPEVHSIFLEGHTFLVRNHRQASLEISPITFLTAQTLLM
DLGQFLLFCHISSHQHDGMEAYVKVDSCPEEPQLRMKNNEEAEDYDDDLTDSEMDVVRFDDDNSPPFIQIRSVAKKHPKT
WVHYIAAEEEDWDYAPLVLAPDDRSYKSLYLNNGPQRIGRKYKKVRFMAYTDETFKTREAIQHESGILGPLLYGEVGDTL
LIIFKNQASRPYNIYPHGITDVRPLHSGRLPKGVKHLKDMPILPGEIFKYKWTVTVEDGPTKSDPRCLTRYYSSFVNLER
DLASGLIGPLLICYKESVDQRGNQMMSDKRNVILFSVFDENRSWYLTENIQRFLPNPAGVQPEDPEFQASNIMHSINGYV
FDSLQLSVCLHEVAYWYILSVGAQTDFLSVFFSGYTFKHKMVYEDTLTLFPFSGETVFMSMENPGLWILGCHNSDFRNRG
MTALLKVSSCDKNTGDYYEDSYEDIPAYLLSKNNVIEPRSFSQNPPVLKRHQREITRTTLQPDEEKIDYDDTFSVEMKKE
DFDIYGEDENQSPRSFQKKTRHYFIAAVERLWDYGMSSSPHVLRNRAQSGSVPQFKKVVFQEFTDGSFTQPLYRGELNEH
LGLLGPYIRAEVEDNIMVTFKNQASRPYSFYSSLISYEEDQRQGAEPRKNFVKPNETKTYFWKVQHHMAPTKDEFDCKAW
AYFSDVDLEKDVHSGLIGPLLVCRTNTLNPAHGRQVTVQEFALFFTIFDETKSWYFTENMERNCRAPCNIQMEDPTFKEN
YRFHAINGYIMDTLPGLVMAQDQRIRWYLLSMGSNENIHSIHFSGHVFTVRKKEEYKMALYNLYPGVFETVEMLPSKVGI
WRVECLIGEHLQAGMSTLFLVYSKKCQTPLGMASGHIRDFQITASGQYGQWAPKLARLHYSGSINAWSTKEPFSWIKVDL
LAPMIIHGIMTQGARQKFSSLYISQFIIMYSLDGKKWQTYRGNSTGTLMVFFGNVDSSGIKHNIFNPPIIARYIRLHPTH
YSIRSTLRMELMGCDLNSCSMPLGMESKAISDAQITASSYLTNMFATWSPSQARLHLQGRSNAWRPQVNNPKEWLQVDFQ
KTMKVTGVTTQGVKSLLTSMYVKEFLISSSQDGHQWTLFLQNGKVKVFQGNQDSFTPVVNALDPPLLTRYLRIHPQSWAH
HIALRLEVLGCEAQDLY
;
_entity_poly.pdbx_strand_id   A
#
# COMPACT_ATOMS: atom_id res chain seq x y z
N SER A 19 -18.80 22.60 12.06
CA SER A 19 -17.94 21.60 12.67
C SER A 19 -18.53 21.10 13.99
N ALA A 20 -19.05 19.88 13.99
CA ALA A 20 -19.66 19.29 15.17
C ALA A 20 -18.66 18.38 15.87
N THR A 21 -18.42 18.64 17.15
CA THR A 21 -17.48 17.88 17.93
C THR A 21 -18.20 16.67 18.54
N ARG A 22 -17.69 15.48 18.25
CA ARG A 22 -18.25 14.23 18.76
C ARG A 22 -17.25 13.61 19.73
N ARG A 23 -17.62 13.53 20.99
CA ARG A 23 -16.70 13.11 22.05
C ARG A 23 -17.08 11.72 22.52
N TYR A 24 -16.11 10.82 22.53
CA TYR A 24 -16.28 9.46 23.02
C TYR A 24 -15.37 9.26 24.22
N TYR A 25 -15.65 8.22 25.00
CA TYR A 25 -14.84 7.87 26.16
C TYR A 25 -14.54 6.38 26.08
N LEU A 26 -13.49 6.03 25.35
CA LEU A 26 -13.12 4.63 25.18
C LEU A 26 -12.29 4.16 26.37
N GLY A 27 -12.21 2.83 26.50
CA GLY A 27 -11.42 2.23 27.56
C GLY A 27 -11.06 0.80 27.25
N ALA A 28 -9.78 0.45 27.36
CA ALA A 28 -9.33 -0.91 27.09
C ALA A 28 -9.46 -1.72 28.38
N VAL A 29 -10.31 -2.76 28.34
CA VAL A 29 -10.60 -3.58 29.50
C VAL A 29 -10.32 -5.04 29.16
N GLU A 30 -9.79 -5.78 30.12
CA GLU A 30 -9.54 -7.20 29.97
C GLU A 30 -10.79 -7.97 30.38
N LEU A 31 -11.34 -8.76 29.46
CA LEU A 31 -12.58 -9.48 29.67
C LEU A 31 -12.41 -10.93 29.24
N SER A 32 -13.10 -11.84 29.92
CA SER A 32 -13.00 -13.27 29.65
C SER A 32 -13.94 -13.62 28.50
N TRP A 33 -13.47 -13.37 27.29
CA TRP A 33 -14.21 -13.73 26.08
C TRP A 33 -14.30 -15.25 25.96
N ASP A 34 -15.35 -15.72 25.28
CA ASP A 34 -15.59 -17.15 25.21
C ASP A 34 -16.01 -17.61 23.81
N TYR A 35 -15.75 -16.79 22.80
CA TYR A 35 -15.99 -17.13 21.40
C TYR A 35 -17.34 -17.79 21.14
N MET A 36 -17.33 -19.12 20.96
CA MET A 36 -18.52 -19.90 20.61
C MET A 36 -19.73 -19.55 21.46
N GLN A 37 -19.60 -19.68 22.79
CA GLN A 37 -20.70 -19.38 23.68
C GLN A 37 -21.10 -17.92 23.55
N SER A 38 -22.36 -17.67 23.21
CA SER A 38 -22.85 -16.31 22.97
C SER A 38 -22.66 -15.44 24.19
N ASP A 39 -22.15 -14.22 24.00
CA ASP A 39 -21.92 -13.29 25.09
C ASP A 39 -22.66 -11.98 24.87
N SER A 62 -16.51 -23.15 23.74
CA SER A 62 -15.05 -23.21 23.72
C SER A 62 -14.47 -22.95 25.11
N VAL A 63 -13.23 -22.47 25.16
CA VAL A 63 -12.55 -22.17 26.41
C VAL A 63 -12.53 -20.65 26.58
N VAL A 64 -12.50 -20.22 27.85
CA VAL A 64 -12.53 -18.80 28.17
C VAL A 64 -11.16 -18.18 27.94
N TYR A 65 -10.96 -17.60 26.76
CA TYR A 65 -9.70 -16.95 26.40
C TYR A 65 -9.78 -15.49 26.82
N LYS A 66 -8.83 -15.05 27.64
CA LYS A 66 -8.78 -13.67 28.06
C LYS A 66 -8.43 -12.76 26.89
N LYS A 67 -9.25 -11.73 26.67
CA LYS A 67 -9.07 -10.80 25.57
C LYS A 67 -9.23 -9.38 26.07
N THR A 68 -8.52 -8.45 25.43
CA THR A 68 -8.62 -7.03 25.74
C THR A 68 -9.31 -6.33 24.58
N LEU A 69 -10.37 -5.58 24.89
CA LEU A 69 -11.22 -4.98 23.88
C LEU A 69 -11.59 -3.56 24.28
N PHE A 70 -11.79 -2.71 23.27
CA PHE A 70 -12.25 -1.35 23.50
C PHE A 70 -13.72 -1.36 23.93
N VAL A 71 -14.02 -0.67 25.03
CA VAL A 71 -15.36 -0.58 25.57
C VAL A 71 -15.70 0.89 25.77
N GLU A 72 -16.77 1.34 25.13
CA GLU A 72 -17.20 2.73 25.23
C GLU A 72 -17.91 2.96 26.56
N PHE A 73 -17.77 4.17 27.09
CA PHE A 73 -18.43 4.57 28.32
C PHE A 73 -19.28 5.81 28.07
N THR A 74 -20.25 6.03 28.95
CA THR A 74 -21.17 7.15 28.78
C THR A 74 -20.47 8.49 28.97
N ASP A 75 -19.71 8.63 30.05
CA ASP A 75 -19.10 9.89 30.44
C ASP A 75 -17.62 9.68 30.74
N HIS A 76 -16.94 10.77 31.05
CA HIS A 76 -15.52 10.73 31.39
C HIS A 76 -15.26 10.05 32.73
N LEU A 77 -16.29 9.86 33.56
CA LEU A 77 -16.10 9.18 34.84
C LEU A 77 -15.72 7.72 34.66
N PHE A 78 -16.04 7.13 33.50
CA PHE A 78 -15.70 5.75 33.18
C PHE A 78 -16.27 4.78 34.21
N ASN A 79 -17.59 4.85 34.39
CA ASN A 79 -18.31 3.98 35.31
C ASN A 79 -19.36 3.13 34.59
N ILE A 80 -20.13 3.72 33.69
CA ILE A 80 -21.21 3.04 33.01
C ILE A 80 -20.84 2.89 31.53
N ALA A 81 -20.95 1.67 31.01
CA ALA A 81 -20.68 1.40 29.62
C ALA A 81 -21.95 1.51 28.80
N LYS A 82 -21.84 2.11 27.62
CA LYS A 82 -22.99 2.22 26.74
C LYS A 82 -23.43 0.83 26.29
N PRO A 83 -24.73 0.58 26.15
CA PRO A 83 -25.19 -0.75 25.72
C PRO A 83 -24.65 -1.10 24.34
N ARG A 84 -24.32 -2.36 24.18
CA ARG A 84 -23.75 -2.85 22.94
C ARG A 84 -24.69 -3.82 22.25
N PRO A 85 -24.92 -3.67 20.95
CA PRO A 85 -25.75 -4.63 20.22
C PRO A 85 -25.13 -6.02 20.28
N PRO A 86 -25.96 -7.06 20.38
CA PRO A 86 -25.40 -8.41 20.52
C PRO A 86 -24.54 -8.83 19.34
N TRP A 87 -24.86 -8.38 18.12
CA TRP A 87 -24.09 -8.78 16.96
C TRP A 87 -22.69 -8.18 16.92
N MET A 88 -22.43 -7.15 17.73
CA MET A 88 -21.09 -6.57 17.77
C MET A 88 -20.10 -7.55 18.38
N GLY A 89 -20.45 -8.12 19.53
CA GLY A 89 -19.60 -9.13 20.15
C GLY A 89 -18.25 -8.57 20.54
N LEU A 90 -17.19 -9.25 20.11
CA LEU A 90 -15.82 -8.82 20.38
C LEU A 90 -15.38 -7.82 19.33
N LEU A 91 -15.86 -6.59 19.50
CA LEU A 91 -15.55 -5.52 18.56
C LEU A 91 -15.67 -4.19 19.28
N GLY A 92 -14.74 -3.28 19.00
CA GLY A 92 -14.75 -1.98 19.62
C GLY A 92 -15.92 -1.15 19.16
N PRO A 93 -16.33 -0.19 20.00
CA PRO A 93 -17.50 0.64 19.66
C PRO A 93 -17.27 1.42 18.37
N THR A 94 -18.32 1.52 17.57
CA THR A 94 -18.23 2.25 16.32
C THR A 94 -18.12 3.74 16.59
N ILE A 95 -17.22 4.40 15.89
CA ILE A 95 -17.01 5.84 15.99
C ILE A 95 -17.37 6.43 14.64
N GLN A 96 -18.33 7.35 14.63
CA GLN A 96 -18.87 7.90 13.39
C GLN A 96 -18.60 9.41 13.35
N ALA A 97 -18.29 9.91 12.15
CA ALA A 97 -18.06 11.32 11.95
C ALA A 97 -18.29 11.67 10.49
N GLU A 98 -18.49 12.96 10.23
CA GLU A 98 -18.72 13.49 8.90
C GLU A 98 -17.52 14.33 8.46
N VAL A 99 -17.65 14.93 7.28
CA VAL A 99 -16.66 15.88 6.81
C VAL A 99 -16.72 17.14 7.68
N TYR A 100 -15.55 17.72 7.94
CA TYR A 100 -15.39 18.93 8.76
C TYR A 100 -15.75 18.66 10.22
N ASP A 101 -15.98 17.40 10.57
CA ASP A 101 -16.24 17.06 11.96
C ASP A 101 -14.93 16.87 12.72
N THR A 102 -15.05 16.72 14.03
CA THR A 102 -13.92 16.53 14.91
C THR A 102 -14.31 15.58 16.03
N VAL A 103 -13.42 14.66 16.36
CA VAL A 103 -13.66 13.68 17.42
C VAL A 103 -12.60 13.86 18.49
N VAL A 104 -13.02 13.73 19.75
CA VAL A 104 -12.12 13.83 20.90
C VAL A 104 -12.28 12.53 21.69
N ILE A 105 -11.37 11.60 21.47
CA ILE A 105 -11.45 10.27 22.04
C ILE A 105 -10.57 10.24 23.29
N THR A 106 -11.18 10.01 24.45
CA THR A 106 -10.44 9.87 25.69
C THR A 106 -10.25 8.38 25.97
N LEU A 107 -9.04 7.89 25.72
CA LEU A 107 -8.73 6.47 25.88
C LEU A 107 -8.08 6.24 27.24
N LYS A 108 -8.80 5.57 28.13
CA LYS A 108 -8.22 5.09 29.36
C LYS A 108 -7.71 3.67 29.18
N ASN A 109 -6.71 3.30 29.97
CA ASN A 109 -6.09 1.99 29.88
C ASN A 109 -6.27 1.28 31.22
N MET A 110 -7.32 0.46 31.32
CA MET A 110 -7.57 -0.33 32.52
C MET A 110 -6.94 -1.71 32.45
N ALA A 111 -6.32 -2.07 31.33
CA ALA A 111 -5.66 -3.35 31.19
C ALA A 111 -4.33 -3.36 31.94
N SER A 112 -3.63 -4.48 31.85
CA SER A 112 -2.32 -4.63 32.49
C SER A 112 -1.16 -4.49 31.50
N HIS A 113 -1.42 -4.11 30.26
CA HIS A 113 -0.37 -3.94 29.28
C HIS A 113 -0.58 -2.64 28.50
N PRO A 114 0.49 -2.01 28.04
CA PRO A 114 0.35 -0.73 27.34
C PRO A 114 -0.48 -0.84 26.07
N VAL A 115 -1.28 0.19 25.82
CA VAL A 115 -2.20 0.25 24.69
C VAL A 115 -2.16 1.64 24.11
N SER A 116 -2.17 1.75 22.78
CA SER A 116 -2.31 3.02 22.11
C SER A 116 -3.64 3.06 21.36
N LEU A 117 -3.86 4.14 20.63
CA LEU A 117 -5.10 4.32 19.85
C LEU A 117 -4.71 4.95 18.52
N HIS A 118 -4.47 4.11 17.52
CA HIS A 118 -3.99 4.55 16.22
C HIS A 118 -5.13 4.43 15.22
N ALA A 119 -5.78 5.56 14.93
CA ALA A 119 -6.85 5.58 13.96
C ALA A 119 -6.30 5.54 12.54
N VAL A 120 -7.13 5.06 11.61
CA VAL A 120 -6.77 4.94 10.21
C VAL A 120 -7.82 5.65 9.38
N GLY A 121 -7.37 6.44 8.40
CA GLY A 121 -8.27 7.12 7.49
C GLY A 121 -8.64 8.53 7.89
N VAL A 122 -8.11 9.04 8.99
CA VAL A 122 -8.40 10.38 9.47
C VAL A 122 -7.11 11.11 9.73
N SER A 123 -7.20 12.43 9.80
CA SER A 123 -6.05 13.30 9.99
C SER A 123 -5.87 13.61 11.47
N TYR A 124 -4.62 13.62 11.92
CA TYR A 124 -4.32 13.98 13.31
C TYR A 124 -2.86 14.36 13.41
N TRP A 125 -2.52 14.96 14.55
CA TRP A 125 -1.16 15.37 14.86
C TRP A 125 -0.58 14.46 15.93
N LYS A 126 0.74 14.48 16.05
CA LYS A 126 1.41 13.70 17.08
C LYS A 126 1.24 14.36 18.44
N GLY A 130 -0.46 7.91 17.08
CA GLY A 130 -0.46 6.97 18.17
C GLY A 130 0.45 5.78 17.95
N ALA A 131 1.52 6.00 17.19
CA ALA A 131 2.48 4.95 16.86
C ALA A 131 3.84 5.30 17.43
N GLU A 132 4.47 4.32 18.08
CA GLU A 132 5.78 4.50 18.72
C GLU A 132 6.88 4.14 17.73
N TYR A 133 7.28 5.13 16.94
CA TYR A 133 8.39 5.00 16.02
C TYR A 133 9.27 6.24 16.09
N ASP A 134 10.27 6.29 15.22
CA ASP A 134 11.20 7.42 15.18
C ASP A 134 10.57 8.55 14.39
N ASP A 135 10.22 9.64 15.07
CA ASP A 135 9.63 10.80 14.42
C ASP A 135 10.26 12.12 14.85
N GLN A 136 11.17 12.10 15.83
CA GLN A 136 11.88 13.30 16.28
C GLN A 136 10.93 14.38 16.74
N THR A 137 10.20 14.08 17.81
CA THR A 137 9.25 15.00 18.42
C THR A 137 9.41 15.00 19.92
N SER A 138 9.00 16.10 20.55
CA SER A 138 9.22 16.29 21.97
C SER A 138 8.35 15.32 22.78
N GLN A 139 8.51 15.39 24.11
CA GLN A 139 7.79 14.47 24.99
C GLN A 139 6.28 14.64 24.87
N ARG A 140 5.82 15.86 24.61
CA ARG A 140 4.38 16.10 24.48
C ARG A 140 3.80 15.33 23.29
N GLU A 141 4.54 15.29 22.19
CA GLU A 141 4.06 14.64 20.97
C GLU A 141 4.33 13.14 20.96
N LYS A 142 4.97 12.60 22.00
CA LYS A 142 5.22 11.17 22.09
C LYS A 142 4.27 10.46 23.06
N GLU A 143 3.44 11.21 23.79
CA GLU A 143 2.52 10.57 24.73
C GLU A 143 1.43 9.80 23.99
N ASP A 144 0.97 10.32 22.85
CA ASP A 144 -0.08 9.64 22.11
C ASP A 144 0.39 8.31 21.57
N ASP A 145 1.71 8.13 21.41
CA ASP A 145 2.23 6.93 20.78
C ASP A 145 2.02 5.69 21.65
N LYS A 146 2.09 5.86 22.97
CA LYS A 146 1.91 4.73 23.90
C LYS A 146 1.26 5.25 25.16
N VAL A 147 0.27 4.51 25.67
CA VAL A 147 -0.41 4.85 26.91
C VAL A 147 -0.20 3.69 27.89
N PHE A 148 0.32 4.00 29.03
CA PHE A 148 0.63 3.10 30.13
C PHE A 148 -0.64 2.77 30.91
N PRO A 149 -0.72 1.59 31.50
CA PRO A 149 -1.87 1.25 32.34
C PRO A 149 -2.03 2.23 33.49
N GLY A 150 -3.28 2.57 33.81
CA GLY A 150 -3.56 3.59 34.80
C GLY A 150 -3.49 5.00 34.28
N GLY A 151 -3.36 5.19 32.97
CA GLY A 151 -3.27 6.51 32.39
C GLY A 151 -4.21 6.67 31.23
N SER A 152 -4.29 7.89 30.72
CA SER A 152 -5.22 8.21 29.65
C SER A 152 -4.64 9.28 28.75
N HIS A 153 -5.22 9.40 27.56
CA HIS A 153 -4.78 10.39 26.59
C HIS A 153 -5.95 10.71 25.66
N THR A 154 -6.12 12.00 25.37
CA THR A 154 -7.26 12.48 24.59
C THR A 154 -6.81 12.70 23.15
N TYR A 155 -6.92 11.63 22.35
CA TYR A 155 -6.62 11.73 20.92
C TYR A 155 -7.66 12.61 20.24
N VAL A 156 -7.25 13.32 19.20
CA VAL A 156 -8.12 14.21 18.44
C VAL A 156 -7.90 13.91 16.96
N TRP A 157 -8.79 13.09 16.39
CA TRP A 157 -8.69 12.73 14.98
C TRP A 157 -9.65 13.59 14.16
N GLN A 158 -9.26 14.85 13.99
CA GLN A 158 -10.10 15.78 13.24
C GLN A 158 -10.27 15.30 11.81
N VAL A 159 -11.50 15.33 11.32
CA VAL A 159 -11.83 14.90 9.97
C VAL A 159 -11.83 16.12 9.06
N LEU A 160 -11.14 16.02 7.94
CA LEU A 160 -11.01 17.12 6.99
C LEU A 160 -11.67 16.73 5.67
N LYS A 161 -11.66 17.68 4.73
CA LYS A 161 -12.28 17.44 3.43
C LYS A 161 -11.56 16.31 2.67
N GLU A 162 -10.26 16.18 2.90
CA GLU A 162 -9.50 15.13 2.21
C GLU A 162 -9.96 13.74 2.65
N ASN A 163 -10.54 13.63 3.85
CA ASN A 163 -11.04 12.34 4.33
C ASN A 163 -12.44 12.03 3.85
N GLY A 164 -13.09 12.96 3.14
CA GLY A 164 -14.45 12.77 2.70
C GLY A 164 -14.57 11.93 1.45
N PRO A 165 -15.61 11.10 1.39
CA PRO A 165 -15.83 10.29 0.19
C PRO A 165 -16.14 11.15 -1.02
N MET A 166 -15.76 10.65 -2.19
CA MET A 166 -15.98 11.37 -3.43
C MET A 166 -17.42 11.18 -3.90
N ALA A 167 -17.74 11.79 -5.05
CA ALA A 167 -19.09 11.68 -5.59
C ALA A 167 -19.43 10.25 -5.99
N SER A 168 -18.45 9.53 -6.54
CA SER A 168 -18.64 8.16 -7.01
C SER A 168 -18.32 7.13 -5.94
N ASP A 169 -18.52 7.47 -4.67
CA ASP A 169 -18.20 6.61 -3.54
C ASP A 169 -19.45 6.35 -2.71
N PRO A 170 -19.45 5.29 -1.90
CA PRO A 170 -20.57 5.08 -1.00
C PRO A 170 -20.67 6.22 0.00
N PRO A 171 -21.87 6.50 0.51
CA PRO A 171 -22.03 7.63 1.43
C PRO A 171 -21.15 7.53 2.66
N CYS A 172 -20.87 6.33 3.15
CA CYS A 172 -19.97 6.14 4.28
C CYS A 172 -18.82 5.23 3.87
N LEU A 173 -17.62 5.59 4.30
CA LEU A 173 -16.42 4.80 4.05
C LEU A 173 -16.05 4.03 5.31
N THR A 174 -15.52 2.83 5.12
CA THR A 174 -15.19 1.95 6.24
C THR A 174 -13.71 2.09 6.59
N TYR A 175 -13.44 2.48 7.83
CA TYR A 175 -12.10 2.54 8.38
C TYR A 175 -12.11 1.85 9.74
N SER A 176 -10.96 1.87 10.42
CA SER A 176 -10.87 1.21 11.71
C SER A 176 -9.76 1.84 12.53
N TYR A 177 -9.82 1.61 13.83
CA TYR A 177 -8.79 2.05 14.76
C TYR A 177 -8.37 0.86 15.62
N LEU A 178 -7.13 0.89 16.08
CA LEU A 178 -6.54 -0.26 16.77
C LEU A 178 -5.48 0.24 17.73
N SER A 179 -4.83 -0.71 18.41
CA SER A 179 -3.71 -0.42 19.30
C SER A 179 -2.43 -0.78 18.57
N HIS A 180 -1.51 0.19 18.48
CA HIS A 180 -0.30 0.04 17.68
C HIS A 180 0.95 -0.10 18.54
N VAL A 181 0.79 -0.44 19.82
CA VAL A 181 1.97 -0.64 20.67
C VAL A 181 2.81 -1.79 20.16
N ASP A 182 2.17 -2.91 19.79
CA ASP A 182 2.87 -4.08 19.30
C ASP A 182 2.32 -4.60 17.98
N LEU A 183 1.14 -4.13 17.55
CA LEU A 183 0.46 -4.56 16.33
C LEU A 183 0.07 -6.04 16.37
N VAL A 184 1.04 -6.94 16.29
CA VAL A 184 0.73 -8.37 16.24
C VAL A 184 -0.07 -8.79 17.46
N LYS A 185 0.51 -8.57 18.64
CA LYS A 185 -0.14 -9.00 19.88
C LYS A 185 -1.41 -8.22 20.14
N ASP A 186 -1.45 -6.94 19.78
CA ASP A 186 -2.66 -6.15 20.00
C ASP A 186 -3.81 -6.66 19.14
N LEU A 187 -3.57 -6.85 17.84
CA LEU A 187 -4.62 -7.34 16.96
C LEU A 187 -5.06 -8.74 17.36
N ASN A 188 -4.11 -9.61 17.72
CA ASN A 188 -4.48 -10.95 18.16
C ASN A 188 -5.09 -10.97 19.55
N SER A 189 -5.04 -9.86 20.28
CA SER A 189 -5.72 -9.74 21.56
C SER A 189 -7.10 -9.08 21.44
N GLY A 190 -7.53 -8.76 20.22
CA GLY A 190 -8.85 -8.22 19.99
C GLY A 190 -8.98 -6.71 20.07
N LEU A 191 -7.89 -5.99 20.32
CA LEU A 191 -7.94 -4.54 20.48
C LEU A 191 -8.12 -3.90 19.10
N ILE A 192 -9.38 -3.66 18.75
CA ILE A 192 -9.73 -3.02 17.49
C ILE A 192 -11.17 -2.53 17.58
N GLY A 193 -11.48 -1.48 16.85
CA GLY A 193 -12.83 -0.97 16.75
C GLY A 193 -13.24 -0.72 15.32
N ALA A 194 -14.08 0.29 15.10
CA ALA A 194 -14.50 0.66 13.75
C ALA A 194 -14.62 2.16 13.67
N LEU A 195 -14.46 2.68 12.45
CA LEU A 195 -14.53 4.11 12.20
C LEU A 195 -15.25 4.34 10.89
N LEU A 196 -16.13 5.35 10.85
CA LEU A 196 -16.93 5.65 9.67
C LEU A 196 -16.84 7.13 9.37
N VAL A 197 -16.54 7.46 8.12
CA VAL A 197 -16.40 8.83 7.66
C VAL A 197 -17.41 9.05 6.54
N CYS A 198 -18.59 9.54 6.89
CA CYS A 198 -19.67 9.71 5.94
C CYS A 198 -19.65 11.11 5.34
N ARG A 199 -20.59 11.36 4.42
CA ARG A 199 -20.68 12.65 3.77
C ARG A 199 -21.14 13.72 4.75
N GLU A 200 -21.13 14.96 4.28
CA GLU A 200 -21.53 16.09 5.12
C GLU A 200 -23.04 16.02 5.37
N GLY A 201 -23.42 16.04 6.64
CA GLY A 201 -24.82 15.94 7.00
C GLY A 201 -25.48 14.62 6.68
N SER A 202 -24.69 13.61 6.29
CA SER A 202 -25.27 12.33 5.89
C SER A 202 -25.74 11.50 7.07
N LEU A 203 -25.23 11.78 8.28
CA LEU A 203 -25.73 11.07 9.46
C LEU A 203 -27.19 11.40 9.72
N ALA A 204 -27.57 12.68 9.56
CA ALA A 204 -28.96 13.06 9.76
C ALA A 204 -29.88 12.39 8.76
N LYS A 205 -29.47 12.35 7.49
CA LYS A 205 -30.27 11.65 6.48
C LYS A 205 -30.35 10.16 6.76
N GLU A 206 -29.25 9.58 7.23
CA GLU A 206 -29.24 8.16 7.54
C GLU A 206 -30.18 7.82 8.68
N LYS A 207 -30.43 8.77 9.58
CA LYS A 207 -31.42 8.54 10.63
C LYS A 207 -32.81 8.36 10.04
N THR A 208 -33.14 9.14 9.02
CA THR A 208 -34.45 9.00 8.37
C THR A 208 -34.51 7.73 7.54
N GLN A 209 -33.66 7.62 6.53
CA GLN A 209 -33.59 6.42 5.68
C GLN A 209 -32.44 5.55 6.20
N THR A 210 -32.75 4.72 7.19
CA THR A 210 -31.73 3.88 7.80
C THR A 210 -31.19 2.88 6.78
N LEU A 211 -29.91 3.02 6.44
CA LEU A 211 -29.25 2.12 5.51
C LEU A 211 -28.96 0.76 6.11
N HIS A 212 -29.16 0.60 7.42
CA HIS A 212 -29.02 -0.68 8.11
C HIS A 212 -27.62 -1.26 7.93
N LYS A 213 -26.64 -0.51 8.41
CA LYS A 213 -25.25 -0.90 8.27
C LYS A 213 -24.88 -2.00 9.26
N PHE A 214 -24.12 -2.98 8.80
CA PHE A 214 -23.61 -4.05 9.64
C PHE A 214 -22.10 -3.91 9.76
N ILE A 215 -21.57 -4.16 10.94
CA ILE A 215 -20.12 -4.15 11.15
C ILE A 215 -19.67 -5.59 11.36
N LEU A 216 -18.82 -6.08 10.45
CA LEU A 216 -18.36 -7.46 10.45
C LEU A 216 -16.85 -7.48 10.65
N LEU A 217 -16.38 -8.33 11.56
CA LEU A 217 -14.96 -8.49 11.85
C LEU A 217 -14.57 -9.92 11.52
N PHE A 218 -13.94 -10.11 10.36
CA PHE A 218 -13.47 -11.44 9.96
C PHE A 218 -12.09 -11.64 10.57
N ALA A 219 -12.08 -11.84 11.88
CA ALA A 219 -10.85 -11.93 12.65
C ALA A 219 -10.30 -13.35 12.63
N VAL A 220 -8.98 -13.45 12.73
CA VAL A 220 -8.29 -14.73 12.75
C VAL A 220 -7.52 -14.81 14.06
N PHE A 221 -8.09 -14.23 15.11
CA PHE A 221 -7.44 -14.14 16.42
C PHE A 221 -6.71 -15.42 16.80
N ASP A 222 -5.41 -15.30 17.03
CA ASP A 222 -4.57 -16.42 17.42
C ASP A 222 -4.08 -16.19 18.84
N GLU A 223 -4.41 -17.12 19.74
CA GLU A 223 -4.05 -16.93 21.15
C GLU A 223 -2.55 -17.10 21.38
N GLY A 224 -1.83 -17.73 20.46
CA GLY A 224 -0.39 -17.87 20.62
C GLY A 224 0.34 -16.55 20.52
N LYS A 225 -0.05 -15.71 19.58
CA LYS A 225 0.66 -14.46 19.28
C LYS A 225 -0.14 -13.25 19.70
N SER A 226 -0.80 -13.32 20.85
CA SER A 226 -1.60 -12.23 21.38
C SER A 226 -0.92 -11.62 22.61
N TRP A 227 -1.36 -10.41 22.95
CA TRP A 227 -0.87 -9.77 24.17
C TRP A 227 -1.15 -10.64 25.39
N HIS A 228 -2.25 -11.39 25.35
CA HIS A 228 -2.65 -12.25 26.46
C HIS A 228 -2.38 -13.72 26.19
N SER A 229 -1.29 -14.03 25.47
CA SER A 229 -0.92 -15.42 25.27
C SER A 229 -0.67 -16.08 26.63
N GLU A 230 -0.63 -17.42 26.60
CA GLU A 230 -0.54 -18.19 27.84
C GLU A 230 0.65 -17.73 28.67
N THR A 231 0.39 -17.44 29.94
CA THR A 231 1.40 -16.97 30.87
C THR A 231 2.33 -18.07 31.32
N ASN A 232 2.25 -19.25 30.70
CA ASN A 232 3.18 -20.33 31.02
C ASN A 232 4.62 -19.98 30.67
N ASN A 233 4.83 -18.94 29.84
CA ASN A 233 6.18 -18.54 29.49
C ASN A 233 6.98 -18.13 30.72
N SER A 234 6.32 -17.67 31.77
CA SER A 234 6.99 -17.41 33.04
C SER A 234 7.17 -18.73 33.77
N LEU A 235 8.42 -19.07 34.08
CA LEU A 235 8.78 -20.36 34.68
C LEU A 235 8.25 -21.52 33.82
N THR A 236 8.60 -21.46 32.54
CA THR A 236 8.15 -22.47 31.58
C THR A 236 8.91 -23.78 31.70
N GLN A 237 9.96 -23.84 32.52
CA GLN A 237 10.71 -25.07 32.67
C GLN A 237 9.84 -26.16 33.27
N ASP A 238 9.87 -27.34 32.64
CA ASP A 238 9.11 -28.54 33.01
C ASP A 238 7.60 -28.33 32.94
N ARG A 239 7.14 -27.19 32.46
CA ARG A 239 5.70 -26.89 32.32
C ARG A 239 5.50 -26.39 30.88
N ASP A 240 5.27 -27.33 29.97
CA ASP A 240 5.16 -26.98 28.55
C ASP A 240 3.92 -26.15 28.30
N ALA A 241 4.08 -25.12 27.46
CA ALA A 241 2.95 -24.30 27.05
C ALA A 241 2.14 -24.92 25.92
N ALA A 242 2.69 -25.92 25.24
CA ALA A 242 1.98 -26.58 24.15
C ALA A 242 0.91 -27.55 24.65
N SER A 243 0.91 -27.89 25.95
CA SER A 243 -0.12 -28.78 26.48
C SER A 243 -1.49 -28.14 26.42
N ALA A 244 -1.56 -26.81 26.44
CA ALA A 244 -2.84 -26.12 26.37
C ALA A 244 -3.27 -25.91 24.92
N ARG A 245 -3.28 -26.98 24.13
CA ARG A 245 -3.68 -26.97 22.73
C ARG A 245 -2.84 -26.02 21.89
N ALA A 246 -1.67 -25.62 22.39
CA ALA A 246 -0.76 -24.70 21.70
C ALA A 246 -1.44 -23.41 21.31
N GLN A 247 -2.47 -23.00 22.08
CA GLN A 247 -3.22 -21.78 21.85
C GLN A 247 -3.73 -21.74 20.41
N PRO A 248 -4.74 -22.53 20.07
CA PRO A 248 -5.16 -22.62 18.67
C PRO A 248 -5.72 -21.30 18.15
N LYS A 249 -5.46 -21.03 16.88
CA LYS A 249 -6.04 -19.87 16.23
C LYS A 249 -7.53 -20.12 15.96
N MET A 250 -8.32 -19.06 16.12
CA MET A 250 -9.77 -19.14 16.03
C MET A 250 -10.24 -18.26 14.88
N HIS A 251 -10.61 -18.89 13.76
CA HIS A 251 -11.20 -18.17 12.64
C HIS A 251 -12.62 -17.78 13.02
N THR A 252 -12.86 -16.49 13.21
CA THR A 252 -14.05 -16.00 13.87
C THR A 252 -14.68 -14.84 13.11
N VAL A 253 -15.94 -14.57 13.42
CA VAL A 253 -16.66 -13.41 12.93
C VAL A 253 -17.16 -12.63 14.14
N ASN A 254 -16.64 -11.42 14.34
CA ASN A 254 -16.99 -10.57 15.48
C ASN A 254 -16.77 -11.29 16.81
N GLY A 255 -15.79 -12.18 16.84
CA GLY A 255 -15.49 -12.92 18.05
C GLY A 255 -16.37 -14.12 18.30
N TYR A 256 -17.24 -14.48 17.37
CA TYR A 256 -18.13 -15.63 17.53
C TYR A 256 -17.77 -16.69 16.49
N VAL A 257 -17.62 -17.92 16.94
CA VAL A 257 -17.19 -19.02 16.07
C VAL A 257 -18.31 -20.05 15.96
N ASN A 258 -18.39 -20.67 14.79
CA ASN A 258 -19.31 -21.77 14.51
C ASN A 258 -20.77 -21.36 14.71
N ARG A 259 -21.19 -20.35 13.94
CA ARG A 259 -22.60 -19.95 13.84
C ARG A 259 -23.20 -19.63 15.21
N SER A 260 -22.69 -18.57 15.83
CA SER A 260 -23.18 -18.11 17.12
C SER A 260 -23.31 -16.59 17.16
N LEU A 261 -23.54 -15.96 16.02
CA LEU A 261 -23.78 -14.53 15.94
C LEU A 261 -25.25 -14.26 16.22
N PRO A 262 -25.60 -13.79 17.42
CA PRO A 262 -27.01 -13.76 17.84
C PRO A 262 -27.76 -12.47 17.51
N GLY A 263 -27.22 -11.60 16.64
CA GLY A 263 -27.84 -10.32 16.43
C GLY A 263 -28.15 -9.96 14.99
N LEU A 264 -27.57 -10.67 14.04
CA LEU A 264 -27.73 -10.33 12.62
C LEU A 264 -29.18 -10.55 12.22
N ILE A 265 -29.91 -9.46 12.03
CA ILE A 265 -31.29 -9.48 11.59
C ILE A 265 -31.45 -8.40 10.53
N GLY A 266 -31.69 -8.82 9.29
CA GLY A 266 -31.93 -7.91 8.20
C GLY A 266 -33.39 -7.52 8.10
N CYS A 267 -33.75 -6.96 6.95
CA CYS A 267 -35.11 -6.59 6.65
C CYS A 267 -35.45 -6.99 5.22
N HIS A 268 -36.73 -7.29 4.99
CA HIS A 268 -37.17 -7.70 3.67
C HIS A 268 -37.09 -6.54 2.68
N ARG A 269 -36.67 -6.85 1.45
CA ARG A 269 -36.54 -5.86 0.38
C ARG A 269 -35.70 -4.68 0.81
N LYS A 270 -34.65 -4.95 1.58
CA LYS A 270 -33.80 -3.93 2.17
C LYS A 270 -32.38 -4.04 1.62
N SER A 271 -31.86 -2.95 1.08
CA SER A 271 -30.50 -2.90 0.57
C SER A 271 -29.57 -2.62 1.75
N VAL A 272 -29.29 -3.67 2.51
CA VAL A 272 -28.47 -3.56 3.71
C VAL A 272 -27.02 -3.32 3.32
N TYR A 273 -26.37 -2.39 4.02
CA TYR A 273 -24.94 -2.13 3.83
C TYR A 273 -24.12 -2.96 4.79
N TRP A 274 -22.92 -3.35 4.33
CA TRP A 274 -21.98 -4.12 5.11
C TRP A 274 -20.66 -3.36 5.23
N HIS A 275 -20.06 -3.41 6.41
CA HIS A 275 -18.76 -2.81 6.68
C HIS A 275 -17.86 -3.92 7.20
N VAL A 276 -16.93 -4.37 6.36
CA VAL A 276 -16.12 -5.56 6.63
C VAL A 276 -14.72 -5.14 7.05
N ILE A 277 -14.23 -5.72 8.13
CA ILE A 277 -12.88 -5.45 8.65
C ILE A 277 -12.19 -6.80 8.86
N GLY A 278 -11.07 -7.00 8.18
CA GLY A 278 -10.29 -8.22 8.34
C GLY A 278 -9.17 -8.03 9.35
N MET A 279 -8.94 -9.06 10.15
CA MET A 279 -7.94 -9.02 11.22
C MET A 279 -7.03 -10.25 11.11
N GLY A 280 -6.00 -10.14 10.27
CA GLY A 280 -5.02 -11.21 10.18
C GLY A 280 -3.60 -10.72 10.35
N THR A 281 -2.95 -11.16 11.43
CA THR A 281 -1.53 -10.85 11.59
C THR A 281 -0.68 -11.62 10.58
N THR A 282 -0.96 -12.90 10.40
CA THR A 282 -0.30 -13.69 9.37
C THR A 282 -0.94 -13.40 8.01
N PRO A 283 -0.18 -13.54 6.92
CA PRO A 283 -0.77 -13.35 5.59
C PRO A 283 -1.65 -14.52 5.16
N GLU A 284 -2.89 -14.54 5.66
CA GLU A 284 -3.84 -15.59 5.36
C GLU A 284 -5.12 -14.97 4.82
N VAL A 285 -5.65 -15.52 3.74
CA VAL A 285 -6.79 -14.95 3.06
C VAL A 285 -8.05 -15.69 3.46
N HIS A 286 -9.21 -15.13 3.11
CA HIS A 286 -10.50 -15.74 3.33
C HIS A 286 -11.41 -15.43 2.16
N SER A 287 -12.45 -16.25 2.00
CA SER A 287 -13.44 -16.08 0.95
C SER A 287 -14.82 -16.23 1.59
N ILE A 288 -15.49 -15.11 1.84
CA ILE A 288 -16.74 -15.11 2.60
C ILE A 288 -17.92 -15.13 1.63
N PHE A 289 -18.80 -16.11 1.81
CA PHE A 289 -19.97 -16.29 0.96
C PHE A 289 -21.24 -16.12 1.79
N LEU A 290 -22.29 -15.66 1.12
CA LEU A 290 -23.62 -15.56 1.71
C LEU A 290 -24.57 -16.46 0.93
N GLU A 291 -25.35 -17.26 1.66
CA GLU A 291 -26.26 -18.22 1.04
C GLU A 291 -27.27 -17.54 0.13
N GLY A 292 -27.15 -17.78 -1.18
CA GLY A 292 -28.13 -17.26 -2.12
C GLY A 292 -28.14 -15.76 -2.27
N HIS A 293 -27.08 -15.09 -1.80
CA HIS A 293 -27.00 -13.64 -1.88
C HIS A 293 -25.62 -13.25 -2.40
N THR A 294 -25.58 -12.19 -3.21
CA THR A 294 -24.34 -11.68 -3.79
C THR A 294 -24.12 -10.25 -3.32
N PHE A 295 -22.88 -9.93 -2.98
CA PHE A 295 -22.56 -8.61 -2.46
C PHE A 295 -22.32 -7.61 -3.61
N LEU A 296 -22.41 -6.33 -3.26
CA LEU A 296 -22.11 -5.24 -4.18
C LEU A 296 -21.02 -4.38 -3.56
N VAL A 297 -19.84 -4.38 -4.16
CA VAL A 297 -18.73 -3.54 -3.74
C VAL A 297 -18.25 -2.74 -4.94
N ARG A 298 -18.18 -1.42 -4.79
CA ARG A 298 -17.75 -0.53 -5.88
C ARG A 298 -18.60 -0.74 -7.13
N ASN A 299 -19.90 -0.94 -6.95
CA ASN A 299 -20.82 -1.24 -8.03
C ASN A 299 -20.38 -2.46 -8.83
N HIS A 300 -19.89 -3.47 -8.12
CA HIS A 300 -19.45 -4.71 -8.74
C HIS A 300 -20.07 -5.89 -8.01
N ARG A 301 -20.40 -6.93 -8.79
CA ARG A 301 -21.11 -8.09 -8.28
C ARG A 301 -20.09 -9.10 -7.75
N GLN A 302 -19.70 -8.91 -6.49
CA GLN A 302 -18.79 -9.84 -5.83
C GLN A 302 -19.60 -11.00 -5.29
N ALA A 303 -19.42 -12.18 -5.90
CA ALA A 303 -20.06 -13.38 -5.36
C ALA A 303 -19.50 -13.75 -3.99
N SER A 304 -18.28 -13.31 -3.69
CA SER A 304 -17.65 -13.59 -2.40
C SER A 304 -16.89 -12.36 -1.96
N LEU A 305 -16.44 -12.39 -0.70
CA LEU A 305 -15.68 -11.31 -0.10
C LEU A 305 -14.22 -11.74 -0.03
N GLU A 306 -13.38 -11.14 -0.87
CA GLU A 306 -11.94 -11.43 -0.90
C GLU A 306 -11.31 -10.71 0.28
N ILE A 307 -11.23 -11.41 1.41
CA ILE A 307 -10.80 -10.80 2.68
C ILE A 307 -9.33 -11.18 2.87
N SER A 308 -8.45 -10.33 2.35
CA SER A 308 -7.04 -10.45 2.67
C SER A 308 -6.84 -10.00 4.12
N PRO A 309 -5.70 -10.40 4.75
CA PRO A 309 -5.57 -10.25 6.21
C PRO A 309 -6.13 -8.98 6.81
N ILE A 310 -5.71 -7.80 6.33
CA ILE A 310 -6.21 -6.54 6.84
C ILE A 310 -6.86 -5.81 5.67
N THR A 311 -8.18 -5.64 5.74
CA THR A 311 -8.93 -5.06 4.62
C THR A 311 -10.21 -4.42 5.13
N PHE A 312 -10.50 -3.23 4.62
CA PHE A 312 -11.75 -2.53 4.88
C PHE A 312 -12.49 -2.36 3.56
N LEU A 313 -13.75 -2.79 3.53
CA LEU A 313 -14.56 -2.67 2.34
C LEU A 313 -16.02 -2.45 2.73
N THR A 314 -16.76 -1.82 1.81
CA THR A 314 -18.17 -1.51 2.01
C THR A 314 -18.98 -2.30 0.99
N ALA A 315 -19.77 -3.25 1.49
CA ALA A 315 -20.63 -4.08 0.66
C ALA A 315 -22.07 -3.64 0.77
N GLN A 316 -22.92 -4.18 -0.11
CA GLN A 316 -24.33 -3.83 -0.13
C GLN A 316 -25.09 -5.00 -0.77
N THR A 317 -25.74 -5.79 0.06
CA THR A 317 -26.52 -6.94 -0.41
C THR A 317 -28.00 -6.63 -0.30
N LEU A 318 -28.72 -6.73 -1.41
CA LEU A 318 -30.15 -6.47 -1.44
C LEU A 318 -30.88 -7.71 -0.92
N LEU A 319 -31.27 -7.67 0.35
CA LEU A 319 -31.93 -8.79 1.01
C LEU A 319 -33.35 -8.89 0.48
N MET A 320 -33.55 -9.80 -0.47
CA MET A 320 -34.86 -10.02 -1.08
C MET A 320 -35.38 -11.43 -0.79
N ASP A 321 -35.09 -11.95 0.39
CA ASP A 321 -35.54 -13.30 0.74
C ASP A 321 -35.59 -13.43 2.25
N LEU A 322 -36.41 -14.36 2.72
CA LEU A 322 -36.56 -14.63 4.13
C LEU A 322 -35.85 -15.93 4.50
N GLY A 323 -35.40 -16.01 5.74
CA GLY A 323 -34.78 -17.22 6.26
C GLY A 323 -33.49 -16.93 7.00
N GLN A 324 -33.01 -17.97 7.68
CA GLN A 324 -31.78 -17.89 8.47
C GLN A 324 -30.61 -18.35 7.60
N PHE A 325 -30.03 -17.40 6.88
CA PHE A 325 -28.97 -17.71 5.93
C PHE A 325 -27.64 -17.92 6.65
N LEU A 326 -26.62 -18.23 5.86
CA LEU A 326 -25.30 -18.59 6.37
C LEU A 326 -24.23 -17.71 5.74
N LEU A 327 -23.34 -17.18 6.58
CA LEU A 327 -22.21 -16.36 6.16
C LEU A 327 -20.94 -17.16 6.47
N PHE A 328 -20.48 -17.94 5.50
CA PHE A 328 -19.44 -18.93 5.71
C PHE A 328 -18.19 -18.62 4.89
N CYS A 329 -17.06 -19.17 5.34
CA CYS A 329 -15.81 -19.11 4.59
C CYS A 329 -15.68 -20.37 3.74
N HIS A 330 -15.46 -20.19 2.45
CA HIS A 330 -15.58 -21.27 1.48
C HIS A 330 -14.29 -22.02 1.20
N ILE A 331 -13.13 -21.38 1.37
CA ILE A 331 -11.87 -22.08 1.17
C ILE A 331 -11.80 -23.26 2.13
N SER A 332 -11.44 -24.43 1.59
CA SER A 332 -11.68 -25.69 2.30
C SER A 332 -10.96 -25.74 3.65
N SER A 333 -9.69 -25.31 3.67
CA SER A 333 -8.94 -25.33 4.92
C SER A 333 -9.59 -24.45 5.97
N HIS A 334 -10.24 -23.37 5.56
CA HIS A 334 -11.02 -22.55 6.48
C HIS A 334 -12.46 -23.01 6.59
N GLN A 335 -12.93 -23.85 5.67
CA GLN A 335 -14.24 -24.46 5.81
C GLN A 335 -14.24 -25.48 6.94
N HIS A 336 -13.11 -26.15 7.15
CA HIS A 336 -12.94 -26.93 8.37
C HIS A 336 -12.91 -26.03 9.61
N ASP A 337 -12.61 -24.75 9.44
CA ASP A 337 -12.55 -23.81 10.55
C ASP A 337 -13.95 -23.33 10.89
N GLY A 338 -14.04 -22.34 11.78
CA GLY A 338 -15.34 -21.90 12.29
C GLY A 338 -15.73 -20.47 11.95
N MET A 339 -15.30 -19.96 10.80
CA MET A 339 -15.64 -18.61 10.38
C MET A 339 -16.97 -18.63 9.63
N GLU A 340 -18.03 -18.91 10.38
CA GLU A 340 -19.37 -18.97 9.84
C GLU A 340 -20.33 -18.26 10.79
N ALA A 341 -21.44 -17.74 10.23
CA ALA A 341 -22.35 -16.91 10.99
C ALA A 341 -23.76 -17.05 10.44
N TYR A 342 -24.73 -16.56 11.23
CA TYR A 342 -26.15 -16.58 10.88
C TYR A 342 -26.58 -15.20 10.41
N VAL A 343 -27.21 -15.13 9.24
CA VAL A 343 -27.84 -13.90 8.77
C VAL A 343 -29.34 -14.15 8.84
N LYS A 344 -29.94 -13.80 9.99
CA LYS A 344 -31.34 -14.11 10.24
C LYS A 344 -32.22 -12.97 9.71
N VAL A 345 -32.45 -12.99 8.41
CA VAL A 345 -33.30 -11.98 7.78
C VAL A 345 -34.74 -12.17 8.23
N ASP A 346 -35.38 -11.08 8.62
CA ASP A 346 -36.75 -11.09 9.12
C ASP A 346 -37.55 -9.99 8.44
N SER A 347 -38.87 -10.14 8.48
CA SER A 347 -39.76 -9.13 7.94
C SER A 347 -39.87 -7.96 8.89
N CYS A 348 -39.84 -6.74 8.35
CA CYS A 348 -39.93 -5.52 9.14
C CYS A 348 -41.07 -4.65 8.62
N PRO A 349 -41.68 -3.84 9.47
CA PRO A 349 -42.79 -3.00 9.01
C PRO A 349 -42.35 -2.03 7.93
N GLU A 350 -43.24 -1.80 6.96
CA GLU A 350 -42.94 -0.95 5.83
C GLU A 350 -43.23 0.51 6.15
N GLU A 351 -42.51 1.41 5.49
CA GLU A 351 -42.72 2.84 5.64
C GLU A 351 -44.12 3.23 5.17
N ALA A 394 -29.89 -8.91 -30.22
CA ALA A 394 -30.48 -7.97 -29.28
C ALA A 394 -31.65 -8.60 -28.54
N LYS A 395 -31.39 -9.72 -27.86
CA LYS A 395 -32.45 -10.41 -27.14
C LYS A 395 -32.90 -9.60 -25.93
N LYS A 396 -34.21 -9.56 -25.72
CA LYS A 396 -34.78 -8.88 -24.55
C LYS A 396 -35.94 -9.66 -23.94
N HIS A 397 -36.05 -10.96 -24.23
CA HIS A 397 -37.11 -11.79 -23.69
C HIS A 397 -36.51 -12.98 -22.95
N PRO A 398 -37.19 -13.48 -21.91
CA PRO A 398 -36.70 -14.68 -21.22
C PRO A 398 -36.73 -15.88 -22.15
N LYS A 399 -35.56 -16.45 -22.39
CA LYS A 399 -35.40 -17.55 -23.34
C LYS A 399 -35.01 -18.82 -22.61
N THR A 400 -35.63 -19.93 -23.00
CA THR A 400 -35.28 -21.22 -22.46
C THR A 400 -33.95 -21.71 -23.03
N TRP A 401 -33.25 -22.52 -22.25
CA TRP A 401 -31.94 -23.06 -22.63
C TRP A 401 -31.97 -24.57 -22.46
N VAL A 402 -32.36 -25.28 -23.52
CA VAL A 402 -32.44 -26.73 -23.47
C VAL A 402 -31.04 -27.31 -23.67
N HIS A 403 -30.57 -28.07 -22.69
CA HIS A 403 -29.27 -28.73 -22.74
C HIS A 403 -29.41 -30.13 -22.16
N TYR A 404 -28.57 -31.04 -22.66
CA TYR A 404 -28.60 -32.45 -22.23
C TYR A 404 -27.22 -32.80 -21.68
N ILE A 405 -27.02 -32.55 -20.40
CA ILE A 405 -25.75 -32.81 -19.73
C ILE A 405 -25.81 -34.19 -19.09
N ALA A 406 -24.77 -34.98 -19.29
CA ALA A 406 -24.68 -36.32 -18.74
C ALA A 406 -23.31 -36.55 -18.13
N ALA A 407 -23.27 -37.30 -17.03
CA ALA A 407 -22.01 -37.68 -16.41
C ALA A 407 -21.53 -38.99 -17.01
N GLU A 408 -20.40 -38.96 -17.71
CA GLU A 408 -19.87 -40.12 -18.40
C GLU A 408 -18.51 -40.48 -17.82
N GLU A 409 -18.29 -41.76 -17.56
CA GLU A 409 -16.99 -42.23 -17.09
C GLU A 409 -16.02 -42.30 -18.25
N GLU A 410 -14.91 -41.57 -18.15
CA GLU A 410 -13.91 -41.52 -19.21
C GLU A 410 -12.53 -41.66 -18.61
N ASP A 411 -11.60 -42.19 -19.41
CA ASP A 411 -10.20 -42.30 -19.01
C ASP A 411 -9.48 -41.04 -19.46
N TRP A 412 -9.26 -40.11 -18.54
CA TRP A 412 -8.68 -38.82 -18.89
C TRP A 412 -7.16 -38.89 -18.85
N ASP A 413 -6.53 -38.43 -19.93
CA ASP A 413 -5.07 -38.36 -20.02
C ASP A 413 -4.64 -36.93 -19.77
N TYR A 414 -3.96 -36.70 -18.64
CA TYR A 414 -3.59 -35.33 -18.26
C TYR A 414 -2.61 -34.73 -19.26
N ALA A 415 -1.59 -35.49 -19.65
CA ALA A 415 -0.57 -35.03 -20.59
C ALA A 415 -0.39 -36.08 -21.68
N PRO A 416 -1.35 -36.21 -22.59
CA PRO A 416 -1.25 -37.25 -23.61
C PRO A 416 -0.26 -36.92 -24.69
N LEU A 417 -0.14 -35.64 -25.03
CA LEU A 417 0.70 -35.17 -26.13
C LEU A 417 2.05 -34.66 -25.64
N VAL A 418 2.55 -35.19 -24.53
CA VAL A 418 3.82 -34.76 -23.96
C VAL A 418 4.87 -35.80 -24.30
N LEU A 419 6.14 -35.40 -24.22
CA LEU A 419 7.24 -36.29 -24.50
C LEU A 419 7.57 -37.12 -23.27
N ALA A 420 8.69 -37.84 -23.30
CA ALA A 420 9.06 -38.68 -22.19
C ALA A 420 9.36 -37.84 -20.95
N PRO A 421 9.05 -38.36 -19.76
CA PRO A 421 9.40 -37.64 -18.53
C PRO A 421 10.90 -37.48 -18.41
N ASP A 422 11.33 -36.33 -17.87
CA ASP A 422 12.74 -36.03 -17.75
C ASP A 422 13.36 -36.85 -16.62
N ASP A 423 14.46 -37.54 -16.95
CA ASP A 423 15.22 -38.43 -16.07
C ASP A 423 14.47 -38.90 -14.83
N ARG A 424 14.84 -38.40 -13.66
CA ARG A 424 14.13 -38.66 -12.41
C ARG A 424 13.68 -37.35 -11.77
N SER A 425 13.38 -36.34 -12.58
CA SER A 425 12.99 -35.03 -12.10
C SER A 425 11.52 -35.05 -11.67
N TYR A 426 10.96 -33.86 -11.44
CA TYR A 426 9.57 -33.77 -11.01
C TYR A 426 8.61 -34.22 -12.10
N LYS A 427 8.99 -34.06 -13.37
CA LYS A 427 8.15 -34.55 -14.46
C LYS A 427 7.97 -36.07 -14.38
N SER A 428 9.01 -36.79 -13.98
CA SER A 428 8.89 -38.23 -13.83
C SER A 428 8.07 -38.62 -12.61
N LEU A 429 7.92 -37.71 -11.63
CA LEU A 429 6.99 -37.98 -10.55
C LEU A 429 5.55 -37.98 -11.04
N TYR A 430 5.24 -37.17 -12.06
CA TYR A 430 3.87 -37.01 -12.51
C TYR A 430 3.53 -37.97 -13.66
N LEU A 431 4.24 -37.83 -14.78
CA LEU A 431 3.89 -38.56 -16.00
C LEU A 431 4.76 -39.81 -16.18
N ASN A 432 4.74 -40.71 -15.20
CA ASN A 432 5.48 -41.96 -15.32
C ASN A 432 4.78 -43.02 -14.49
N ASN A 433 5.04 -44.27 -14.83
CA ASN A 433 4.40 -45.41 -14.20
C ASN A 433 5.40 -46.22 -13.39
N GLY A 434 5.01 -46.59 -12.17
CA GLY A 434 5.86 -47.34 -11.29
C GLY A 434 5.07 -47.96 -10.15
N PRO A 435 5.77 -48.60 -9.22
CA PRO A 435 5.07 -49.24 -8.09
C PRO A 435 4.29 -48.26 -7.23
N GLN A 436 4.69 -47.00 -7.19
CA GLN A 436 3.96 -45.99 -6.44
C GLN A 436 3.32 -44.92 -7.33
N ARG A 437 3.53 -45.01 -8.64
CA ARG A 437 3.01 -44.01 -9.58
C ARG A 437 1.99 -44.65 -10.51
N ILE A 438 0.91 -43.91 -10.77
CA ILE A 438 -0.11 -44.36 -11.71
C ILE A 438 0.17 -43.90 -13.14
N GLY A 439 0.66 -42.68 -13.33
CA GLY A 439 0.95 -42.18 -14.65
C GLY A 439 0.14 -40.96 -15.02
N ARG A 440 -0.20 -40.84 -16.30
CA ARG A 440 -0.95 -39.69 -16.80
C ARG A 440 -2.43 -40.02 -17.05
N LYS A 441 -2.81 -41.29 -17.01
CA LYS A 441 -4.19 -41.68 -17.23
C LYS A 441 -4.89 -41.95 -15.91
N TYR A 442 -6.15 -41.52 -15.81
CA TYR A 442 -6.94 -41.72 -14.61
C TYR A 442 -8.39 -41.96 -15.00
N LYS A 443 -9.14 -42.58 -14.10
CA LYS A 443 -10.55 -42.85 -14.31
C LYS A 443 -11.39 -41.77 -13.61
N LYS A 444 -12.20 -41.07 -14.38
CA LYS A 444 -12.94 -39.92 -13.88
C LYS A 444 -14.30 -39.85 -14.58
N VAL A 445 -15.03 -38.78 -14.31
CA VAL A 445 -16.32 -38.50 -14.95
C VAL A 445 -16.30 -37.09 -15.51
N ARG A 446 -16.73 -36.94 -16.75
CA ARG A 446 -16.72 -35.67 -17.46
C ARG A 446 -18.12 -35.34 -17.94
N PHE A 447 -18.55 -34.10 -17.69
CA PHE A 447 -19.85 -33.64 -18.15
C PHE A 447 -19.85 -33.60 -19.68
N MET A 448 -20.65 -34.44 -20.31
CA MET A 448 -20.70 -34.55 -21.76
C MET A 448 -22.05 -34.08 -22.27
N ALA A 449 -22.03 -33.17 -23.25
CA ALA A 449 -23.24 -32.68 -23.86
C ALA A 449 -23.83 -33.73 -24.80
N TYR A 450 -25.14 -33.61 -25.04
CA TYR A 450 -25.85 -34.52 -25.92
C TYR A 450 -26.87 -33.73 -26.73
N THR A 451 -27.29 -34.31 -27.86
CA THR A 451 -28.23 -33.67 -28.76
C THR A 451 -29.64 -34.22 -28.66
N ASP A 452 -29.94 -35.00 -27.61
CA ASP A 452 -31.27 -35.59 -27.46
C ASP A 452 -31.55 -35.81 -25.99
N GLU A 453 -32.84 -36.02 -25.69
CA GLU A 453 -33.27 -36.20 -24.31
C GLU A 453 -33.04 -37.61 -23.78
N THR A 454 -32.73 -38.57 -24.65
CA THR A 454 -32.41 -39.92 -24.21
C THR A 454 -30.92 -40.15 -24.01
N PHE A 455 -30.08 -39.16 -24.35
CA PHE A 455 -28.64 -39.20 -24.11
C PHE A 455 -28.00 -40.39 -24.81
N LYS A 456 -28.07 -40.37 -26.14
CA LYS A 456 -27.50 -41.44 -26.96
C LYS A 456 -26.69 -40.90 -28.14
N THR A 457 -26.32 -39.62 -28.12
CA THR A 457 -25.53 -39.03 -29.19
C THR A 457 -24.71 -37.89 -28.61
N ARG A 458 -23.40 -38.10 -28.50
CA ARG A 458 -22.52 -37.08 -27.95
C ARG A 458 -22.37 -35.91 -28.92
N GLU A 459 -21.89 -34.79 -28.39
CA GLU A 459 -21.67 -33.59 -29.18
C GLU A 459 -20.19 -33.46 -29.53
N ALA A 460 -19.83 -32.34 -30.13
CA ALA A 460 -18.46 -32.07 -30.53
C ALA A 460 -17.76 -31.30 -29.41
N ILE A 461 -16.77 -31.94 -28.78
CA ILE A 461 -16.00 -31.34 -27.70
C ILE A 461 -14.61 -31.04 -28.23
N GLN A 462 -14.18 -29.79 -28.11
CA GLN A 462 -12.89 -29.37 -28.62
C GLN A 462 -11.78 -29.69 -27.62
N HIS A 463 -10.56 -29.80 -28.15
CA HIS A 463 -9.39 -30.03 -27.31
C HIS A 463 -9.14 -28.85 -26.38
N GLU A 464 -9.58 -27.65 -26.76
CA GLU A 464 -9.35 -26.47 -25.93
C GLU A 464 -10.04 -26.61 -24.57
N SER A 465 -11.28 -27.07 -24.57
CA SER A 465 -12.03 -27.19 -23.32
C SER A 465 -11.39 -28.24 -22.40
N GLY A 466 -11.01 -29.37 -22.96
CA GLY A 466 -10.41 -30.41 -22.15
C GLY A 466 -11.42 -30.99 -21.17
N ILE A 467 -11.07 -30.98 -19.88
CA ILE A 467 -11.92 -31.57 -18.87
C ILE A 467 -13.23 -30.80 -18.69
N LEU A 468 -13.30 -29.57 -19.18
CA LEU A 468 -14.49 -28.76 -18.98
C LEU A 468 -15.69 -29.34 -19.74
N GLY A 469 -16.86 -29.21 -19.13
CA GLY A 469 -18.08 -29.66 -19.75
C GLY A 469 -18.60 -28.66 -20.76
N PRO A 470 -19.81 -28.89 -21.26
CA PRO A 470 -20.39 -27.94 -22.21
C PRO A 470 -20.59 -26.57 -21.58
N LEU A 471 -20.40 -25.54 -22.38
CA LEU A 471 -20.52 -24.17 -21.87
C LEU A 471 -21.98 -23.83 -21.58
N LEU A 472 -22.23 -23.26 -20.42
CA LEU A 472 -23.54 -22.76 -20.05
C LEU A 472 -23.47 -21.24 -19.88
N TYR A 473 -24.61 -20.59 -20.13
CA TYR A 473 -24.66 -19.14 -20.27
C TYR A 473 -26.01 -18.66 -19.77
N GLY A 474 -26.38 -17.43 -20.14
CA GLY A 474 -27.69 -16.92 -19.82
C GLY A 474 -27.71 -15.47 -19.37
N GLU A 475 -28.55 -14.67 -20.00
CA GLU A 475 -28.74 -13.28 -19.58
C GLU A 475 -29.57 -13.23 -18.31
N VAL A 476 -29.73 -12.03 -17.77
CA VAL A 476 -30.57 -11.85 -16.60
C VAL A 476 -32.02 -12.13 -16.98
N GLY A 477 -32.69 -12.96 -16.18
CA GLY A 477 -34.05 -13.32 -16.49
C GLY A 477 -34.15 -14.32 -17.63
N ASP A 478 -33.41 -15.42 -17.53
CA ASP A 478 -33.42 -16.47 -18.53
C ASP A 478 -33.54 -17.82 -17.86
N THR A 479 -34.27 -18.73 -18.50
CA THR A 479 -34.46 -20.08 -17.98
C THR A 479 -33.51 -21.04 -18.66
N LEU A 480 -32.94 -21.95 -17.87
CA LEU A 480 -31.97 -22.94 -18.35
C LEU A 480 -32.52 -24.33 -18.06
N LEU A 481 -33.14 -24.95 -19.06
CA LEU A 481 -33.63 -26.32 -18.95
C LEU A 481 -32.46 -27.26 -19.06
N ILE A 482 -31.89 -27.62 -17.91
CA ILE A 482 -30.71 -28.49 -17.85
C ILE A 482 -31.22 -29.91 -17.64
N ILE A 483 -31.49 -30.61 -18.74
CA ILE A 483 -31.86 -32.02 -18.68
C ILE A 483 -30.62 -32.84 -18.36
N PHE A 484 -30.58 -33.40 -17.16
CA PHE A 484 -29.39 -34.10 -16.67
C PHE A 484 -29.68 -35.59 -16.53
N LYS A 485 -28.82 -36.41 -17.11
CA LYS A 485 -28.88 -37.86 -16.97
C LYS A 485 -27.61 -38.36 -16.28
N ASN A 486 -27.78 -39.24 -15.30
CA ASN A 486 -26.64 -39.77 -14.54
C ASN A 486 -26.20 -41.10 -15.14
N GLN A 487 -25.59 -41.00 -16.33
CA GLN A 487 -25.13 -42.21 -17.02
C GLN A 487 -24.01 -42.90 -16.27
N ALA A 488 -23.25 -42.15 -15.47
CA ALA A 488 -22.14 -42.74 -14.75
C ALA A 488 -22.64 -43.68 -13.65
N SER A 489 -21.73 -44.52 -13.16
CA SER A 489 -22.07 -45.52 -12.16
C SER A 489 -22.16 -44.94 -10.75
N ARG A 490 -22.11 -43.63 -10.60
CA ARG A 490 -22.18 -43.01 -9.29
C ARG A 490 -23.20 -41.89 -9.29
N PRO A 491 -23.86 -41.63 -8.15
CA PRO A 491 -24.89 -40.57 -8.12
C PRO A 491 -24.29 -39.18 -8.26
N TYR A 492 -24.57 -38.54 -9.40
CA TYR A 492 -24.11 -37.18 -9.67
C TYR A 492 -25.31 -36.33 -10.09
N ASN A 493 -25.20 -35.03 -9.85
CA ASN A 493 -26.25 -34.07 -10.19
C ASN A 493 -25.64 -32.84 -10.83
N ILE A 494 -26.49 -31.88 -11.15
CA ILE A 494 -26.09 -30.62 -11.75
C ILE A 494 -26.63 -29.48 -10.89
N TYR A 495 -25.82 -28.44 -10.72
CA TYR A 495 -26.23 -27.31 -9.89
C TYR A 495 -25.31 -26.12 -10.15
N PRO A 496 -25.86 -24.94 -10.44
CA PRO A 496 -25.03 -23.77 -10.69
C PRO A 496 -24.61 -23.10 -9.38
N HIS A 497 -23.59 -22.25 -9.49
CA HIS A 497 -23.09 -21.52 -8.33
C HIS A 497 -23.50 -20.06 -8.29
N GLY A 498 -23.69 -19.43 -9.45
CA GLY A 498 -24.11 -18.05 -9.49
C GLY A 498 -25.62 -17.89 -9.37
N ILE A 499 -26.35 -18.62 -10.21
CA ILE A 499 -27.81 -18.55 -10.19
C ILE A 499 -28.32 -19.11 -8.88
N THR A 500 -29.29 -18.42 -8.28
CA THR A 500 -29.86 -18.82 -7.00
C THR A 500 -31.28 -19.36 -7.10
N ASP A 501 -31.84 -19.44 -8.30
CA ASP A 501 -33.21 -19.91 -8.50
C ASP A 501 -33.17 -21.16 -9.38
N VAL A 502 -33.28 -22.32 -8.74
CA VAL A 502 -33.30 -23.61 -9.43
C VAL A 502 -34.64 -24.27 -9.14
N ARG A 503 -35.43 -24.50 -10.20
CA ARG A 503 -36.75 -25.09 -10.11
C ARG A 503 -36.76 -26.46 -10.76
N PRO A 504 -37.43 -27.45 -10.14
CA PRO A 504 -37.45 -28.82 -10.67
C PRO A 504 -38.51 -29.02 -11.77
N LEU A 505 -38.47 -28.17 -12.79
CA LEU A 505 -39.40 -28.22 -13.92
C LEU A 505 -40.82 -28.24 -13.37
N HIS A 506 -41.70 -29.13 -13.83
CA HIS A 506 -43.03 -29.26 -13.24
C HIS A 506 -42.90 -29.68 -11.78
N SER A 507 -43.72 -29.06 -10.93
CA SER A 507 -43.62 -29.24 -9.48
C SER A 507 -43.67 -30.71 -9.11
N GLY A 508 -42.56 -31.20 -8.57
CA GLY A 508 -42.45 -32.60 -8.19
C GLY A 508 -41.97 -32.75 -6.76
N ARG A 509 -42.29 -33.90 -6.17
CA ARG A 509 -41.95 -34.15 -4.78
C ARG A 509 -40.47 -34.55 -4.68
N LEU A 510 -39.69 -33.71 -4.03
CA LEU A 510 -38.30 -34.06 -3.74
C LEU A 510 -38.26 -35.06 -2.59
N PRO A 511 -37.37 -36.06 -2.64
CA PRO A 511 -37.35 -37.08 -1.59
C PRO A 511 -37.02 -36.49 -0.23
N LYS A 512 -37.37 -37.25 0.81
CA LYS A 512 -37.14 -36.81 2.18
C LYS A 512 -35.65 -36.61 2.45
N GLY A 513 -35.34 -35.60 3.26
CA GLY A 513 -33.97 -35.26 3.54
C GLY A 513 -33.27 -34.43 2.49
N VAL A 514 -33.96 -34.10 1.41
CA VAL A 514 -33.41 -33.31 0.32
C VAL A 514 -34.19 -32.00 0.28
N LYS A 515 -33.69 -30.99 0.98
CA LYS A 515 -34.39 -29.72 1.07
C LYS A 515 -34.29 -28.91 -0.22
N HIS A 516 -33.13 -28.87 -0.86
CA HIS A 516 -32.92 -28.11 -2.08
C HIS A 516 -32.61 -29.06 -3.23
N LEU A 517 -32.49 -28.50 -4.42
CA LEU A 517 -32.11 -29.27 -5.60
C LEU A 517 -30.61 -29.45 -5.73
N LYS A 518 -29.81 -28.79 -4.87
CA LYS A 518 -28.38 -28.91 -4.96
C LYS A 518 -27.87 -30.23 -4.39
N ASP A 519 -28.53 -30.76 -3.37
CA ASP A 519 -28.13 -32.02 -2.75
C ASP A 519 -29.03 -33.19 -3.19
N MET A 520 -29.48 -33.18 -4.44
CA MET A 520 -30.29 -34.27 -4.96
C MET A 520 -29.38 -35.40 -5.44
N PRO A 521 -29.43 -36.59 -4.84
CA PRO A 521 -28.61 -37.73 -5.29
C PRO A 521 -29.25 -38.49 -6.45
N ILE A 522 -29.09 -37.97 -7.65
CA ILE A 522 -29.65 -38.58 -8.85
C ILE A 522 -29.00 -39.94 -9.08
N LEU A 523 -29.79 -41.00 -8.95
CA LEU A 523 -29.29 -42.36 -9.10
C LEU A 523 -28.99 -42.66 -10.56
N PRO A 524 -28.14 -43.67 -10.82
CA PRO A 524 -27.78 -43.98 -12.21
C PRO A 524 -28.97 -44.28 -13.10
N GLY A 525 -28.96 -43.72 -14.31
CA GLY A 525 -30.03 -43.89 -15.27
C GLY A 525 -31.15 -42.87 -15.15
N GLU A 526 -31.23 -42.17 -14.02
CA GLU A 526 -32.29 -41.19 -13.82
C GLU A 526 -32.06 -39.95 -14.67
N ILE A 527 -33.15 -39.35 -15.13
CA ILE A 527 -33.09 -38.24 -16.07
C ILE A 527 -33.77 -37.03 -15.44
N PHE A 528 -33.62 -36.87 -14.13
CA PHE A 528 -34.21 -35.74 -13.43
C PHE A 528 -33.72 -34.42 -14.03
N LYS A 529 -34.64 -33.49 -14.25
CA LYS A 529 -34.36 -32.26 -14.95
C LYS A 529 -34.27 -31.08 -13.97
N TYR A 530 -33.66 -30.00 -14.44
CA TYR A 530 -33.50 -28.77 -13.68
C TYR A 530 -33.84 -27.58 -14.56
N LYS A 531 -34.23 -26.48 -13.92
CA LYS A 531 -34.48 -25.22 -14.62
C LYS A 531 -33.83 -24.11 -13.82
N TRP A 532 -33.01 -23.30 -14.49
CA TRP A 532 -32.27 -22.22 -13.84
C TRP A 532 -32.79 -20.88 -14.36
N THR A 533 -33.52 -20.15 -13.52
CA THR A 533 -33.99 -18.82 -13.85
C THR A 533 -33.04 -17.79 -13.27
N VAL A 534 -32.48 -16.95 -14.14
CA VAL A 534 -31.54 -15.93 -13.71
C VAL A 534 -32.30 -14.75 -13.12
N THR A 535 -31.77 -14.16 -12.07
CA THR A 535 -32.39 -13.02 -11.41
C THR A 535 -31.46 -11.82 -11.47
N VAL A 536 -32.02 -10.63 -11.23
CA VAL A 536 -31.23 -9.41 -11.23
C VAL A 536 -30.22 -9.42 -10.10
N GLU A 537 -30.58 -10.01 -8.96
CA GLU A 537 -29.69 -10.03 -7.81
C GLU A 537 -28.40 -10.81 -8.08
N ASP A 538 -28.39 -11.67 -9.10
CA ASP A 538 -27.19 -12.41 -9.47
C ASP A 538 -26.56 -11.97 -10.79
N GLY A 539 -27.26 -11.14 -11.57
CA GLY A 539 -26.74 -10.70 -12.84
C GLY A 539 -25.70 -9.61 -12.70
N PRO A 540 -24.95 -9.35 -13.77
CA PRO A 540 -23.95 -8.29 -13.73
C PRO A 540 -24.58 -6.91 -13.64
N THR A 541 -23.87 -5.99 -12.99
CA THR A 541 -24.32 -4.62 -12.90
C THR A 541 -23.80 -3.82 -14.10
N LYS A 542 -24.11 -2.52 -14.12
CA LYS A 542 -23.65 -1.69 -15.21
C LYS A 542 -22.14 -1.48 -15.16
N SER A 543 -21.58 -1.34 -13.95
CA SER A 543 -20.14 -1.16 -13.81
C SER A 543 -19.38 -2.46 -14.03
N ASP A 544 -20.04 -3.61 -13.89
CA ASP A 544 -19.39 -4.89 -14.09
C ASP A 544 -19.14 -5.14 -15.57
N PRO A 545 -18.25 -6.08 -15.91
CA PRO A 545 -18.05 -6.43 -17.32
C PRO A 545 -19.29 -7.02 -17.95
N ARG A 546 -19.24 -7.30 -19.25
CA ARG A 546 -20.43 -7.73 -19.97
C ARG A 546 -20.97 -9.04 -19.44
N CYS A 547 -20.09 -9.99 -19.16
CA CYS A 547 -20.49 -11.30 -18.63
C CYS A 547 -19.77 -11.58 -17.32
N LEU A 548 -20.34 -12.49 -16.54
CA LEU A 548 -19.79 -12.87 -15.25
C LEU A 548 -19.22 -14.28 -15.32
N THR A 549 -18.11 -14.50 -14.62
CA THR A 549 -17.40 -15.78 -14.67
C THR A 549 -17.89 -16.64 -13.51
N ARG A 550 -18.94 -17.42 -13.77
CA ARG A 550 -19.46 -18.40 -12.83
C ARG A 550 -19.24 -19.80 -13.38
N TYR A 551 -19.72 -20.80 -12.64
CA TYR A 551 -19.51 -22.17 -13.03
C TYR A 551 -20.66 -23.03 -12.52
N TYR A 552 -20.82 -24.20 -13.14
CA TYR A 552 -21.76 -25.22 -12.69
C TYR A 552 -21.00 -26.50 -12.40
N SER A 553 -21.39 -27.19 -11.34
CA SER A 553 -20.70 -28.40 -10.92
C SER A 553 -21.65 -29.26 -10.10
N SER A 554 -21.26 -30.52 -9.93
CA SER A 554 -22.02 -31.43 -9.08
C SER A 554 -21.81 -31.06 -7.61
N PHE A 555 -22.87 -31.17 -6.81
CA PHE A 555 -22.82 -30.78 -5.40
C PHE A 555 -23.19 -31.91 -4.47
N VAL A 556 -23.17 -33.16 -4.94
CA VAL A 556 -23.44 -34.30 -4.07
C VAL A 556 -22.39 -34.37 -2.97
N ASN A 557 -21.12 -34.26 -3.36
CA ASN A 557 -20.01 -34.10 -2.42
C ASN A 557 -19.18 -32.93 -2.91
N LEU A 558 -18.87 -31.99 -2.01
CA LEU A 558 -18.24 -30.74 -2.42
C LEU A 558 -16.85 -30.95 -3.02
N GLU A 559 -16.09 -31.90 -2.47
CA GLU A 559 -14.69 -32.05 -2.86
C GLU A 559 -14.50 -33.11 -3.94
N ARG A 560 -14.99 -34.33 -3.70
CA ARG A 560 -14.69 -35.45 -4.57
C ARG A 560 -15.34 -35.27 -5.94
N ASP A 561 -16.51 -34.63 -6.00
CA ASP A 561 -17.16 -34.41 -7.29
C ASP A 561 -16.32 -33.52 -8.19
N LEU A 562 -15.74 -32.45 -7.65
CA LEU A 562 -14.82 -31.65 -8.42
C LEU A 562 -13.54 -32.42 -8.74
N ALA A 563 -13.06 -33.21 -7.76
CA ALA A 563 -11.84 -33.98 -7.99
C ALA A 563 -12.01 -35.03 -9.07
N SER A 564 -13.24 -35.43 -9.37
CA SER A 564 -13.52 -36.42 -10.40
C SER A 564 -13.79 -35.80 -11.76
N GLY A 565 -13.70 -34.48 -11.89
CA GLY A 565 -13.82 -33.84 -13.18
C GLY A 565 -15.20 -33.34 -13.55
N LEU A 566 -16.02 -32.98 -12.56
CA LEU A 566 -17.36 -32.46 -12.82
C LEU A 566 -17.34 -30.94 -12.71
N ILE A 567 -16.80 -30.29 -13.74
CA ILE A 567 -16.68 -28.85 -13.78
C ILE A 567 -17.15 -28.35 -15.14
N GLY A 568 -17.79 -27.18 -15.14
CA GLY A 568 -18.25 -26.56 -16.36
C GLY A 568 -18.42 -25.05 -16.21
N PRO A 569 -18.31 -24.32 -17.30
CA PRO A 569 -18.42 -22.86 -17.24
C PRO A 569 -19.86 -22.39 -17.23
N LEU A 570 -20.11 -21.29 -16.51
CA LEU A 570 -21.40 -20.62 -16.51
C LEU A 570 -21.18 -19.14 -16.74
N LEU A 571 -21.92 -18.56 -17.69
CA LEU A 571 -21.73 -17.18 -18.12
C LEU A 571 -23.03 -16.40 -17.88
N ILE A 572 -23.15 -15.80 -16.71
CA ILE A 572 -24.30 -14.95 -16.40
C ILE A 572 -24.07 -13.58 -17.01
N CYS A 573 -24.51 -13.40 -18.25
CA CYS A 573 -24.22 -12.19 -19.01
C CYS A 573 -25.30 -11.13 -18.80
N TYR A 574 -24.97 -9.92 -19.22
CA TYR A 574 -25.88 -8.78 -19.12
C TYR A 574 -26.88 -8.80 -20.28
N LYS A 575 -27.93 -8.01 -20.14
CA LYS A 575 -28.96 -7.96 -21.17
C LYS A 575 -28.40 -7.35 -22.45
N GLU A 576 -29.03 -7.71 -23.57
CA GLU A 576 -28.68 -7.17 -24.89
C GLU A 576 -27.24 -7.51 -25.28
N SER A 577 -26.75 -8.67 -24.82
CA SER A 577 -25.40 -9.11 -25.18
C SER A 577 -25.31 -10.56 -25.62
N VAL A 578 -26.33 -11.38 -25.38
CA VAL A 578 -26.36 -12.77 -25.83
C VAL A 578 -27.69 -13.01 -26.54
N ASP A 579 -27.64 -13.60 -27.72
CA ASP A 579 -28.84 -13.84 -28.52
C ASP A 579 -29.59 -15.06 -27.98
N GLN A 580 -30.62 -15.48 -28.71
CA GLN A 580 -31.42 -16.63 -28.31
C GLN A 580 -30.84 -17.95 -28.75
N ARG A 581 -29.72 -17.94 -29.48
CA ARG A 581 -29.06 -19.18 -29.90
C ARG A 581 -28.04 -19.68 -28.90
N GLY A 582 -27.39 -18.78 -28.15
CA GLY A 582 -26.42 -19.19 -27.16
C GLY A 582 -25.07 -18.53 -27.30
N ASN A 583 -24.59 -18.38 -28.54
CA ASN A 583 -23.31 -17.72 -28.76
C ASN A 583 -23.43 -16.23 -28.47
N GLN A 584 -22.39 -15.67 -27.85
CA GLN A 584 -22.41 -14.26 -27.48
C GLN A 584 -22.51 -13.38 -28.73
N MET A 585 -23.20 -12.26 -28.60
CA MET A 585 -23.27 -11.30 -29.69
C MET A 585 -21.85 -10.84 -30.05
N MET A 586 -21.43 -11.17 -31.27
CA MET A 586 -20.06 -10.96 -31.73
C MET A 586 -19.07 -11.69 -30.83
N SER A 587 -19.30 -12.99 -30.68
CA SER A 587 -18.43 -13.86 -29.87
C SER A 587 -17.20 -14.19 -30.72
N ASP A 588 -16.24 -13.27 -30.69
CA ASP A 588 -15.05 -13.42 -31.53
C ASP A 588 -14.27 -14.67 -31.16
N LYS A 589 -13.68 -14.70 -29.96
CA LYS A 589 -12.96 -15.88 -29.47
C LYS A 589 -13.37 -16.08 -28.01
N ARG A 590 -14.42 -16.88 -27.80
CA ARG A 590 -14.90 -17.18 -26.46
C ARG A 590 -13.99 -18.26 -25.87
N ASN A 591 -13.06 -17.82 -25.03
CA ASN A 591 -12.04 -18.71 -24.45
C ASN A 591 -12.25 -18.82 -22.95
N VAL A 592 -12.31 -20.05 -22.46
CA VAL A 592 -12.45 -20.34 -21.03
C VAL A 592 -11.24 -21.15 -20.58
N ILE A 593 -10.62 -20.73 -19.47
CA ILE A 593 -9.46 -21.41 -18.92
C ILE A 593 -9.70 -21.66 -17.44
N LEU A 594 -9.35 -22.85 -16.97
CA LEU A 594 -9.62 -23.30 -15.61
C LEU A 594 -8.29 -23.60 -14.92
N PHE A 595 -7.83 -22.65 -14.11
CA PHE A 595 -6.59 -22.82 -13.34
C PHE A 595 -6.92 -23.56 -12.05
N SER A 596 -7.06 -24.88 -12.16
CA SER A 596 -7.52 -25.68 -11.04
C SER A 596 -6.67 -26.93 -10.90
N VAL A 597 -6.64 -27.47 -9.68
CA VAL A 597 -5.85 -28.63 -9.32
C VAL A 597 -6.79 -29.79 -9.05
N PHE A 598 -6.66 -30.86 -9.84
CA PHE A 598 -7.48 -32.06 -9.65
C PHE A 598 -6.71 -33.04 -8.79
N ASP A 599 -6.97 -32.99 -7.48
CA ASP A 599 -6.34 -33.93 -6.56
C ASP A 599 -6.90 -35.33 -6.78
N GLU A 600 -6.14 -36.16 -7.48
CA GLU A 600 -6.59 -37.51 -7.81
C GLU A 600 -6.66 -38.42 -6.60
N ASN A 601 -6.11 -38.00 -5.45
CA ASN A 601 -6.29 -38.77 -4.23
C ASN A 601 -7.74 -38.79 -3.78
N ARG A 602 -8.54 -37.81 -4.18
CA ARG A 602 -9.93 -37.70 -3.78
C ARG A 602 -10.92 -38.09 -4.87
N SER A 603 -10.43 -38.53 -6.02
CA SER A 603 -11.34 -38.99 -7.08
C SER A 603 -12.13 -40.19 -6.59
N TRP A 604 -13.38 -40.27 -7.04
CA TRP A 604 -14.23 -41.41 -6.67
C TRP A 604 -13.63 -42.70 -7.18
N TYR A 605 -13.04 -42.63 -8.38
CA TYR A 605 -12.38 -43.80 -8.98
C TYR A 605 -10.89 -43.74 -8.67
N LEU A 606 -10.57 -44.04 -7.41
CA LEU A 606 -9.19 -44.14 -6.96
C LEU A 606 -8.72 -45.59 -6.89
N THR A 607 -9.50 -46.46 -6.25
CA THR A 607 -9.12 -47.87 -6.19
C THR A 607 -9.15 -48.51 -7.57
N GLU A 608 -10.07 -48.08 -8.43
CA GLU A 608 -10.10 -48.53 -9.81
C GLU A 608 -8.83 -48.16 -10.55
N ASN A 609 -8.37 -46.92 -10.39
CA ASN A 609 -7.09 -46.54 -10.98
C ASN A 609 -5.95 -47.36 -10.41
N ILE A 610 -5.97 -47.62 -9.09
CA ILE A 610 -4.87 -48.35 -8.45
C ILE A 610 -4.78 -49.78 -8.97
N GLN A 611 -5.92 -50.48 -9.05
CA GLN A 611 -5.92 -51.86 -9.51
C GLN A 611 -6.04 -51.99 -11.02
N ARG A 612 -6.13 -50.89 -11.78
CA ARG A 612 -6.14 -50.98 -13.22
C ARG A 612 -4.84 -50.50 -13.87
N PHE A 613 -4.39 -49.29 -13.54
CA PHE A 613 -3.25 -48.69 -14.22
C PHE A 613 -1.92 -48.93 -13.50
N LEU A 614 -1.92 -49.75 -12.45
CA LEU A 614 -0.71 -50.02 -11.70
C LEU A 614 -0.49 -51.53 -11.65
N PRO A 615 0.75 -51.99 -11.86
CA PRO A 615 1.00 -53.43 -11.95
C PRO A 615 0.60 -54.21 -10.70
N ASN A 616 1.15 -53.84 -9.55
CA ASN A 616 0.87 -54.54 -8.30
C ASN A 616 0.16 -53.61 -7.33
N PRO A 617 -1.17 -53.70 -7.21
CA PRO A 617 -1.88 -52.79 -6.29
C PRO A 617 -1.47 -52.96 -4.85
N ALA A 618 -0.98 -54.14 -4.46
CA ALA A 618 -0.54 -54.35 -3.09
C ALA A 618 0.64 -53.45 -2.72
N GLY A 619 1.39 -52.97 -3.71
CA GLY A 619 2.52 -52.09 -3.44
C GLY A 619 2.13 -50.67 -3.09
N VAL A 620 0.85 -50.33 -3.22
CA VAL A 620 0.40 -48.97 -2.92
C VAL A 620 0.25 -48.80 -1.42
N GLN A 621 0.85 -47.75 -0.87
CA GLN A 621 0.72 -47.42 0.54
C GLN A 621 -0.18 -46.21 0.70
N PRO A 622 -1.17 -46.25 1.59
CA PRO A 622 -2.09 -45.10 1.73
C PRO A 622 -1.38 -43.81 2.15
N GLU A 623 -0.32 -43.91 2.94
CA GLU A 623 0.35 -42.74 3.50
C GLU A 623 1.65 -42.40 2.77
N ASP A 624 1.89 -42.98 1.61
CA ASP A 624 3.13 -42.73 0.90
C ASP A 624 3.15 -41.32 0.34
N PRO A 625 4.08 -40.46 0.75
CA PRO A 625 4.12 -39.10 0.20
C PRO A 625 4.39 -39.05 -1.29
N GLU A 626 5.20 -39.96 -1.82
CA GLU A 626 5.47 -39.97 -3.25
C GLU A 626 4.26 -40.42 -4.04
N PHE A 627 3.56 -41.45 -3.56
CA PHE A 627 2.35 -41.92 -4.23
C PHE A 627 1.28 -40.84 -4.22
N GLN A 628 1.12 -40.14 -3.10
CA GLN A 628 0.15 -39.04 -3.05
C GLN A 628 0.57 -37.90 -3.97
N ALA A 629 1.88 -37.61 -4.02
CA ALA A 629 2.36 -36.50 -4.84
C ALA A 629 2.08 -36.73 -6.32
N SER A 630 2.28 -37.97 -6.78
CA SER A 630 2.03 -38.28 -8.19
C SER A 630 0.55 -38.11 -8.55
N ASN A 631 -0.34 -38.31 -7.57
CA ASN A 631 -1.76 -38.20 -7.83
C ASN A 631 -2.15 -36.77 -8.20
N ILE A 632 -1.69 -35.80 -7.40
CA ILE A 632 -2.06 -34.41 -7.62
C ILE A 632 -1.58 -33.95 -8.99
N MET A 633 -2.43 -33.23 -9.71
CA MET A 633 -2.16 -32.84 -11.09
C MET A 633 -2.57 -31.38 -11.27
N HIS A 634 -1.64 -30.47 -11.06
CA HIS A 634 -1.86 -29.04 -11.32
C HIS A 634 -2.00 -28.85 -12.82
N SER A 635 -3.21 -28.56 -13.28
CA SER A 635 -3.50 -28.54 -14.71
C SER A 635 -4.28 -27.30 -15.09
N ILE A 636 -4.11 -26.88 -16.34
CA ILE A 636 -4.91 -25.82 -16.94
C ILE A 636 -5.87 -26.47 -17.93
N ASN A 637 -7.17 -26.38 -17.64
CA ASN A 637 -8.21 -27.06 -18.40
C ASN A 637 -8.04 -28.56 -18.43
N GLY A 638 -7.33 -29.12 -17.44
CA GLY A 638 -7.07 -30.54 -17.40
C GLY A 638 -5.83 -30.98 -18.17
N TYR A 639 -4.92 -30.07 -18.46
CA TYR A 639 -3.67 -30.39 -19.17
C TYR A 639 -2.50 -29.92 -18.34
N VAL A 640 -1.45 -30.74 -18.28
CA VAL A 640 -0.29 -30.48 -17.44
C VAL A 640 0.95 -30.35 -18.34
N PHE A 641 1.86 -29.46 -17.95
CA PHE A 641 3.15 -29.29 -18.59
C PHE A 641 3.00 -28.88 -20.06
N ASP A 642 2.33 -27.74 -20.25
CA ASP A 642 2.20 -27.10 -21.56
C ASP A 642 1.58 -28.03 -22.60
N SER A 643 0.68 -28.92 -22.16
CA SER A 643 -0.02 -29.77 -23.10
C SER A 643 -1.08 -29.01 -23.87
N LEU A 644 -1.61 -27.94 -23.30
CA LEU A 644 -2.67 -27.16 -23.92
C LEU A 644 -2.07 -26.05 -24.77
N GLN A 645 -2.39 -26.05 -26.06
CA GLN A 645 -1.89 -25.05 -27.01
C GLN A 645 -3.08 -24.21 -27.46
N LEU A 646 -3.21 -23.02 -26.87
CA LEU A 646 -4.31 -22.10 -27.19
C LEU A 646 -3.94 -21.31 -28.44
N SER A 647 -4.49 -21.73 -29.58
CA SER A 647 -4.20 -21.08 -30.86
C SER A 647 -5.11 -19.88 -31.01
N VAL A 648 -4.61 -18.73 -30.55
CA VAL A 648 -5.35 -17.47 -30.62
C VAL A 648 -4.90 -16.70 -31.85
N CYS A 649 -5.84 -16.00 -32.49
CA CYS A 649 -5.52 -15.20 -33.65
C CYS A 649 -4.78 -13.93 -33.25
N LEU A 650 -4.05 -13.37 -34.20
CA LEU A 650 -3.43 -12.06 -34.06
C LEU A 650 -4.36 -10.98 -34.61
N HIS A 651 -4.03 -9.73 -34.29
CA HIS A 651 -4.84 -8.54 -34.61
C HIS A 651 -6.32 -8.81 -34.37
N GLU A 652 -6.62 -9.47 -33.26
CA GLU A 652 -7.96 -9.98 -33.00
C GLU A 652 -8.32 -9.71 -31.54
N VAL A 653 -9.55 -9.25 -31.31
CA VAL A 653 -10.02 -8.92 -29.98
C VAL A 653 -10.76 -10.12 -29.40
N ALA A 654 -10.46 -10.47 -28.15
CA ALA A 654 -11.03 -11.67 -27.56
C ALA A 654 -11.14 -11.52 -26.05
N TYR A 655 -11.94 -12.39 -25.45
CA TYR A 655 -12.23 -12.41 -24.02
C TYR A 655 -11.62 -13.65 -23.38
N TRP A 656 -11.45 -13.60 -22.06
CA TRP A 656 -10.89 -14.73 -21.31
C TRP A 656 -11.58 -14.83 -19.97
N TYR A 657 -12.37 -15.88 -19.78
CA TYR A 657 -13.10 -16.10 -18.52
C TYR A 657 -12.32 -17.11 -17.69
N ILE A 658 -11.51 -16.58 -16.77
CA ILE A 658 -10.60 -17.41 -15.99
C ILE A 658 -11.32 -17.90 -14.73
N LEU A 659 -11.12 -19.18 -14.41
CA LEU A 659 -11.81 -19.83 -13.31
C LEU A 659 -10.82 -20.59 -12.45
N SER A 660 -10.63 -20.15 -11.22
CA SER A 660 -9.79 -20.86 -10.26
C SER A 660 -10.69 -21.62 -9.29
N VAL A 661 -11.23 -22.74 -9.76
CA VAL A 661 -12.14 -23.57 -8.98
C VAL A 661 -11.53 -24.96 -8.91
N GLY A 662 -10.75 -25.20 -7.87
CA GLY A 662 -10.08 -26.47 -7.73
C GLY A 662 -9.72 -26.75 -6.29
N ALA A 663 -8.84 -27.74 -6.11
CA ALA A 663 -8.40 -28.12 -4.78
C ALA A 663 -7.46 -27.11 -4.14
N GLN A 664 -7.01 -26.11 -4.89
CA GLN A 664 -6.10 -25.10 -4.33
C GLN A 664 -6.78 -24.32 -3.22
N THR A 665 -6.03 -24.04 -2.16
CA THR A 665 -6.53 -23.29 -1.02
C THR A 665 -5.88 -21.91 -0.90
N ASP A 666 -5.35 -21.38 -2.01
CA ASP A 666 -4.69 -20.09 -1.98
C ASP A 666 -4.87 -19.44 -3.35
N PHE A 667 -4.75 -18.12 -3.37
CA PHE A 667 -4.98 -17.35 -4.58
C PHE A 667 -3.90 -17.65 -5.63
N LEU A 668 -4.27 -17.45 -6.89
CA LEU A 668 -3.38 -17.67 -8.02
C LEU A 668 -3.08 -16.34 -8.70
N SER A 669 -1.80 -16.02 -8.85
CA SER A 669 -1.39 -14.80 -9.54
C SER A 669 -1.28 -15.08 -11.04
N VAL A 670 -2.45 -15.36 -11.63
CA VAL A 670 -2.50 -15.76 -13.03
C VAL A 670 -2.03 -14.61 -13.90
N PHE A 671 -1.07 -14.90 -14.78
CA PHE A 671 -0.53 -13.90 -15.68
C PHE A 671 -0.39 -14.49 -17.08
N PHE A 672 -0.42 -13.61 -18.07
CA PHE A 672 -0.15 -13.96 -19.45
C PHE A 672 1.22 -13.38 -19.81
N SER A 673 2.02 -14.14 -20.54
CA SER A 673 3.38 -13.72 -20.86
C SER A 673 3.39 -12.47 -21.72
N GLY A 674 3.68 -11.33 -21.12
CA GLY A 674 3.74 -10.07 -21.83
C GLY A 674 2.41 -9.64 -22.41
N TYR A 675 1.34 -9.75 -21.62
CA TYR A 675 -0.02 -9.47 -22.08
C TYR A 675 -0.78 -8.80 -20.94
N THR A 676 -1.01 -7.49 -21.06
CA THR A 676 -1.84 -6.78 -20.12
C THR A 676 -3.30 -6.90 -20.52
N PHE A 677 -4.15 -7.22 -19.55
CA PHE A 677 -5.57 -7.45 -19.78
C PHE A 677 -6.40 -6.44 -18.99
N LYS A 678 -7.53 -6.07 -19.57
CA LYS A 678 -8.43 -5.10 -18.96
C LYS A 678 -9.25 -5.78 -17.88
N HIS A 679 -8.96 -5.45 -16.62
CA HIS A 679 -9.68 -6.00 -15.48
C HIS A 679 -10.08 -4.87 -14.55
N LYS A 680 -11.36 -4.85 -14.16
CA LYS A 680 -11.92 -3.77 -13.36
C LYS A 680 -11.70 -2.42 -14.03
N MET A 681 -11.85 -2.39 -15.36
CA MET A 681 -11.65 -1.19 -16.17
C MET A 681 -10.23 -0.63 -16.04
N VAL A 682 -9.28 -1.49 -15.69
CA VAL A 682 -7.87 -1.10 -15.53
C VAL A 682 -7.01 -2.14 -16.22
N TYR A 683 -6.09 -1.69 -17.06
CA TYR A 683 -5.13 -2.59 -17.68
C TYR A 683 -4.09 -3.03 -16.65
N GLU A 684 -3.86 -4.34 -16.57
CA GLU A 684 -2.84 -4.88 -15.69
C GLU A 684 -2.47 -6.27 -16.20
N ASP A 685 -1.28 -6.73 -15.79
CA ASP A 685 -0.75 -8.02 -16.22
C ASP A 685 -0.69 -9.03 -15.08
N THR A 686 -1.63 -8.94 -14.14
CA THR A 686 -1.73 -9.94 -13.08
C THR A 686 -3.16 -9.98 -12.59
N LEU A 687 -3.80 -11.14 -12.74
CA LEU A 687 -5.17 -11.36 -12.28
C LEU A 687 -5.12 -12.26 -11.06
N THR A 688 -5.58 -11.74 -9.92
CA THR A 688 -5.63 -12.53 -8.70
C THR A 688 -6.98 -13.22 -8.60
N LEU A 689 -6.96 -14.56 -8.57
CA LEU A 689 -8.17 -15.36 -8.50
C LEU A 689 -8.17 -16.13 -7.19
N PHE A 690 -9.19 -15.91 -6.37
CA PHE A 690 -9.34 -16.64 -5.13
C PHE A 690 -9.92 -18.03 -5.39
N PRO A 691 -9.80 -18.94 -4.43
CA PRO A 691 -10.39 -20.27 -4.61
C PRO A 691 -11.89 -20.18 -4.82
N PHE A 692 -12.41 -21.03 -5.71
CA PHE A 692 -13.83 -21.08 -6.06
C PHE A 692 -14.33 -19.72 -6.53
N SER A 693 -13.50 -19.02 -7.31
CA SER A 693 -13.91 -17.72 -7.84
C SER A 693 -13.68 -17.68 -9.35
N GLY A 694 -13.86 -16.51 -9.94
CA GLY A 694 -13.63 -16.34 -11.36
C GLY A 694 -13.78 -14.90 -11.80
N GLU A 695 -12.81 -14.42 -12.59
CA GLU A 695 -12.81 -13.05 -13.07
C GLU A 695 -12.56 -13.06 -14.57
N THR A 696 -13.43 -12.40 -15.32
CA THR A 696 -13.23 -12.26 -16.75
C THR A 696 -12.32 -11.06 -17.05
N VAL A 697 -11.54 -11.18 -18.12
CA VAL A 697 -10.64 -10.12 -18.55
C VAL A 697 -10.86 -9.90 -20.05
N PHE A 698 -10.18 -8.89 -20.58
CA PHE A 698 -10.42 -8.45 -21.95
C PHE A 698 -9.12 -7.89 -22.51
N MET A 699 -8.54 -8.59 -23.48
CA MET A 699 -7.27 -8.15 -24.07
C MET A 699 -7.36 -8.27 -25.59
N SER A 700 -6.61 -7.40 -26.26
CA SER A 700 -6.53 -7.39 -27.72
C SER A 700 -5.19 -8.01 -28.12
N MET A 701 -5.25 -9.07 -28.91
CA MET A 701 -4.04 -9.80 -29.30
C MET A 701 -3.36 -9.07 -30.44
N GLU A 702 -2.17 -8.55 -30.19
CA GLU A 702 -1.34 -7.94 -31.24
C GLU A 702 0.11 -8.39 -31.22
N ASN A 703 0.61 -8.92 -30.10
CA ASN A 703 1.99 -9.38 -30.03
C ASN A 703 2.12 -10.75 -30.66
N PRO A 704 2.94 -10.94 -31.68
CA PRO A 704 3.12 -12.27 -32.25
C PRO A 704 3.95 -13.18 -31.36
N GLY A 705 4.21 -14.39 -31.82
CA GLY A 705 5.08 -15.32 -31.12
C GLY A 705 4.34 -16.18 -30.10
N LEU A 706 5.07 -17.16 -29.59
CA LEU A 706 4.53 -18.10 -28.61
C LEU A 706 4.83 -17.61 -27.19
N TRP A 707 3.83 -17.71 -26.32
CA TRP A 707 3.93 -17.23 -24.95
C TRP A 707 3.49 -18.33 -24.00
N ILE A 708 3.84 -18.17 -22.74
CA ILE A 708 3.59 -19.19 -21.73
C ILE A 708 2.64 -18.62 -20.69
N LEU A 709 1.35 -18.89 -20.88
CA LEU A 709 0.34 -18.53 -19.88
C LEU A 709 0.48 -19.42 -18.65
N GLY A 710 0.48 -18.81 -17.48
CA GLY A 710 0.64 -19.57 -16.26
C GLY A 710 0.45 -18.70 -15.04
N CYS A 711 0.91 -19.21 -13.91
CA CYS A 711 0.79 -18.54 -12.63
C CYS A 711 2.15 -18.07 -12.16
N HIS A 712 2.18 -16.90 -11.51
CA HIS A 712 3.43 -16.38 -10.96
C HIS A 712 3.98 -17.26 -9.85
N ASN A 713 3.16 -18.12 -9.26
CA ASN A 713 3.64 -18.98 -8.20
C ASN A 713 4.71 -19.92 -8.75
N SER A 714 5.85 -19.98 -8.06
CA SER A 714 6.97 -20.76 -8.56
C SER A 714 6.64 -22.25 -8.59
N ASP A 715 6.16 -22.78 -7.47
CA ASP A 715 5.89 -24.21 -7.40
C ASP A 715 4.81 -24.63 -8.39
N PHE A 716 3.73 -23.85 -8.47
CA PHE A 716 2.63 -24.24 -9.34
C PHE A 716 3.07 -24.30 -10.80
N ARG A 717 3.85 -23.31 -11.23
CA ARG A 717 4.40 -23.35 -12.58
C ARG A 717 5.36 -24.51 -12.76
N ASN A 718 6.11 -24.86 -11.71
CA ASN A 718 7.04 -25.98 -11.81
C ASN A 718 6.32 -27.33 -11.89
N ARG A 719 5.20 -27.47 -11.19
CA ARG A 719 4.45 -28.72 -11.20
C ARG A 719 3.72 -28.95 -12.52
N GLY A 720 3.50 -27.91 -13.31
CA GLY A 720 2.90 -28.09 -14.61
C GLY A 720 1.77 -27.13 -14.94
N MET A 721 1.58 -26.09 -14.13
CA MET A 721 0.53 -25.11 -14.34
C MET A 721 0.99 -24.10 -15.40
N THR A 722 1.06 -24.58 -16.64
CA THR A 722 1.49 -23.77 -17.77
C THR A 722 0.65 -24.12 -18.99
N ALA A 723 0.68 -23.24 -19.98
CA ALA A 723 -0.05 -23.46 -21.22
C ALA A 723 0.56 -22.59 -22.31
N LEU A 724 0.66 -23.15 -23.51
CA LEU A 724 1.27 -22.45 -24.63
C LEU A 724 0.22 -21.58 -25.30
N LEU A 725 0.31 -20.26 -25.05
CA LEU A 725 -0.59 -19.29 -25.68
C LEU A 725 -0.02 -18.91 -27.05
N LYS A 726 -0.03 -19.86 -27.96
CA LYS A 726 0.52 -19.64 -29.29
C LYS A 726 -0.41 -18.71 -30.06
N VAL A 727 0.02 -17.46 -30.23
CA VAL A 727 -0.76 -16.49 -30.97
C VAL A 727 -0.03 -16.11 -32.26
N SER A 728 -0.39 -16.79 -33.35
CA SER A 728 0.18 -16.50 -34.64
C SER A 728 -0.74 -15.57 -35.42
N SER A 729 -0.30 -15.15 -36.60
CA SER A 729 -1.13 -14.28 -37.43
C SER A 729 -2.37 -15.04 -37.88
N CYS A 730 -3.54 -14.42 -37.68
CA CYS A 730 -4.80 -15.02 -38.10
C CYS A 730 -4.99 -14.74 -39.59
N ASP A 731 -4.30 -15.55 -40.40
CA ASP A 731 -4.35 -15.37 -41.84
C ASP A 731 -5.74 -15.65 -42.37
N LYS A 732 -6.41 -14.60 -42.84
CA LYS A 732 -7.78 -14.72 -43.34
C LYS A 732 -7.81 -15.43 -44.69
N LYS A 819 10.59 10.41 -30.37
CA LYS A 819 11.15 10.46 -29.03
C LYS A 819 11.64 9.09 -28.59
N THR A 820 12.88 8.76 -28.96
CA THR A 820 13.47 7.46 -28.62
C THR A 820 14.27 7.62 -27.32
N ARG A 821 13.58 7.38 -26.21
CA ARG A 821 14.21 7.49 -24.90
C ARG A 821 15.14 6.31 -24.68
N HIS A 822 16.43 6.52 -24.92
CA HIS A 822 17.42 5.46 -24.83
C HIS A 822 17.86 5.26 -23.39
N TYR A 823 18.02 3.99 -23.01
CA TYR A 823 18.47 3.62 -21.68
C TYR A 823 19.52 2.52 -21.80
N PHE A 824 20.39 2.44 -20.80
CA PHE A 824 21.45 1.43 -20.73
C PHE A 824 21.41 0.83 -19.33
N ILE A 825 21.03 -0.44 -19.24
CA ILE A 825 20.91 -1.13 -17.96
C ILE A 825 21.83 -2.33 -17.95
N ALA A 826 22.52 -2.54 -16.82
CA ALA A 826 23.40 -3.67 -16.64
C ALA A 826 23.07 -4.37 -15.32
N ALA A 827 23.13 -5.70 -15.33
CA ALA A 827 22.86 -6.48 -14.13
C ALA A 827 24.15 -6.69 -13.34
N VAL A 828 24.65 -5.59 -12.78
CA VAL A 828 25.90 -5.61 -12.04
C VAL A 828 25.66 -6.28 -10.70
N GLU A 829 26.50 -7.27 -10.37
CA GLU A 829 26.39 -7.99 -9.11
C GLU A 829 27.22 -7.25 -8.06
N ARG A 830 26.54 -6.47 -7.22
CA ARG A 830 27.18 -5.66 -6.20
C ARG A 830 26.79 -6.18 -4.83
N LEU A 831 27.72 -6.07 -3.88
CA LEU A 831 27.45 -6.46 -2.51
C LEU A 831 26.41 -5.54 -1.91
N TRP A 832 25.21 -6.06 -1.67
CA TRP A 832 24.11 -5.28 -1.11
C TRP A 832 23.80 -5.74 0.30
N ASP A 833 23.73 -4.79 1.22
CA ASP A 833 23.27 -5.05 2.57
C ASP A 833 21.86 -4.48 2.74
N TYR A 834 21.12 -5.05 3.68
CA TYR A 834 19.74 -4.64 3.94
C TYR A 834 19.65 -3.50 4.95
N GLY A 835 20.71 -2.72 5.08
CA GLY A 835 20.71 -1.59 6.00
C GLY A 835 21.03 -1.93 7.44
N MET A 836 21.48 -3.15 7.72
CA MET A 836 21.80 -3.53 9.09
C MET A 836 22.99 -2.75 9.64
N SER A 837 23.78 -2.11 8.78
CA SER A 837 24.92 -1.35 9.25
C SER A 837 24.49 -0.17 10.11
N SER A 838 23.43 0.53 9.71
CA SER A 838 22.92 1.65 10.49
C SER A 838 21.87 1.22 11.51
N SER A 839 21.14 0.14 11.25
CA SER A 839 20.11 -0.34 12.15
C SER A 839 20.74 -0.94 13.42
N GLY A 850 29.22 -11.22 14.68
CA GLY A 850 28.55 -9.98 15.00
C GLY A 850 28.65 -8.94 13.91
N SER A 851 29.44 -9.24 12.89
CA SER A 851 29.61 -8.33 11.77
C SER A 851 28.33 -8.22 10.95
N VAL A 852 28.21 -7.12 10.22
CA VAL A 852 27.05 -6.88 9.37
C VAL A 852 27.03 -7.94 8.27
N PRO A 853 25.94 -8.69 8.14
CA PRO A 853 25.90 -9.73 7.10
C PRO A 853 25.79 -9.14 5.71
N GLN A 854 26.89 -9.18 4.96
CA GLN A 854 26.94 -8.64 3.61
C GLN A 854 26.59 -9.74 2.62
N PHE A 855 25.52 -9.54 1.86
CA PHE A 855 25.03 -10.52 0.90
C PHE A 855 25.34 -10.06 -0.52
N LYS A 856 25.77 -11.00 -1.36
CA LYS A 856 26.03 -10.69 -2.76
C LYS A 856 24.72 -10.77 -3.54
N LYS A 857 24.39 -9.70 -4.25
CA LYS A 857 23.12 -9.63 -4.98
C LYS A 857 23.37 -9.00 -6.34
N VAL A 858 22.50 -9.34 -7.29
CA VAL A 858 22.53 -8.77 -8.63
C VAL A 858 21.39 -7.77 -8.75
N VAL A 859 21.67 -6.61 -9.34
CA VAL A 859 20.72 -5.52 -9.41
C VAL A 859 20.89 -4.78 -10.74
N PHE A 860 19.78 -4.32 -11.29
CA PHE A 860 19.84 -3.46 -12.47
C PHE A 860 20.55 -2.15 -12.14
N GLN A 861 21.18 -1.55 -13.14
CA GLN A 861 21.93 -0.32 -12.93
C GLN A 861 22.04 0.44 -14.24
N GLU A 862 21.82 1.75 -14.18
CA GLU A 862 21.86 2.58 -15.38
C GLU A 862 23.27 3.04 -15.67
N PHE A 863 23.62 3.10 -16.96
CA PHE A 863 24.96 3.46 -17.38
C PHE A 863 24.90 4.56 -18.43
N THR A 864 25.85 5.50 -18.35
CA THR A 864 25.81 6.67 -19.22
C THR A 864 26.05 6.31 -20.68
N ASP A 865 27.00 5.42 -20.94
CA ASP A 865 27.44 5.16 -22.31
C ASP A 865 27.31 3.67 -22.62
N GLY A 866 27.26 3.37 -23.93
CA GLY A 866 27.05 2.02 -24.38
C GLY A 866 28.15 1.05 -24.01
N SER A 867 29.31 1.55 -23.62
CA SER A 867 30.41 0.70 -23.17
C SER A 867 30.26 0.28 -21.71
N PHE A 868 29.25 0.82 -21.01
CA PHE A 868 28.95 0.45 -19.63
C PHE A 868 30.17 0.64 -18.72
N THR A 869 30.83 1.79 -18.88
CA THR A 869 31.98 2.15 -18.06
C THR A 869 31.60 3.06 -16.90
N GLN A 870 30.96 4.20 -17.19
CA GLN A 870 30.55 5.13 -16.16
C GLN A 870 29.04 5.06 -15.99
N PRO A 871 28.54 4.71 -14.82
CA PRO A 871 27.09 4.64 -14.62
C PRO A 871 26.48 6.00 -14.34
N LEU A 872 25.14 6.04 -14.36
CA LEU A 872 24.41 7.21 -13.86
C LEU A 872 24.42 7.16 -12.34
N TYR A 873 25.11 8.12 -11.73
CA TYR A 873 25.03 8.25 -10.27
C TYR A 873 23.62 8.65 -9.87
N ARG A 874 23.20 8.19 -8.70
CA ARG A 874 21.85 8.46 -8.23
C ARG A 874 21.86 9.64 -7.26
N GLY A 875 21.09 10.67 -7.59
CA GLY A 875 21.03 11.87 -6.78
C GLY A 875 20.18 11.69 -5.55
N GLU A 876 19.85 12.83 -4.93
CA GLU A 876 19.02 12.81 -3.74
C GLU A 876 17.58 12.41 -4.06
N LEU A 877 17.08 12.77 -5.24
CA LEU A 877 15.70 12.46 -5.59
C LEU A 877 15.52 10.99 -5.91
N ASN A 878 16.57 10.33 -6.39
CA ASN A 878 16.50 8.91 -6.74
C ASN A 878 17.09 8.01 -5.67
N GLU A 879 17.45 8.57 -4.51
CA GLU A 879 18.03 7.77 -3.44
C GLU A 879 17.05 6.75 -2.87
N HIS A 880 15.75 7.02 -2.98
CA HIS A 880 14.73 6.10 -2.47
C HIS A 880 14.60 4.84 -3.31
N LEU A 881 15.18 4.80 -4.51
CA LEU A 881 15.03 3.63 -5.37
C LEU A 881 15.62 2.39 -4.72
N GLY A 882 16.79 2.52 -4.12
CA GLY A 882 17.38 1.40 -3.40
C GLY A 882 17.69 0.25 -4.34
N LEU A 883 17.11 -0.92 -4.03
CA LEU A 883 17.38 -2.12 -4.80
C LEU A 883 16.72 -2.07 -6.18
N LEU A 884 15.78 -1.17 -6.40
CA LEU A 884 15.11 -1.10 -7.69
C LEU A 884 16.06 -0.55 -8.76
N GLY A 885 15.65 -0.72 -10.02
CA GLY A 885 16.44 -0.25 -11.14
C GLY A 885 16.09 1.18 -11.51
N PRO A 886 16.66 1.66 -12.61
CA PRO A 886 16.39 3.03 -13.04
C PRO A 886 14.94 3.21 -13.50
N TYR A 887 14.46 4.45 -13.36
CA TYR A 887 13.12 4.81 -13.84
C TYR A 887 13.11 4.78 -15.36
N ILE A 888 12.44 3.80 -15.94
CA ILE A 888 12.27 3.74 -17.39
C ILE A 888 10.99 4.51 -17.70
N ARG A 889 11.12 5.82 -17.81
CA ARG A 889 9.98 6.70 -18.03
C ARG A 889 9.81 6.97 -19.53
N ALA A 890 8.56 6.93 -19.98
CA ALA A 890 8.24 7.23 -21.36
C ALA A 890 6.78 7.64 -21.46
N GLU A 891 6.50 8.54 -22.40
CA GLU A 891 5.14 9.01 -22.62
C GLU A 891 4.44 8.07 -23.59
N VAL A 892 3.21 8.42 -23.96
CA VAL A 892 2.46 7.64 -24.94
C VAL A 892 3.13 7.78 -26.29
N GLU A 893 3.25 6.65 -27.00
CA GLU A 893 3.93 6.59 -28.30
C GLU A 893 5.37 7.07 -28.19
N ASP A 894 6.03 6.73 -27.08
CA ASP A 894 7.44 7.02 -26.85
C ASP A 894 8.19 5.68 -26.87
N ASN A 895 8.77 5.34 -28.01
CA ASN A 895 9.39 4.03 -28.21
C ASN A 895 10.66 3.91 -27.36
N ILE A 896 10.59 3.11 -26.31
CA ILE A 896 11.72 2.89 -25.43
C ILE A 896 12.74 1.99 -26.13
N MET A 897 14.02 2.22 -25.83
CA MET A 897 15.11 1.39 -26.33
C MET A 897 16.07 1.13 -25.18
N VAL A 898 16.02 -0.07 -24.61
CA VAL A 898 16.81 -0.44 -23.44
C VAL A 898 17.88 -1.42 -23.89
N THR A 899 19.14 -1.01 -23.80
CA THR A 899 20.26 -1.90 -24.07
C THR A 899 20.69 -2.55 -22.76
N PHE A 900 20.66 -3.88 -22.72
CA PHE A 900 20.93 -4.64 -21.50
C PHE A 900 22.14 -5.53 -21.71
N LYS A 901 23.20 -5.29 -20.94
CA LYS A 901 24.40 -6.12 -20.97
C LYS A 901 24.64 -6.68 -19.58
N ASN A 902 24.85 -7.98 -19.49
CA ASN A 902 24.88 -8.68 -18.21
C ASN A 902 26.30 -8.65 -17.64
N GLN A 903 26.48 -7.90 -16.57
CA GLN A 903 27.72 -7.93 -15.79
C GLN A 903 27.55 -8.81 -14.56
N ALA A 904 27.31 -10.10 -14.80
CA ALA A 904 27.07 -11.04 -13.70
C ALA A 904 27.64 -12.39 -14.08
N SER A 905 27.42 -13.37 -13.19
CA SER A 905 27.94 -14.72 -13.38
C SER A 905 26.92 -15.69 -13.96
N ARG A 906 25.63 -15.41 -13.80
CA ARG A 906 24.59 -16.26 -14.36
C ARG A 906 23.90 -15.55 -15.52
N PRO A 907 23.37 -16.29 -16.50
CA PRO A 907 22.74 -15.64 -17.64
C PRO A 907 21.36 -15.07 -17.33
N TYR A 908 21.32 -13.85 -16.80
CA TYR A 908 20.06 -13.18 -16.53
C TYR A 908 19.49 -12.59 -17.81
N SER A 909 18.35 -11.90 -17.66
CA SER A 909 17.66 -11.29 -18.79
C SER A 909 16.86 -10.08 -18.32
N PHE A 910 16.40 -9.29 -19.27
CA PHE A 910 15.55 -8.13 -19.01
C PHE A 910 14.22 -8.34 -19.72
N TYR A 911 13.14 -8.25 -18.97
CA TYR A 911 11.81 -8.48 -19.53
C TYR A 911 10.77 -7.80 -18.66
N SER A 912 10.00 -6.90 -19.26
CA SER A 912 8.83 -6.31 -18.64
C SER A 912 7.59 -6.76 -19.38
N SER A 913 6.45 -6.72 -18.69
CA SER A 913 5.20 -7.18 -19.28
C SER A 913 4.77 -6.34 -20.47
N LEU A 914 5.34 -5.16 -20.64
CA LEU A 914 4.96 -4.26 -21.72
C LEU A 914 5.70 -4.50 -23.02
N ILE A 915 6.79 -5.28 -23.00
CA ILE A 915 7.66 -5.38 -24.16
C ILE A 915 6.92 -6.05 -25.30
N SER A 916 6.69 -5.32 -26.38
CA SER A 916 6.06 -5.86 -27.58
C SER A 916 7.15 -6.45 -28.45
N TYR A 917 7.27 -7.77 -28.43
CA TYR A 917 8.29 -8.47 -29.23
C TYR A 917 7.77 -8.63 -30.66
N GLU A 918 7.73 -7.50 -31.37
CA GLU A 918 7.29 -7.53 -32.75
C GLU A 918 8.25 -8.33 -33.64
N GLU A 919 9.49 -8.52 -33.19
CA GLU A 919 10.43 -9.33 -33.95
C GLU A 919 10.04 -10.80 -33.98
N ASP A 920 9.17 -11.24 -33.06
CA ASP A 920 8.68 -12.61 -33.09
C ASP A 920 7.82 -12.89 -34.30
N GLN A 921 7.36 -11.85 -34.99
CA GLN A 921 6.56 -12.02 -36.20
C GLN A 921 7.37 -12.67 -37.34
N ARG A 922 8.70 -12.62 -37.25
CA ARG A 922 9.52 -13.12 -38.35
C ARG A 922 9.31 -14.62 -38.58
N GLN A 923 9.24 -15.40 -37.50
CA GLN A 923 9.10 -16.85 -37.61
C GLN A 923 7.76 -17.34 -37.08
N GLY A 924 7.29 -16.82 -35.95
CA GLY A 924 5.92 -16.98 -35.51
C GLY A 924 5.71 -17.94 -34.35
N ALA A 925 6.40 -19.08 -34.33
CA ALA A 925 6.05 -20.16 -33.41
C ALA A 925 7.11 -20.52 -32.38
N GLU A 926 8.39 -20.31 -32.67
CA GLU A 926 9.43 -20.71 -31.72
C GLU A 926 9.33 -19.88 -30.45
N PRO A 927 9.48 -20.52 -29.28
CA PRO A 927 9.39 -19.78 -28.02
C PRO A 927 10.46 -18.70 -27.93
N ARG A 928 10.10 -17.58 -27.32
CA ARG A 928 11.02 -16.46 -27.17
C ARG A 928 12.15 -16.84 -26.22
N LYS A 929 13.38 -16.55 -26.62
CA LYS A 929 14.56 -16.81 -25.80
C LYS A 929 15.34 -15.51 -25.62
N ASN A 930 15.67 -15.19 -24.38
CA ASN A 930 16.57 -14.08 -24.09
C ASN A 930 17.89 -14.58 -23.53
N PHE A 931 17.85 -15.25 -22.37
CA PHE A 931 18.97 -15.95 -21.76
C PHE A 931 20.30 -15.23 -21.97
N VAL A 932 20.36 -13.94 -21.65
CA VAL A 932 21.54 -13.13 -21.93
C VAL A 932 22.71 -13.65 -21.10
N LYS A 933 23.69 -14.24 -21.77
CA LYS A 933 24.81 -14.88 -21.11
C LYS A 933 25.68 -13.86 -20.39
N PRO A 934 26.48 -14.31 -19.42
CA PRO A 934 27.42 -13.39 -18.76
C PRO A 934 28.35 -12.73 -19.77
N ASN A 935 28.61 -11.44 -19.55
CA ASN A 935 29.42 -10.62 -20.46
C ASN A 935 28.87 -10.64 -21.88
N GLU A 936 27.55 -10.57 -22.00
CA GLU A 936 26.88 -10.53 -23.29
C GLU A 936 25.85 -9.42 -23.27
N THR A 937 25.57 -8.86 -24.44
CA THR A 937 24.67 -7.73 -24.58
C THR A 937 23.49 -8.07 -25.47
N LYS A 938 22.32 -7.53 -25.12
CA LYS A 938 21.10 -7.72 -25.89
C LYS A 938 20.31 -6.42 -25.88
N THR A 939 19.68 -6.11 -27.00
CA THR A 939 18.93 -4.87 -27.16
C THR A 939 17.44 -5.16 -27.16
N TYR A 940 16.70 -4.41 -26.35
CA TYR A 940 15.24 -4.47 -26.32
C TYR A 940 14.68 -3.16 -26.84
N PHE A 941 13.83 -3.23 -27.85
CA PHE A 941 13.26 -2.05 -28.48
C PHE A 941 11.77 -2.29 -28.72
N TRP A 942 10.94 -1.39 -28.19
CA TRP A 942 9.50 -1.52 -28.36
C TRP A 942 8.85 -0.15 -28.28
N LYS A 943 7.63 -0.06 -28.82
CA LYS A 943 6.87 1.18 -28.85
C LYS A 943 5.78 1.12 -27.78
N VAL A 944 5.69 2.19 -26.99
CA VAL A 944 4.68 2.23 -25.93
C VAL A 944 3.31 2.49 -26.55
N GLN A 945 2.34 1.67 -26.19
CA GLN A 945 0.99 1.74 -26.74
C GLN A 945 0.02 2.30 -25.72
N HIS A 946 -1.22 2.54 -26.18
CA HIS A 946 -2.22 3.16 -25.32
C HIS A 946 -2.61 2.25 -24.17
N HIS A 947 -2.72 0.93 -24.41
CA HIS A 947 -3.25 0.04 -23.40
C HIS A 947 -2.32 -0.06 -22.18
N MET A 948 -1.02 0.19 -22.36
CA MET A 948 -0.14 0.24 -21.21
C MET A 948 -0.05 1.63 -20.60
N ALA A 949 -0.54 2.65 -21.30
CA ALA A 949 -0.61 4.00 -20.77
C ALA A 949 -1.84 4.17 -19.89
N PRO A 950 -1.78 5.07 -18.90
CA PRO A 950 -2.95 5.30 -18.05
C PRO A 950 -4.12 5.88 -18.84
N THR A 951 -5.33 5.50 -18.43
CA THR A 951 -6.54 5.93 -19.10
C THR A 951 -6.90 7.36 -18.67
N LYS A 952 -8.00 7.87 -19.23
CA LYS A 952 -8.42 9.23 -18.92
C LYS A 952 -8.80 9.37 -17.46
N ASP A 953 -9.47 8.36 -16.89
CA ASP A 953 -9.92 8.42 -15.51
C ASP A 953 -8.83 8.03 -14.52
N GLU A 954 -7.65 7.64 -14.99
CA GLU A 954 -6.56 7.27 -14.09
C GLU A 954 -5.64 8.46 -13.90
N PHE A 955 -4.56 8.25 -13.14
CA PHE A 955 -3.60 9.30 -12.86
C PHE A 955 -2.73 9.57 -14.07
N ASP A 956 -1.78 10.50 -13.92
CA ASP A 956 -0.91 10.89 -15.02
C ASP A 956 0.09 9.81 -15.40
N CYS A 957 0.58 9.03 -14.43
CA CYS A 957 1.61 8.03 -14.69
C CYS A 957 1.18 6.70 -14.10
N LYS A 958 1.26 5.65 -14.91
CA LYS A 958 0.93 4.30 -14.48
C LYS A 958 2.20 3.50 -14.24
N ALA A 959 2.19 2.69 -13.19
CA ALA A 959 3.37 1.94 -12.78
C ALA A 959 3.37 0.54 -13.38
N TRP A 960 4.57 0.05 -13.65
CA TRP A 960 4.78 -1.31 -14.15
C TRP A 960 5.99 -1.88 -13.44
N ALA A 961 6.54 -2.96 -13.98
CA ALA A 961 7.78 -3.52 -13.47
C ALA A 961 8.49 -4.28 -14.57
N TYR A 962 9.81 -4.38 -14.44
CA TYR A 962 10.61 -5.24 -15.30
C TYR A 962 11.49 -6.11 -14.42
N PHE A 963 11.74 -7.33 -14.89
CA PHE A 963 12.47 -8.33 -14.12
C PHE A 963 13.18 -9.26 -15.11
N SER A 964 13.63 -10.40 -14.62
CA SER A 964 14.27 -11.40 -15.46
C SER A 964 13.38 -12.63 -15.57
N ASP A 965 13.09 -13.05 -16.79
CA ASP A 965 12.21 -14.17 -17.03
C ASP A 965 12.95 -15.50 -17.17
N VAL A 966 14.27 -15.51 -16.98
CA VAL A 966 15.01 -16.78 -16.98
C VAL A 966 14.50 -17.66 -15.84
N ASP A 967 14.36 -17.08 -14.66
CA ASP A 967 13.70 -17.74 -13.53
C ASP A 967 13.10 -16.62 -12.70
N LEU A 968 11.82 -16.33 -12.92
CA LEU A 968 11.20 -15.15 -12.33
C LEU A 968 11.40 -15.10 -10.82
N GLU A 969 11.10 -16.21 -10.15
CA GLU A 969 11.15 -16.23 -8.69
C GLU A 969 12.58 -16.04 -8.19
N LYS A 970 13.53 -16.80 -8.75
CA LYS A 970 14.91 -16.71 -8.26
C LYS A 970 15.54 -15.37 -8.64
N ASP A 971 15.26 -14.87 -9.84
CA ASP A 971 15.81 -13.58 -10.25
C ASP A 971 15.27 -12.45 -9.38
N VAL A 972 13.98 -12.48 -9.06
CA VAL A 972 13.43 -11.47 -8.15
C VAL A 972 14.03 -11.60 -6.77
N HIS A 973 14.19 -12.83 -6.27
CA HIS A 973 14.79 -13.03 -4.95
C HIS A 973 16.25 -12.58 -4.93
N SER A 974 16.91 -12.57 -6.09
CA SER A 974 18.29 -12.10 -6.16
C SER A 974 18.36 -10.57 -6.10
N GLY A 975 17.39 -9.88 -6.69
CA GLY A 975 17.36 -8.44 -6.62
C GLY A 975 17.21 -7.73 -7.95
N LEU A 976 16.83 -8.47 -9.00
CA LEU A 976 16.67 -7.89 -10.33
C LEU A 976 15.21 -7.48 -10.50
N ILE A 977 14.93 -6.20 -10.25
CA ILE A 977 13.58 -5.66 -10.34
C ILE A 977 13.68 -4.15 -10.44
N GLY A 978 12.84 -3.55 -11.28
CA GLY A 978 12.81 -2.12 -11.44
C GLY A 978 11.52 -1.62 -12.05
N PRO A 979 11.12 -0.40 -11.70
CA PRO A 979 9.84 0.14 -12.19
C PRO A 979 9.96 0.74 -13.58
N LEU A 980 8.93 0.54 -14.38
CA LEU A 980 8.84 1.10 -15.73
C LEU A 980 7.60 2.00 -15.77
N LEU A 981 7.80 3.30 -15.64
CA LEU A 981 6.70 4.26 -15.58
C LEU A 981 6.34 4.70 -16.99
N VAL A 982 5.10 4.47 -17.39
CA VAL A 982 4.55 5.00 -18.63
C VAL A 982 3.57 6.10 -18.27
N CYS A 983 3.81 7.30 -18.75
CA CYS A 983 3.03 8.48 -18.39
C CYS A 983 2.22 8.96 -19.58
N ARG A 984 1.31 9.89 -19.30
CA ARG A 984 0.43 10.44 -20.31
C ARG A 984 1.16 11.46 -21.17
N THR A 985 0.44 12.09 -22.08
CA THR A 985 1.05 13.06 -22.98
C THR A 985 1.39 14.35 -22.24
N ASN A 986 2.60 14.85 -22.46
CA ASN A 986 3.05 16.14 -21.93
C ASN A 986 2.95 16.18 -20.41
N THR A 987 3.43 15.13 -19.76
CA THR A 987 3.48 15.06 -18.30
C THR A 987 4.89 15.10 -17.75
N LEU A 988 5.84 14.41 -18.38
CA LEU A 988 7.23 14.46 -17.97
C LEU A 988 7.87 15.75 -18.46
N ASN A 989 8.56 16.43 -17.56
CA ASN A 989 9.25 17.66 -17.93
C ASN A 989 10.36 17.34 -18.92
N PRO A 990 10.42 18.03 -20.07
CA PRO A 990 11.46 17.70 -21.06
C PRO A 990 12.88 17.87 -20.54
N ALA A 991 13.13 18.87 -19.68
CA ALA A 991 14.49 19.13 -19.22
C ALA A 991 14.98 18.04 -18.28
N HIS A 992 14.16 17.68 -17.29
CA HIS A 992 14.55 16.71 -16.28
C HIS A 992 14.18 15.28 -16.64
N GLY A 993 13.41 15.07 -17.70
CA GLY A 993 13.00 13.73 -18.08
C GLY A 993 11.97 13.10 -17.16
N ARG A 994 11.37 13.86 -16.26
CA ARG A 994 10.41 13.33 -15.31
C ARG A 994 9.41 14.41 -14.95
N GLN A 995 8.25 13.98 -14.46
CA GLN A 995 7.21 14.91 -14.04
C GLN A 995 7.68 15.65 -12.79
N VAL A 996 7.90 16.96 -12.92
CA VAL A 996 8.39 17.76 -11.80
C VAL A 996 7.26 18.27 -10.94
N THR A 997 6.12 18.62 -11.55
CA THR A 997 4.99 19.14 -10.78
C THR A 997 4.45 18.14 -9.77
N VAL A 998 4.75 16.85 -9.94
CA VAL A 998 4.34 15.81 -9.01
C VAL A 998 5.58 15.03 -8.62
N GLN A 999 5.79 14.88 -7.31
CA GLN A 999 6.95 14.15 -6.80
C GLN A 999 6.68 12.66 -6.86
N GLU A 1000 7.23 12.00 -7.87
CA GLU A 1000 7.04 10.57 -8.04
C GLU A 1000 7.87 9.80 -7.03
N PHE A 1001 7.31 8.68 -6.54
CA PHE A 1001 7.98 7.86 -5.54
C PHE A 1001 7.56 6.42 -5.74
N ALA A 1002 8.48 5.56 -6.15
CA ALA A 1002 8.18 4.15 -6.36
C ALA A 1002 8.63 3.32 -5.15
N LEU A 1003 7.78 2.38 -4.74
CA LEU A 1003 8.06 1.51 -3.62
C LEU A 1003 7.88 0.06 -4.04
N PHE A 1004 8.58 -0.83 -3.34
CA PHE A 1004 8.55 -2.26 -3.65
C PHE A 1004 8.65 -3.04 -2.36
N PHE A 1005 7.59 -3.76 -2.01
CA PHE A 1005 7.54 -4.55 -0.79
C PHE A 1005 7.67 -6.02 -1.14
N THR A 1006 8.53 -6.74 -0.42
CA THR A 1006 8.70 -8.17 -0.62
C THR A 1006 9.49 -8.74 0.55
N ILE A 1007 9.51 -10.06 0.64
CA ILE A 1007 10.32 -10.77 1.62
C ILE A 1007 11.51 -11.38 0.89
N PHE A 1008 12.70 -11.19 1.45
CA PHE A 1008 13.95 -11.61 0.83
C PHE A 1008 14.56 -12.74 1.65
N ASP A 1009 14.28 -13.98 1.24
CA ASP A 1009 14.89 -15.15 1.85
C ASP A 1009 16.16 -15.49 1.07
N GLU A 1010 17.31 -15.16 1.65
CA GLU A 1010 18.58 -15.35 0.95
C GLU A 1010 18.97 -16.82 0.82
N THR A 1011 18.30 -17.72 1.55
CA THR A 1011 18.53 -19.14 1.34
C THR A 1011 18.11 -19.56 -0.07
N LYS A 1012 17.27 -18.76 -0.71
CA LYS A 1012 16.71 -19.06 -2.02
C LYS A 1012 17.24 -18.12 -3.09
N SER A 1013 18.50 -17.70 -2.96
CA SER A 1013 19.12 -16.78 -3.90
C SER A 1013 20.07 -17.55 -4.83
N TRP A 1014 20.27 -17.01 -6.03
CA TRP A 1014 21.16 -17.63 -6.99
C TRP A 1014 22.58 -17.74 -6.47
N TYR A 1015 22.99 -16.82 -5.60
CA TYR A 1015 24.33 -16.82 -5.01
C TYR A 1015 24.34 -17.34 -3.59
N PHE A 1016 23.42 -18.24 -3.24
CA PHE A 1016 23.25 -18.62 -1.85
C PHE A 1016 24.49 -19.31 -1.29
N THR A 1017 25.14 -20.15 -2.09
CA THR A 1017 26.33 -20.83 -1.60
C THR A 1017 27.43 -19.85 -1.26
N GLU A 1018 27.72 -18.90 -2.16
CA GLU A 1018 28.76 -17.92 -1.90
C GLU A 1018 28.38 -17.02 -0.73
N ASN A 1019 27.11 -16.58 -0.68
CA ASN A 1019 26.67 -15.70 0.40
C ASN A 1019 26.76 -16.40 1.75
N MET A 1020 26.36 -17.67 1.79
CA MET A 1020 26.39 -18.40 3.04
C MET A 1020 27.82 -18.68 3.49
N GLU A 1021 28.72 -18.99 2.55
CA GLU A 1021 30.10 -19.19 2.92
C GLU A 1021 30.73 -17.90 3.42
N ARG A 1022 30.45 -16.78 2.77
CA ARG A 1022 31.05 -15.51 3.15
C ARG A 1022 30.42 -14.91 4.40
N ASN A 1023 29.19 -15.28 4.73
CA ASN A 1023 28.48 -14.67 5.85
C ASN A 1023 28.51 -15.51 7.12
N CYS A 1024 28.67 -16.83 7.00
CA CYS A 1024 28.50 -17.71 8.15
C CYS A 1024 29.48 -18.86 7.99
N ARG A 1025 30.54 -18.85 8.79
CA ARG A 1025 31.57 -19.89 8.76
C ARG A 1025 31.56 -20.62 10.09
N ALA A 1026 32.34 -21.70 10.16
CA ALA A 1026 32.30 -22.60 11.31
C ALA A 1026 32.56 -21.82 12.59
N PRO A 1027 31.87 -22.14 13.70
CA PRO A 1027 30.93 -23.25 13.90
C PRO A 1027 29.48 -22.95 13.52
N CYS A 1028 29.23 -22.29 12.38
CA CYS A 1028 27.88 -22.06 11.92
C CYS A 1028 27.18 -23.40 11.65
N ASN A 1029 25.90 -23.47 12.01
CA ASN A 1029 25.10 -24.67 11.77
C ASN A 1029 24.25 -24.44 10.53
N ILE A 1030 24.86 -24.67 9.37
CA ILE A 1030 24.20 -24.45 8.09
C ILE A 1030 23.15 -25.53 7.90
N GLN A 1031 21.88 -25.15 8.02
CA GLN A 1031 20.76 -26.08 7.88
C GLN A 1031 19.64 -25.36 7.12
N MET A 1032 19.54 -25.64 5.82
CA MET A 1032 18.54 -24.97 5.00
C MET A 1032 17.12 -25.33 5.40
N GLU A 1033 16.92 -26.44 6.10
CA GLU A 1033 15.61 -26.85 6.56
C GLU A 1033 15.27 -26.31 7.95
N ASP A 1034 16.21 -25.65 8.62
CA ASP A 1034 15.96 -25.16 9.96
C ASP A 1034 15.18 -23.84 9.90
N PRO A 1035 14.02 -23.75 10.56
CA PRO A 1035 13.21 -22.52 10.45
C PRO A 1035 13.92 -21.28 10.97
N THR A 1036 14.65 -21.38 12.08
CA THR A 1036 15.31 -20.20 12.63
C THR A 1036 16.45 -19.74 11.73
N PHE A 1037 17.15 -20.69 11.09
CA PHE A 1037 18.16 -20.31 10.12
C PHE A 1037 17.54 -19.58 8.94
N LYS A 1038 16.39 -20.04 8.47
CA LYS A 1038 15.72 -19.37 7.36
C LYS A 1038 15.25 -17.97 7.76
N GLU A 1039 14.88 -17.79 9.03
CA GLU A 1039 14.45 -16.47 9.48
C GLU A 1039 15.57 -15.45 9.37
N ASN A 1040 16.80 -15.83 9.74
CA ASN A 1040 17.92 -14.90 9.64
C ASN A 1040 18.15 -14.47 8.21
N TYR A 1041 18.06 -15.40 7.27
CA TYR A 1041 18.21 -15.06 5.87
C TYR A 1041 16.96 -14.44 5.28
N ARG A 1042 15.85 -14.43 6.02
CA ARG A 1042 14.63 -13.76 5.60
C ARG A 1042 14.68 -12.30 6.01
N PHE A 1043 14.34 -11.41 5.08
CA PHE A 1043 14.42 -9.97 5.31
C PHE A 1043 13.16 -9.33 4.74
N HIS A 1044 12.23 -8.96 5.61
CA HIS A 1044 11.02 -8.24 5.21
C HIS A 1044 11.41 -6.78 5.02
N ALA A 1045 11.71 -6.39 3.78
CA ALA A 1045 12.33 -5.11 3.51
C ALA A 1045 11.49 -4.28 2.55
N ILE A 1046 11.63 -2.96 2.67
CA ILE A 1046 11.04 -1.99 1.75
C ILE A 1046 12.16 -1.49 0.85
N ASN A 1047 12.06 -1.81 -0.44
CA ASN A 1047 13.07 -1.42 -1.43
C ASN A 1047 14.48 -1.88 -1.05
N GLY A 1048 14.59 -2.92 -0.22
CA GLY A 1048 15.87 -3.47 0.15
C GLY A 1048 16.37 -3.09 1.52
N TYR A 1049 15.71 -2.15 2.21
CA TYR A 1049 16.13 -1.70 3.52
C TYR A 1049 15.14 -2.18 4.57
N ILE A 1050 15.64 -2.53 5.76
CA ILE A 1050 14.80 -3.22 6.73
C ILE A 1050 14.18 -2.24 7.74
N MET A 1051 15.02 -1.66 8.60
CA MET A 1051 14.51 -1.02 9.81
C MET A 1051 14.43 0.50 9.62
N ASP A 1052 13.40 0.92 8.89
CA ASP A 1052 13.13 2.34 8.64
C ASP A 1052 14.36 3.02 8.05
N THR A 1053 15.06 2.30 7.17
CA THR A 1053 16.36 2.74 6.69
C THR A 1053 16.32 3.32 5.29
N LEU A 1054 15.25 3.10 4.54
CA LEU A 1054 15.14 3.58 3.17
C LEU A 1054 15.29 5.10 3.12
N PRO A 1055 16.39 5.60 2.57
CA PRO A 1055 16.61 7.05 2.54
C PRO A 1055 16.15 7.69 1.23
N GLY A 1056 15.82 8.97 1.33
CA GLY A 1056 15.47 9.74 0.15
C GLY A 1056 13.99 9.98 -0.03
N LEU A 1057 13.25 9.97 1.08
CA LEU A 1057 11.81 10.22 1.07
C LEU A 1057 11.58 11.61 1.68
N VAL A 1058 11.58 12.63 0.84
CA VAL A 1058 11.33 14.01 1.25
C VAL A 1058 10.26 14.59 0.34
N MET A 1059 9.24 15.21 0.94
CA MET A 1059 8.12 15.78 0.20
C MET A 1059 7.79 17.16 0.72
N ALA A 1060 7.50 18.07 -0.20
CA ALA A 1060 7.10 19.42 0.15
C ALA A 1060 5.62 19.45 0.50
N GLN A 1061 5.28 20.12 1.60
CA GLN A 1061 3.90 20.23 2.02
C GLN A 1061 3.07 20.96 0.97
N ASP A 1062 1.82 20.52 0.81
CA ASP A 1062 0.91 21.07 -0.20
C ASP A 1062 1.51 20.96 -1.60
N GLN A 1063 1.77 19.72 -2.00
CA GLN A 1063 2.34 19.43 -3.30
C GLN A 1063 1.95 18.02 -3.68
N ARG A 1064 1.49 17.85 -4.92
CA ARG A 1064 0.97 16.56 -5.35
C ARG A 1064 2.05 15.49 -5.35
N ILE A 1065 1.71 14.31 -4.83
CA ILE A 1065 2.59 13.16 -4.78
C ILE A 1065 1.90 12.00 -5.50
N ARG A 1066 2.68 11.20 -6.21
CA ARG A 1066 2.16 10.02 -6.91
C ARG A 1066 3.02 8.82 -6.56
N TRP A 1067 2.60 8.08 -5.53
CA TRP A 1067 3.30 6.86 -5.13
C TRP A 1067 2.95 5.72 -6.09
N TYR A 1068 3.97 5.00 -6.54
CA TYR A 1068 3.79 3.81 -7.36
C TYR A 1068 4.07 2.59 -6.49
N LEU A 1069 3.05 2.14 -5.76
CA LEU A 1069 3.17 0.96 -4.93
C LEU A 1069 3.08 -0.29 -5.77
N LEU A 1070 4.02 -1.22 -5.56
CA LEU A 1070 4.01 -2.49 -6.26
C LEU A 1070 4.70 -3.54 -5.40
N SER A 1071 4.41 -4.80 -5.70
CA SER A 1071 4.96 -5.91 -4.94
C SER A 1071 4.91 -7.16 -5.80
N MET A 1072 5.94 -8.01 -5.68
CA MET A 1072 6.03 -9.25 -6.42
C MET A 1072 6.70 -10.30 -5.56
N GLY A 1073 6.21 -11.54 -5.65
CA GLY A 1073 6.81 -12.63 -4.91
C GLY A 1073 5.93 -13.87 -4.81
N SER A 1074 5.95 -14.52 -3.65
CA SER A 1074 5.20 -15.75 -3.43
C SER A 1074 3.78 -15.41 -3.00
N ASN A 1075 3.05 -16.42 -2.53
CA ASN A 1075 1.66 -16.22 -2.11
C ASN A 1075 1.54 -15.62 -0.71
N GLU A 1076 2.64 -15.52 0.04
CA GLU A 1076 2.64 -14.82 1.30
C GLU A 1076 3.06 -13.36 1.15
N ASN A 1077 2.98 -12.83 -0.06
CA ASN A 1077 3.41 -11.47 -0.37
C ASN A 1077 2.23 -10.49 -0.44
N ILE A 1078 1.23 -10.66 0.42
CA ILE A 1078 0.11 -9.75 0.50
C ILE A 1078 0.36 -8.76 1.63
N HIS A 1079 0.36 -7.47 1.30
CA HIS A 1079 0.71 -6.43 2.25
C HIS A 1079 -0.36 -5.36 2.29
N SER A 1080 -0.50 -4.73 3.45
CA SER A 1080 -1.49 -3.68 3.69
C SER A 1080 -0.75 -2.35 3.86
N ILE A 1081 -0.52 -1.68 2.74
CA ILE A 1081 0.21 -0.40 2.75
C ILE A 1081 -0.60 0.65 3.49
N HIS A 1082 0.02 1.31 4.45
CA HIS A 1082 -0.65 2.31 5.27
C HIS A 1082 0.26 3.52 5.44
N PHE A 1083 -0.26 4.71 5.15
CA PHE A 1083 0.44 5.95 5.39
C PHE A 1083 -0.10 6.56 6.68
N SER A 1084 0.70 6.59 7.73
CA SER A 1084 0.24 7.09 9.02
C SER A 1084 -0.22 8.53 8.89
N GLY A 1085 -1.42 8.80 9.37
CA GLY A 1085 -1.98 10.14 9.29
C GLY A 1085 -2.10 10.68 7.89
N HIS A 1086 -2.44 9.82 6.93
CA HIS A 1086 -2.54 10.25 5.54
C HIS A 1086 -3.52 9.32 4.82
N VAL A 1087 -4.17 9.87 3.80
CA VAL A 1087 -5.08 9.11 2.95
C VAL A 1087 -4.77 9.44 1.50
N PHE A 1088 -5.07 8.51 0.60
CA PHE A 1088 -4.74 8.65 -0.81
C PHE A 1088 -5.93 8.24 -1.66
N THR A 1089 -6.11 8.94 -2.78
CA THR A 1089 -7.16 8.61 -3.73
C THR A 1089 -6.64 7.60 -4.74
N VAL A 1090 -7.51 6.68 -5.12
CA VAL A 1090 -7.16 5.61 -6.07
C VAL A 1090 -8.10 5.75 -7.25
N ARG A 1091 -7.65 6.45 -8.30
CA ARG A 1091 -8.44 6.63 -9.50
C ARG A 1091 -8.29 5.37 -10.37
N LYS A 1092 -8.97 4.31 -9.93
CA LYS A 1092 -8.88 3.01 -10.61
C LYS A 1092 -9.95 2.91 -11.69
N LYS A 1093 -11.22 2.94 -11.29
CA LYS A 1093 -12.34 3.00 -12.21
C LYS A 1093 -13.08 4.32 -12.13
N GLU A 1094 -13.35 4.79 -10.91
CA GLU A 1094 -13.76 6.15 -10.61
C GLU A 1094 -12.81 6.70 -9.56
N GLU A 1095 -13.00 7.96 -9.19
CA GLU A 1095 -12.17 8.57 -8.16
C GLU A 1095 -12.61 8.02 -6.81
N TYR A 1096 -11.94 6.95 -6.38
CA TYR A 1096 -12.21 6.34 -5.09
C TYR A 1096 -11.25 6.88 -4.03
N LYS A 1097 -11.61 6.68 -2.77
CA LYS A 1097 -10.81 7.13 -1.64
C LYS A 1097 -10.50 5.94 -0.75
N MET A 1098 -9.24 5.79 -0.39
CA MET A 1098 -8.80 4.67 0.43
C MET A 1098 -7.76 5.15 1.43
N ALA A 1099 -7.54 4.34 2.46
CA ALA A 1099 -6.49 4.61 3.42
C ALA A 1099 -5.62 3.40 3.72
N LEU A 1100 -5.92 2.24 3.17
CA LEU A 1100 -5.12 1.04 3.41
C LEU A 1100 -5.22 0.17 2.17
N TYR A 1101 -4.25 0.29 1.27
CA TYR A 1101 -4.25 -0.47 0.03
C TYR A 1101 -3.67 -1.86 0.26
N ASN A 1102 -4.30 -2.86 -0.34
CA ASN A 1102 -3.87 -4.25 -0.23
C ASN A 1102 -3.23 -4.63 -1.57
N LEU A 1103 -1.92 -4.83 -1.55
CA LEU A 1103 -1.19 -5.15 -2.78
C LEU A 1103 -1.01 -6.65 -2.92
N TYR A 1104 -1.12 -7.12 -4.15
CA TYR A 1104 -0.92 -8.51 -4.48
C TYR A 1104 0.27 -8.66 -5.41
N PRO A 1105 0.96 -9.81 -5.40
CA PRO A 1105 2.10 -10.00 -6.29
C PRO A 1105 1.75 -9.77 -7.74
N GLY A 1106 2.59 -9.02 -8.45
CA GLY A 1106 2.33 -8.70 -9.84
C GLY A 1106 1.39 -7.54 -10.08
N VAL A 1107 0.82 -6.96 -9.02
CA VAL A 1107 -0.11 -5.85 -9.15
C VAL A 1107 0.67 -4.56 -8.95
N PHE A 1108 0.63 -3.68 -9.95
CA PHE A 1108 1.38 -2.43 -9.94
C PHE A 1108 0.39 -1.28 -10.01
N GLU A 1109 0.05 -0.71 -8.85
CA GLU A 1109 -0.98 0.30 -8.74
C GLU A 1109 -0.35 1.66 -8.45
N THR A 1110 -0.82 2.69 -9.15
CA THR A 1110 -0.37 4.05 -8.93
C THR A 1110 -1.44 4.82 -8.17
N VAL A 1111 -1.05 5.46 -7.07
CA VAL A 1111 -1.97 6.24 -6.25
C VAL A 1111 -1.43 7.66 -6.16
N GLU A 1112 -2.26 8.56 -5.64
CA GLU A 1112 -1.88 9.95 -5.43
C GLU A 1112 -2.27 10.37 -4.03
N MET A 1113 -1.40 11.17 -3.40
CA MET A 1113 -1.58 11.59 -2.03
C MET A 1113 -1.29 13.08 -1.91
N LEU A 1114 -1.88 13.70 -0.89
CA LEU A 1114 -1.65 15.11 -0.60
C LEU A 1114 -1.13 15.24 0.83
N PRO A 1115 0.11 15.68 1.02
CA PRO A 1115 0.66 15.76 2.39
C PRO A 1115 0.07 16.96 3.13
N SER A 1116 -0.52 16.69 4.29
CA SER A 1116 -1.18 17.75 5.06
C SER A 1116 -0.25 18.33 6.11
N LYS A 1117 0.24 17.51 7.02
CA LYS A 1117 1.01 17.96 8.17
C LYS A 1117 2.49 17.70 7.94
N VAL A 1118 3.32 18.64 8.37
CA VAL A 1118 4.78 18.49 8.25
C VAL A 1118 5.29 17.71 9.45
N GLY A 1119 6.28 16.86 9.20
CA GLY A 1119 6.88 16.05 10.23
C GLY A 1119 7.37 14.74 9.67
N ILE A 1120 7.53 13.76 10.54
CA ILE A 1120 8.01 12.43 10.18
C ILE A 1120 6.90 11.43 10.45
N TRP A 1121 6.42 10.78 9.38
CA TRP A 1121 5.41 9.74 9.50
C TRP A 1121 5.95 8.46 8.89
N ARG A 1122 5.36 7.33 9.28
CA ARG A 1122 5.88 6.01 8.92
C ARG A 1122 4.96 5.34 7.91
N VAL A 1123 5.53 4.94 6.79
CA VAL A 1123 4.87 4.03 5.85
C VAL A 1123 5.13 2.61 6.32
N GLU A 1124 4.06 1.82 6.48
CA GLU A 1124 4.20 0.49 7.02
C GLU A 1124 3.11 -0.41 6.47
N CYS A 1125 3.41 -1.70 6.39
CA CYS A 1125 2.39 -2.71 6.16
C CYS A 1125 1.92 -3.22 7.52
N LEU A 1126 0.61 -3.29 7.70
CA LEU A 1126 0.03 -3.64 8.98
C LEU A 1126 -0.16 -5.14 9.16
N ILE A 1127 0.53 -5.96 8.36
CA ILE A 1127 0.30 -7.41 8.38
C ILE A 1127 1.23 -7.96 9.44
N GLY A 1128 0.83 -7.80 10.70
CA GLY A 1128 1.44 -8.48 11.82
C GLY A 1128 2.95 -8.61 11.83
N GLU A 1129 3.42 -9.85 11.69
CA GLU A 1129 4.84 -10.15 11.75
C GLU A 1129 5.63 -9.52 10.60
N HIS A 1130 4.95 -9.11 9.52
CA HIS A 1130 5.65 -8.37 8.48
C HIS A 1130 6.17 -7.04 9.02
N LEU A 1131 5.34 -6.33 9.77
CA LEU A 1131 5.81 -5.10 10.40
C LEU A 1131 6.71 -5.40 11.59
N GLN A 1132 6.37 -6.44 12.36
CA GLN A 1132 7.18 -6.76 13.54
C GLN A 1132 8.60 -7.10 13.15
N ALA A 1133 8.79 -7.88 12.08
CA ALA A 1133 10.12 -8.22 11.60
C ALA A 1133 10.84 -7.00 11.04
N GLY A 1134 10.10 -6.00 10.57
CA GLY A 1134 10.74 -4.76 10.20
C GLY A 1134 10.28 -4.08 8.94
N MET A 1135 9.25 -4.58 8.25
CA MET A 1135 8.83 -3.93 7.02
C MET A 1135 8.17 -2.58 7.32
N SER A 1136 8.95 -1.51 7.24
CA SER A 1136 8.47 -0.16 7.51
C SER A 1136 9.54 0.82 7.05
N THR A 1137 9.14 2.08 6.88
CA THR A 1137 10.05 3.13 6.45
C THR A 1137 9.50 4.47 6.94
N LEU A 1138 10.38 5.48 6.92
CA LEU A 1138 10.02 6.82 7.36
C LEU A 1138 10.12 7.78 6.18
N PHE A 1139 9.09 8.62 6.01
CA PHE A 1139 9.10 9.66 5.00
C PHE A 1139 8.93 11.01 5.67
N LEU A 1140 9.59 12.03 5.12
CA LEU A 1140 9.65 13.36 5.72
C LEU A 1140 8.83 14.33 4.89
N VAL A 1141 7.93 15.04 5.55
CA VAL A 1141 7.18 16.14 4.95
C VAL A 1141 7.74 17.44 5.50
N TYR A 1142 8.32 18.26 4.63
CA TYR A 1142 8.93 19.52 5.02
C TYR A 1142 8.18 20.68 4.38
N SER A 1143 8.13 21.79 5.12
CA SER A 1143 7.51 23.00 4.61
C SER A 1143 8.52 23.84 3.86
N LYS A 1144 8.12 24.33 2.69
CA LYS A 1144 8.97 25.15 1.85
C LYS A 1144 9.02 26.60 2.30
N LYS A 1145 8.60 26.89 3.53
CA LYS A 1145 8.57 28.25 4.05
C LYS A 1145 9.53 28.48 5.21
N CYS A 1146 10.14 27.43 5.75
CA CYS A 1146 11.09 27.57 6.86
C CYS A 1146 12.49 27.73 6.27
N GLN A 1147 12.80 28.93 5.81
CA GLN A 1147 14.12 29.26 5.29
C GLN A 1147 14.84 30.24 6.21
N THR A 1148 14.66 30.06 7.52
CA THR A 1148 15.31 30.94 8.49
C THR A 1148 16.82 30.64 8.50
N PRO A 1149 17.64 31.65 8.82
CA PRO A 1149 19.07 31.40 8.97
C PRO A 1149 19.33 30.39 10.08
N LEU A 1150 20.32 29.53 9.84
CA LEU A 1150 20.61 28.46 10.79
C LEU A 1150 21.49 28.91 11.94
N GLY A 1151 21.91 30.17 11.97
CA GLY A 1151 22.66 30.72 13.07
C GLY A 1151 24.13 30.98 12.81
N MET A 1152 24.58 30.88 11.56
CA MET A 1152 25.99 31.08 11.27
C MET A 1152 26.43 32.49 11.64
N ALA A 1153 25.89 33.50 10.96
CA ALA A 1153 26.31 34.88 11.20
C ALA A 1153 25.78 35.41 12.52
N SER A 1154 24.67 34.84 13.02
CA SER A 1154 24.07 35.34 14.24
C SER A 1154 24.86 34.94 15.49
N GLY A 1155 25.84 34.06 15.35
CA GLY A 1155 26.58 33.55 16.48
C GLY A 1155 25.96 32.35 17.17
N HIS A 1156 24.78 31.91 16.72
CA HIS A 1156 24.17 30.72 17.29
C HIS A 1156 25.03 29.48 17.04
N ILE A 1157 25.60 29.38 15.83
CA ILE A 1157 26.54 28.32 15.52
C ILE A 1157 27.88 28.70 16.13
N ARG A 1158 28.33 27.94 17.12
CA ARG A 1158 29.55 28.27 17.84
C ARG A 1158 30.77 28.03 16.95
N ASP A 1159 31.90 28.59 17.38
CA ASP A 1159 33.13 28.48 16.59
C ASP A 1159 33.71 27.06 16.63
N PHE A 1160 33.59 26.37 17.77
CA PHE A 1160 34.18 25.03 17.87
C PHE A 1160 33.53 24.05 16.91
N GLN A 1161 32.26 24.29 16.55
CA GLN A 1161 31.60 23.41 15.59
C GLN A 1161 32.21 23.56 14.20
N ILE A 1162 32.73 24.74 13.88
CA ILE A 1162 33.31 24.99 12.56
C ILE A 1162 34.76 24.53 12.55
N THR A 1163 35.11 23.70 11.57
CA THR A 1163 36.48 23.26 11.37
C THR A 1163 36.78 23.27 9.87
N ALA A 1164 38.07 23.27 9.55
CA ALA A 1164 38.52 23.28 8.16
C ALA A 1164 39.88 22.61 8.08
N SER A 1165 40.41 22.52 6.85
CA SER A 1165 41.69 21.87 6.57
C SER A 1165 42.55 22.84 5.78
N GLY A 1166 43.29 23.68 6.50
CA GLY A 1166 44.10 24.72 5.89
C GLY A 1166 43.45 26.09 6.05
N GLN A 1167 44.16 27.10 5.56
CA GLN A 1167 43.70 28.47 5.69
C GLN A 1167 44.53 29.36 4.77
N TYR A 1168 44.05 30.58 4.58
CA TYR A 1168 44.79 31.64 3.90
C TYR A 1168 45.70 32.33 4.90
N GLY A 1169 46.53 33.24 4.41
CA GLY A 1169 47.43 33.99 5.27
C GLY A 1169 46.71 34.76 6.36
N GLN A 1170 45.58 35.37 6.02
CA GLN A 1170 44.79 36.15 6.97
C GLN A 1170 43.51 35.46 7.40
N TRP A 1171 42.71 34.99 6.45
CA TRP A 1171 41.39 34.45 6.77
C TRP A 1171 41.52 33.11 7.50
N ALA A 1172 40.67 32.91 8.51
CA ALA A 1172 40.71 31.75 9.37
C ALA A 1172 39.37 31.03 9.38
N PRO A 1173 39.35 29.72 9.70
CA PRO A 1173 38.07 29.00 9.71
C PRO A 1173 37.05 29.57 10.68
N LYS A 1174 37.49 30.11 11.81
CA LYS A 1174 36.55 30.73 12.74
C LYS A 1174 35.85 31.92 12.11
N LEU A 1175 36.59 32.74 11.37
CA LEU A 1175 36.05 33.94 10.73
C LEU A 1175 35.46 33.57 9.38
N ALA A 1176 34.25 33.01 9.41
CA ALA A 1176 33.51 32.69 8.21
C ALA A 1176 32.07 33.20 8.26
N ARG A 1177 31.73 34.00 9.27
CA ARG A 1177 30.36 34.47 9.44
C ARG A 1177 29.99 35.46 8.35
N LEU A 1178 28.73 35.43 7.95
CA LEU A 1178 28.24 36.35 6.93
C LEU A 1178 28.24 37.78 7.46
N HIS A 1179 28.64 38.72 6.60
CA HIS A 1179 28.64 40.14 6.93
C HIS A 1179 29.45 40.41 8.19
N TYR A 1180 30.59 39.74 8.31
CA TYR A 1180 31.42 39.86 9.50
C TYR A 1180 32.13 41.22 9.49
N SER A 1181 32.80 41.52 10.60
CA SER A 1181 33.48 42.80 10.75
C SER A 1181 34.65 42.92 9.78
N GLY A 1182 34.81 44.10 9.19
CA GLY A 1182 35.92 44.37 8.30
C GLY A 1182 35.77 43.66 6.96
N SER A 1183 36.91 43.44 6.32
CA SER A 1183 36.93 42.76 5.02
C SER A 1183 36.55 41.30 5.14
N ILE A 1184 36.49 40.77 6.36
CA ILE A 1184 36.09 39.38 6.56
C ILE A 1184 34.58 39.28 6.42
N ASN A 1185 34.12 38.45 5.50
CA ASN A 1185 32.69 38.20 5.32
C ASN A 1185 32.34 36.73 5.12
N ALA A 1186 33.31 35.87 4.92
CA ALA A 1186 33.13 34.44 4.72
C ALA A 1186 34.46 33.77 5.05
N TRP A 1187 34.66 32.55 4.58
CA TRP A 1187 35.94 31.89 4.72
C TRP A 1187 36.75 32.01 3.44
N SER A 1188 38.07 32.01 3.59
CA SER A 1188 38.99 32.00 2.46
C SER A 1188 40.23 31.20 2.82
N THR A 1189 40.86 30.64 1.80
CA THR A 1189 42.01 29.76 1.98
C THR A 1189 42.99 29.99 0.84
N LYS A 1190 44.18 29.39 0.97
CA LYS A 1190 45.25 29.51 0.00
C LYS A 1190 45.56 28.20 -0.71
N GLU A 1191 45.86 27.14 0.04
CA GLU A 1191 46.26 25.88 -0.57
C GLU A 1191 45.04 25.19 -1.19
N PRO A 1192 45.21 24.53 -2.33
CA PRO A 1192 44.06 23.88 -2.98
C PRO A 1192 43.59 22.67 -2.21
N PHE A 1193 42.37 22.23 -2.56
CA PHE A 1193 41.72 21.10 -1.90
C PHE A 1193 41.58 21.35 -0.39
N SER A 1194 40.87 22.41 -0.05
CA SER A 1194 40.71 22.85 1.33
C SER A 1194 39.22 22.83 1.68
N TRP A 1195 38.80 21.77 2.36
CA TRP A 1195 37.41 21.64 2.77
C TRP A 1195 37.17 22.35 4.10
N ILE A 1196 35.92 22.76 4.31
CA ILE A 1196 35.48 23.35 5.57
C ILE A 1196 34.13 22.75 5.93
N LYS A 1197 33.99 22.29 7.17
CA LYS A 1197 32.77 21.63 7.61
C LYS A 1197 32.25 22.27 8.88
N VAL A 1198 30.93 22.24 9.04
CA VAL A 1198 30.24 22.81 10.19
C VAL A 1198 29.33 21.74 10.80
N ASP A 1199 29.49 21.50 12.09
CA ASP A 1199 28.70 20.50 12.81
C ASP A 1199 27.47 21.17 13.40
N LEU A 1200 26.30 20.79 12.89
CA LEU A 1200 25.05 21.38 13.35
C LEU A 1200 24.50 20.70 14.60
N LEU A 1201 25.15 19.65 15.09
CA LEU A 1201 24.81 18.90 16.29
C LEU A 1201 23.48 18.17 16.19
N ALA A 1202 22.78 18.27 15.07
CA ALA A 1202 21.49 17.61 14.87
C ALA A 1202 21.11 17.70 13.40
N PRO A 1203 20.45 16.70 12.84
CA PRO A 1203 20.05 16.78 11.43
C PRO A 1203 19.11 17.95 11.20
N MET A 1204 19.32 18.65 10.09
CA MET A 1204 18.52 19.82 9.74
C MET A 1204 18.27 19.81 8.24
N ILE A 1205 17.10 20.31 7.85
CA ILE A 1205 16.78 20.44 6.44
C ILE A 1205 17.39 21.75 5.94
N ILE A 1206 18.54 21.66 5.30
CA ILE A 1206 19.24 22.83 4.77
C ILE A 1206 18.67 23.14 3.40
N HIS A 1207 18.03 24.30 3.26
CA HIS A 1207 17.35 24.66 2.03
C HIS A 1207 18.24 25.46 1.08
N GLY A 1208 19.46 25.77 1.47
CA GLY A 1208 20.36 26.51 0.61
C GLY A 1208 21.33 27.33 1.42
N ILE A 1209 22.29 27.92 0.71
CA ILE A 1209 23.33 28.72 1.31
C ILE A 1209 23.42 30.05 0.58
N MET A 1210 23.52 31.14 1.33
CA MET A 1210 23.48 32.48 0.74
C MET A 1210 24.73 32.75 -0.07
N THR A 1211 24.56 33.50 -1.16
CA THR A 1211 25.66 33.88 -2.04
C THR A 1211 25.39 35.28 -2.58
N GLN A 1212 25.97 36.28 -1.93
CA GLN A 1212 25.95 37.65 -2.42
C GLN A 1212 27.37 38.09 -2.76
N GLY A 1213 27.54 39.37 -3.08
CA GLY A 1213 28.85 39.88 -3.44
C GLY A 1213 29.82 39.84 -2.27
N ALA A 1214 31.10 39.76 -2.60
CA ALA A 1214 32.15 39.67 -1.59
C ALA A 1214 33.42 40.30 -2.14
N ARG A 1215 34.31 40.69 -1.22
CA ARG A 1215 35.56 41.34 -1.58
C ARG A 1215 36.49 41.33 -0.37
N GLN A 1216 37.77 41.58 -0.65
CA GLN A 1216 38.78 41.77 0.39
C GLN A 1216 40.06 42.37 -0.17
N LYS A 1217 40.54 43.44 0.44
CA LYS A 1217 41.83 44.05 0.10
C LYS A 1217 41.93 44.36 -1.40
N PHE A 1218 40.91 45.07 -1.90
CA PHE A 1218 40.87 45.50 -3.29
C PHE A 1218 41.00 44.33 -4.26
N SER A 1219 40.36 43.21 -3.92
CA SER A 1219 40.36 42.00 -4.76
C SER A 1219 38.91 41.60 -4.97
N SER A 1220 38.27 42.17 -5.99
CA SER A 1220 36.88 41.87 -6.29
C SER A 1220 36.76 40.42 -6.75
N LEU A 1221 35.87 39.66 -6.10
CA LEU A 1221 35.77 38.23 -6.35
C LEU A 1221 34.31 37.80 -6.34
N TYR A 1222 33.93 36.96 -7.30
CA TYR A 1222 32.57 36.43 -7.41
C TYR A 1222 32.44 35.11 -6.65
N ILE A 1223 31.40 34.32 -6.95
CA ILE A 1223 31.25 33.02 -6.32
C ILE A 1223 32.47 32.15 -6.60
N SER A 1224 32.86 31.34 -5.62
CA SER A 1224 34.08 30.52 -5.73
C SER A 1224 33.84 29.16 -6.37
N GLN A 1225 32.60 28.84 -6.73
CA GLN A 1225 32.29 27.59 -7.44
C GLN A 1225 32.70 26.37 -6.64
N PHE A 1226 32.05 26.13 -5.50
CA PHE A 1226 32.37 25.00 -4.65
C PHE A 1226 31.40 23.87 -4.91
N ILE A 1227 31.70 22.71 -4.31
CA ILE A 1227 30.83 21.53 -4.34
C ILE A 1227 30.62 21.07 -2.91
N ILE A 1228 29.37 20.74 -2.58
CA ILE A 1228 29.00 20.46 -1.20
C ILE A 1228 28.94 18.96 -0.96
N MET A 1229 29.55 18.52 0.14
CA MET A 1229 29.43 17.15 0.63
C MET A 1229 28.78 17.18 2.00
N TYR A 1230 27.87 16.24 2.25
CA TYR A 1230 27.14 16.18 3.51
C TYR A 1230 27.10 14.76 4.03
N SER A 1231 26.94 14.63 5.34
CA SER A 1231 26.85 13.32 5.98
C SER A 1231 26.08 13.44 7.28
N LEU A 1232 25.37 12.37 7.62
CA LEU A 1232 24.61 12.32 8.87
C LEU A 1232 25.43 11.84 10.05
N ASP A 1233 26.65 11.35 9.82
CA ASP A 1233 27.51 10.91 10.90
C ASP A 1233 28.97 11.33 10.73
N GLY A 1234 29.30 12.07 9.68
CA GLY A 1234 30.66 12.51 9.44
C GLY A 1234 31.53 11.53 8.66
N LYS A 1235 31.00 10.37 8.29
CA LYS A 1235 31.76 9.37 7.55
C LYS A 1235 31.21 9.09 6.16
N LYS A 1236 29.89 8.91 6.04
CA LYS A 1236 29.26 8.60 4.76
C LYS A 1236 29.01 9.90 4.01
N TRP A 1237 30.08 10.46 3.45
CA TRP A 1237 30.01 11.74 2.77
C TRP A 1237 29.38 11.54 1.38
N GLN A 1238 28.26 12.21 1.15
CA GLN A 1238 27.57 12.13 -0.14
C GLN A 1238 27.73 13.46 -0.87
N THR A 1239 28.15 13.40 -2.13
CA THR A 1239 28.13 14.57 -2.97
C THR A 1239 26.69 14.89 -3.36
N TYR A 1240 26.38 16.18 -3.46
CA TYR A 1240 25.03 16.63 -3.77
C TYR A 1240 24.92 16.95 -5.25
N ARG A 1241 23.91 16.41 -5.90
CA ARG A 1241 23.57 16.77 -7.26
C ARG A 1241 22.13 17.22 -7.42
N GLY A 1242 21.20 16.59 -6.70
CA GLY A 1242 19.80 16.98 -6.78
C GLY A 1242 19.26 16.81 -8.18
N ASN A 1243 18.75 17.89 -8.75
CA ASN A 1243 18.21 17.85 -10.10
C ASN A 1243 19.29 17.64 -11.15
N SER A 1244 20.56 17.83 -10.79
CA SER A 1244 21.65 17.70 -11.75
C SER A 1244 21.80 16.25 -12.21
N THR A 1245 21.96 16.07 -13.52
CA THR A 1245 22.17 14.73 -14.08
C THR A 1245 23.57 14.21 -13.84
N GLY A 1246 24.55 15.11 -13.72
CA GLY A 1246 25.90 14.69 -13.43
C GLY A 1246 26.07 14.24 -11.99
N THR A 1247 27.19 13.55 -11.74
CA THR A 1247 27.44 12.99 -10.42
C THR A 1247 27.53 14.04 -9.34
N LEU A 1248 27.78 15.30 -9.69
CA LEU A 1248 27.85 16.39 -8.74
C LEU A 1248 27.25 17.64 -9.36
N MET A 1249 26.80 18.55 -8.49
CA MET A 1249 26.20 19.81 -8.92
C MET A 1249 27.24 20.92 -8.78
N VAL A 1250 27.48 21.65 -9.87
CA VAL A 1250 28.45 22.73 -9.87
C VAL A 1250 27.74 23.99 -9.37
N PHE A 1251 28.17 24.50 -8.21
CA PHE A 1251 27.52 25.63 -7.56
C PHE A 1251 28.18 26.92 -8.02
N PHE A 1252 27.87 27.32 -9.24
CA PHE A 1252 28.36 28.58 -9.78
C PHE A 1252 27.33 29.68 -9.50
N GLY A 1253 27.51 30.84 -10.11
CA GLY A 1253 26.66 31.98 -9.84
C GLY A 1253 27.11 33.24 -10.57
N ASN A 1254 27.23 34.34 -9.83
CA ASN A 1254 27.62 35.61 -10.41
C ASN A 1254 29.02 35.51 -11.02
N VAL A 1255 29.40 36.57 -11.76
CA VAL A 1255 30.63 36.52 -12.52
C VAL A 1255 31.61 37.63 -12.19
N ASP A 1256 31.20 38.81 -11.73
CA ASP A 1256 32.23 39.82 -11.48
C ASP A 1256 32.66 39.90 -10.01
N SER A 1257 31.84 40.50 -9.15
CA SER A 1257 32.10 40.43 -7.71
C SER A 1257 30.85 40.57 -6.86
N SER A 1258 29.68 40.76 -7.48
CA SER A 1258 28.56 41.32 -6.71
C SER A 1258 27.20 40.69 -6.95
N GLY A 1259 27.00 39.90 -8.01
CA GLY A 1259 25.67 39.38 -8.28
C GLY A 1259 25.17 38.48 -7.16
N ILE A 1260 23.88 38.55 -6.88
CA ILE A 1260 23.25 37.77 -5.84
C ILE A 1260 22.73 36.48 -6.45
N LYS A 1261 23.34 35.35 -6.07
CA LYS A 1261 23.01 34.03 -6.59
C LYS A 1261 22.88 33.04 -5.45
N HIS A 1262 22.07 33.39 -4.44
CA HIS A 1262 21.85 32.55 -3.28
C HIS A 1262 21.50 31.13 -3.70
N ASN A 1263 22.35 30.18 -3.30
CA ASN A 1263 22.19 28.80 -3.74
C ASN A 1263 20.97 28.16 -3.09
N ILE A 1264 20.31 27.29 -3.86
CA ILE A 1264 19.07 26.65 -3.46
C ILE A 1264 19.28 25.14 -3.47
N PHE A 1265 18.93 24.49 -2.37
CA PHE A 1265 18.98 23.03 -2.27
C PHE A 1265 17.61 22.48 -2.64
N ASN A 1266 17.42 22.16 -3.92
CA ASN A 1266 16.17 21.61 -4.42
C ASN A 1266 16.47 20.30 -5.15
N PRO A 1267 16.27 19.15 -4.52
CA PRO A 1267 15.72 18.93 -3.16
C PRO A 1267 16.69 19.29 -2.05
N PRO A 1268 16.18 19.52 -0.84
CA PRO A 1268 17.04 19.97 0.26
C PRO A 1268 17.97 18.88 0.75
N ILE A 1269 19.04 19.31 1.40
CA ILE A 1269 20.04 18.43 1.98
C ILE A 1269 19.69 18.20 3.44
N ILE A 1270 19.62 16.93 3.85
CA ILE A 1270 19.31 16.56 5.22
C ILE A 1270 20.54 15.88 5.79
N ALA A 1271 21.27 16.59 6.65
CA ALA A 1271 22.48 16.04 7.24
C ALA A 1271 22.83 16.80 8.50
N ARG A 1272 23.56 16.12 9.39
CA ARG A 1272 24.11 16.76 10.58
C ARG A 1272 25.37 17.56 10.26
N TYR A 1273 26.11 17.18 9.24
CA TYR A 1273 27.36 17.84 8.86
C TYR A 1273 27.26 18.31 7.42
N ILE A 1274 27.60 19.57 7.19
CA ILE A 1274 27.76 20.11 5.84
C ILE A 1274 29.25 20.35 5.63
N ARG A 1275 29.66 20.36 4.37
CA ARG A 1275 31.06 20.56 4.04
C ARG A 1275 31.17 21.21 2.66
N LEU A 1276 32.14 22.10 2.52
CA LEU A 1276 32.30 22.91 1.32
C LEU A 1276 33.68 22.67 0.71
N HIS A 1277 33.69 22.28 -0.56
CA HIS A 1277 34.92 21.98 -1.29
C HIS A 1277 35.08 22.92 -2.47
N PRO A 1278 35.90 23.96 -2.35
CA PRO A 1278 36.08 24.89 -3.48
C PRO A 1278 36.90 24.24 -4.60
N THR A 1279 36.43 24.39 -5.83
CA THR A 1279 37.13 23.87 -7.00
C THR A 1279 37.76 25.00 -7.83
N HIS A 1280 36.97 25.97 -8.24
CA HIS A 1280 37.51 27.12 -8.96
C HIS A 1280 38.18 28.07 -7.98
N TYR A 1281 39.20 28.77 -8.47
CA TYR A 1281 40.09 29.55 -7.61
C TYR A 1281 40.32 30.94 -8.20
N SER A 1282 39.24 31.64 -8.55
CA SER A 1282 39.35 33.05 -8.88
C SER A 1282 40.03 33.78 -7.73
N ILE A 1283 41.03 34.59 -8.05
CA ILE A 1283 41.99 35.10 -7.08
C ILE A 1283 42.42 33.92 -6.21
N ARG A 1284 42.15 33.96 -4.90
CA ARG A 1284 42.53 32.77 -4.12
C ARG A 1284 41.35 31.83 -3.85
N SER A 1285 40.43 32.20 -2.95
CA SER A 1285 39.23 31.39 -2.76
C SER A 1285 38.03 32.19 -2.25
N THR A 1286 38.12 33.52 -2.15
CA THR A 1286 37.18 34.27 -1.33
C THR A 1286 35.74 34.14 -1.84
N LEU A 1287 34.81 33.88 -0.93
CA LEU A 1287 33.42 33.61 -1.28
C LEU A 1287 32.50 34.36 -0.32
N ARG A 1288 31.21 34.03 -0.35
CA ARG A 1288 30.25 34.59 0.58
C ARG A 1288 29.16 33.55 0.85
N MET A 1289 28.99 33.20 2.13
CA MET A 1289 28.17 32.05 2.49
C MET A 1289 27.34 32.34 3.73
N GLU A 1290 26.20 31.66 3.84
CA GLU A 1290 25.38 31.67 5.04
C GLU A 1290 24.40 30.52 4.98
N LEU A 1291 24.33 29.73 6.05
CA LEU A 1291 23.46 28.55 6.06
C LEU A 1291 22.01 28.94 6.34
N MET A 1292 21.10 28.47 5.50
CA MET A 1292 19.67 28.76 5.62
C MET A 1292 18.90 27.45 5.63
N GLY A 1293 18.25 27.16 6.75
CA GLY A 1293 17.43 25.96 6.85
C GLY A 1293 16.64 25.96 8.14
N CYS A 1294 15.69 25.03 8.21
CA CYS A 1294 14.84 24.84 9.38
C CYS A 1294 15.09 23.46 9.97
N ASP A 1295 14.46 23.20 11.12
CA ASP A 1295 14.67 21.95 11.83
C ASP A 1295 13.86 20.82 11.21
N LEU A 1296 13.86 19.67 11.87
CA LEU A 1296 13.20 18.48 11.33
C LEU A 1296 11.68 18.66 11.24
N ASN A 1297 11.09 19.27 12.26
CA ASN A 1297 9.64 19.44 12.30
C ASN A 1297 9.14 20.52 11.34
N SER A 1298 10.05 21.30 10.75
CA SER A 1298 9.69 22.36 9.81
C SER A 1298 8.71 23.36 10.43
N CYS A 1299 8.91 23.64 11.72
CA CYS A 1299 8.03 24.54 12.46
C CYS A 1299 8.54 25.98 12.46
N SER A 1300 9.62 26.27 11.73
CA SER A 1300 10.14 27.63 11.65
C SER A 1300 9.35 28.51 10.71
N MET A 1301 8.25 28.01 10.14
CA MET A 1301 7.47 28.79 9.21
C MET A 1301 6.83 29.98 9.92
N PRO A 1302 6.60 31.09 9.21
CA PRO A 1302 5.97 32.25 9.83
C PRO A 1302 4.47 32.04 9.99
N LEU A 1303 3.97 32.38 11.17
CA LEU A 1303 2.53 32.30 11.40
C LEU A 1303 1.77 33.28 10.53
N GLY A 1304 2.43 34.35 10.09
CA GLY A 1304 1.86 35.27 9.14
C GLY A 1304 1.54 36.63 9.71
N MET A 1305 2.48 37.56 9.60
CA MET A 1305 2.25 38.95 9.96
C MET A 1305 2.41 39.87 8.77
N GLU A 1306 3.49 39.72 7.99
CA GLU A 1306 3.61 40.47 6.75
C GLU A 1306 2.60 40.01 5.71
N SER A 1307 2.18 38.75 5.77
CA SER A 1307 1.18 38.23 4.85
C SER A 1307 -0.25 38.55 5.27
N LYS A 1308 -0.43 39.26 6.40
CA LYS A 1308 -1.76 39.60 6.92
C LYS A 1308 -2.58 38.35 7.19
N ALA A 1309 -1.94 37.29 7.67
CA ALA A 1309 -2.66 36.05 7.95
C ALA A 1309 -3.69 36.25 9.06
N ILE A 1310 -3.32 36.97 10.10
CA ILE A 1310 -4.23 37.26 11.20
C ILE A 1310 -4.89 38.60 10.97
N SER A 1311 -6.16 38.71 11.32
CA SER A 1311 -6.92 39.93 11.04
C SER A 1311 -6.53 41.04 12.00
N ASP A 1312 -6.94 42.26 11.64
CA ASP A 1312 -6.65 43.42 12.47
C ASP A 1312 -7.36 43.33 13.82
N ALA A 1313 -8.52 42.68 13.86
CA ALA A 1313 -9.26 42.57 15.12
C ALA A 1313 -8.50 41.74 16.15
N GLN A 1314 -7.75 40.73 15.70
CA GLN A 1314 -6.99 39.91 16.63
C GLN A 1314 -5.87 40.69 17.30
N ILE A 1315 -5.42 41.77 16.67
CA ILE A 1315 -4.30 42.57 17.20
C ILE A 1315 -4.91 43.71 18.00
N THR A 1316 -4.82 43.61 19.32
CA THR A 1316 -5.28 44.64 20.23
C THR A 1316 -4.11 45.18 21.04
N ALA A 1317 -4.23 46.44 21.45
CA ALA A 1317 -3.18 47.11 22.21
C ALA A 1317 -3.76 47.79 23.43
N SER A 1318 -2.90 48.04 24.42
CA SER A 1318 -3.33 48.80 25.60
C SER A 1318 -3.77 50.20 25.18
N SER A 1319 -3.02 50.83 24.29
CA SER A 1319 -3.36 52.15 23.77
C SER A 1319 -2.60 52.34 22.46
N TYR A 1320 -3.00 53.38 21.73
CA TYR A 1320 -2.36 53.67 20.45
C TYR A 1320 -2.52 55.15 20.14
N LEU A 1321 -1.72 55.61 19.19
CA LEU A 1321 -1.68 57.02 18.77
C LEU A 1321 -2.26 57.19 17.36
N THR A 1322 -3.35 56.49 17.07
CA THR A 1322 -3.96 56.56 15.75
C THR A 1322 -4.25 58.01 15.37
N ASN A 1323 -3.81 58.38 14.17
CA ASN A 1323 -3.89 59.76 13.71
C ASN A 1323 -4.38 59.77 12.27
N MET A 1324 -4.50 60.98 11.72
CA MET A 1324 -4.99 61.13 10.35
C MET A 1324 -3.93 60.70 9.34
N PHE A 1325 -2.78 61.38 9.34
CA PHE A 1325 -1.73 61.07 8.38
C PHE A 1325 -1.00 59.78 8.75
N ALA A 1326 -0.70 59.59 10.02
CA ALA A 1326 0.10 58.46 10.49
C ALA A 1326 -0.67 57.72 11.58
N THR A 1327 -1.43 56.71 11.17
CA THR A 1327 -2.13 55.86 12.14
C THR A 1327 -1.11 55.01 12.90
N TRP A 1328 -1.25 54.97 14.21
CA TRP A 1328 -0.36 54.18 15.08
C TRP A 1328 -1.12 53.08 15.79
N SER A 1329 -2.14 52.53 15.15
CA SER A 1329 -2.95 51.46 15.73
C SER A 1329 -2.17 50.14 15.70
N PRO A 1330 -2.58 49.18 16.53
CA PRO A 1330 -1.94 47.85 16.46
C PRO A 1330 -2.13 47.14 15.13
N SER A 1331 -3.10 47.57 14.31
CA SER A 1331 -3.34 46.95 13.02
C SER A 1331 -2.24 47.25 12.00
N GLN A 1332 -1.33 48.17 12.32
CA GLN A 1332 -0.25 48.54 11.41
C GLN A 1332 1.08 47.91 11.80
N ALA A 1333 1.07 46.86 12.62
CA ALA A 1333 2.28 46.20 13.09
C ALA A 1333 2.84 45.21 12.08
N ARG A 1334 2.46 45.33 10.81
CA ARG A 1334 2.95 44.44 9.77
C ARG A 1334 4.46 44.55 9.63
N LEU A 1335 5.13 43.41 9.52
CA LEU A 1335 6.58 43.39 9.36
C LEU A 1335 6.99 44.02 8.04
N HIS A 1336 8.03 44.87 8.10
CA HIS A 1336 8.64 45.46 6.91
C HIS A 1336 7.61 46.21 6.05
N LEU A 1337 6.77 47.01 6.71
CA LEU A 1337 5.85 47.92 6.05
C LEU A 1337 6.26 49.35 6.34
N GLN A 1338 6.29 50.18 5.30
CA GLN A 1338 6.76 51.56 5.40
C GLN A 1338 5.58 52.52 5.17
N GLY A 1339 5.91 53.81 5.10
CA GLY A 1339 4.90 54.85 4.94
C GLY A 1339 4.65 55.60 6.23
N ARG A 1340 3.70 56.54 6.16
CA ARG A 1340 3.29 57.26 7.35
C ARG A 1340 2.66 56.31 8.36
N SER A 1341 1.73 55.47 7.91
CA SER A 1341 1.15 54.42 8.74
C SER A 1341 1.97 53.16 8.50
N ASN A 1342 3.03 53.00 9.30
CA ASN A 1342 3.98 51.90 9.11
C ASN A 1342 4.20 51.03 10.33
N ALA A 1343 3.76 51.45 11.51
CA ALA A 1343 3.97 50.65 12.72
C ALA A 1343 2.91 51.04 13.75
N TRP A 1344 3.07 50.53 14.97
CA TRP A 1344 2.15 50.79 16.07
C TRP A 1344 2.87 51.55 17.16
N ARG A 1345 2.26 52.65 17.61
CA ARG A 1345 2.86 53.50 18.64
C ARG A 1345 1.82 53.77 19.72
N PRO A 1346 2.02 53.28 20.95
CA PRO A 1346 1.03 53.52 22.01
C PRO A 1346 0.97 54.98 22.41
N GLN A 1347 -0.19 55.37 22.94
CA GLN A 1347 -0.35 56.75 23.40
C GLN A 1347 0.56 57.05 24.59
N VAL A 1348 0.67 56.11 25.52
CA VAL A 1348 1.51 56.27 26.70
C VAL A 1348 2.66 55.28 26.59
N ASN A 1349 3.89 55.80 26.63
CA ASN A 1349 5.10 54.98 26.53
C ASN A 1349 5.44 54.45 27.91
N ASN A 1350 4.88 53.30 28.27
CA ASN A 1350 5.06 52.70 29.58
C ASN A 1350 5.42 51.23 29.41
N PRO A 1351 6.12 50.64 30.39
CA PRO A 1351 6.46 49.22 30.30
C PRO A 1351 5.24 48.29 30.35
N LYS A 1352 4.08 48.80 30.75
CA LYS A 1352 2.90 47.96 30.94
C LYS A 1352 2.08 47.78 29.67
N GLU A 1353 2.54 48.30 28.53
CA GLU A 1353 1.84 48.14 27.27
C GLU A 1353 1.95 46.70 26.78
N TRP A 1354 1.07 46.33 25.86
CA TRP A 1354 1.13 45.02 25.24
C TRP A 1354 0.49 45.08 23.86
N LEU A 1355 0.81 44.09 23.04
CA LEU A 1355 0.32 43.98 21.66
C LEU A 1355 -0.31 42.62 21.44
N GLN A 1356 -1.23 42.24 22.33
CA GLN A 1356 -1.90 40.95 22.26
C GLN A 1356 -2.43 40.65 20.87
N VAL A 1357 -2.12 39.46 20.36
CA VAL A 1357 -2.59 39.00 19.07
C VAL A 1357 -3.23 37.63 19.25
N ASP A 1358 -4.31 37.38 18.53
CA ASP A 1358 -5.07 36.15 18.63
C ASP A 1358 -4.79 35.25 17.43
N PHE A 1359 -4.96 33.94 17.64
CA PHE A 1359 -4.80 32.95 16.60
C PHE A 1359 -6.08 32.21 16.25
N GLN A 1360 -7.12 32.31 17.08
CA GLN A 1360 -8.36 31.55 16.96
C GLN A 1360 -8.13 30.04 17.04
N LYS A 1361 -6.94 29.62 17.47
CA LYS A 1361 -6.57 28.21 17.52
C LYS A 1361 -5.30 28.08 18.35
N THR A 1362 -5.22 27.02 19.15
CA THR A 1362 -4.01 26.75 19.89
C THR A 1362 -2.85 26.52 18.93
N MET A 1363 -1.88 27.42 18.95
CA MET A 1363 -0.80 27.42 17.96
C MET A 1363 0.54 27.37 18.68
N LYS A 1364 1.47 26.60 18.13
CA LYS A 1364 2.82 26.53 18.66
C LYS A 1364 3.63 27.71 18.14
N VAL A 1365 4.30 28.41 19.05
CA VAL A 1365 5.07 29.61 18.72
C VAL A 1365 6.54 29.28 18.93
N THR A 1366 7.27 29.11 17.83
CA THR A 1366 8.69 28.81 17.94
C THR A 1366 9.49 30.02 18.41
N GLY A 1367 9.19 31.20 17.87
CA GLY A 1367 9.92 32.39 18.24
C GLY A 1367 9.21 33.65 17.78
N VAL A 1368 9.75 34.79 18.22
CA VAL A 1368 9.19 36.10 17.92
C VAL A 1368 10.32 36.96 17.37
N THR A 1369 10.10 37.56 16.20
CA THR A 1369 11.11 38.39 15.54
C THR A 1369 10.66 39.84 15.56
N THR A 1370 11.02 40.54 16.63
CA THR A 1370 10.67 41.94 16.79
C THR A 1370 11.51 42.81 15.86
N GLN A 1371 10.92 43.93 15.42
CA GLN A 1371 11.59 44.86 14.52
C GLN A 1371 11.18 46.28 14.86
N GLY A 1372 12.03 47.23 14.48
CA GLY A 1372 11.74 48.64 14.64
C GLY A 1372 11.12 49.24 13.40
N VAL A 1373 11.10 50.57 13.38
CA VAL A 1373 10.53 51.32 12.26
C VAL A 1373 11.13 52.71 12.25
N LYS A 1374 11.11 53.36 11.10
CA LYS A 1374 11.59 54.73 10.93
C LYS A 1374 10.42 55.60 10.48
N SER A 1375 9.69 56.14 11.45
CA SER A 1375 8.57 57.04 11.15
C SER A 1375 9.13 58.36 10.67
N LEU A 1376 9.02 58.61 9.36
CA LEU A 1376 9.58 59.79 8.72
C LEU A 1376 11.08 59.89 8.96
N LEU A 1377 11.48 60.71 9.92
CA LEU A 1377 12.89 60.89 10.26
C LEU A 1377 13.30 60.22 11.55
N THR A 1378 12.47 60.30 12.59
CA THR A 1378 12.82 59.72 13.88
C THR A 1378 12.77 58.20 13.80
N SER A 1379 13.80 57.54 14.32
CA SER A 1379 13.95 56.09 14.28
C SER A 1379 13.66 55.53 15.65
N MET A 1380 12.61 54.70 15.75
CA MET A 1380 12.18 54.12 17.02
C MET A 1380 12.17 52.61 16.92
N TYR A 1381 12.56 51.93 18.00
CA TYR A 1381 12.56 50.49 18.05
C TYR A 1381 12.53 50.04 19.51
N VAL A 1382 11.84 48.93 19.77
CA VAL A 1382 11.78 48.36 21.11
C VAL A 1382 13.08 47.61 21.36
N LYS A 1383 13.85 48.06 22.34
CA LYS A 1383 15.14 47.44 22.62
C LYS A 1383 14.99 46.13 23.40
N GLU A 1384 13.83 45.89 24.00
CA GLU A 1384 13.66 44.70 24.84
C GLU A 1384 12.18 44.49 25.09
N PHE A 1385 11.72 43.25 24.92
CA PHE A 1385 10.30 42.93 24.99
C PHE A 1385 10.10 41.65 25.80
N LEU A 1386 8.83 41.38 26.13
CA LEU A 1386 8.43 40.23 26.91
C LEU A 1386 7.32 39.46 26.19
N ILE A 1387 6.99 38.29 26.73
CA ILE A 1387 5.95 37.43 26.18
C ILE A 1387 5.01 37.04 27.32
N SER A 1388 3.70 37.06 27.05
CA SER A 1388 2.69 36.70 28.05
C SER A 1388 1.58 35.93 27.34
N SER A 1389 1.59 34.60 27.49
CA SER A 1389 0.65 33.74 26.78
C SER A 1389 -0.60 33.49 27.62
N SER A 1390 -1.69 33.18 26.92
CA SER A 1390 -2.96 32.83 27.56
C SER A 1390 -3.84 32.10 26.56
N GLN A 1391 -4.53 31.08 27.06
CA GLN A 1391 -5.42 30.27 26.22
C GLN A 1391 -6.78 30.90 26.00
N ASP A 1392 -7.14 31.93 26.77
CA ASP A 1392 -8.43 32.58 26.63
C ASP A 1392 -8.38 34.10 26.64
N GLY A 1393 -7.23 34.71 26.92
CA GLY A 1393 -7.14 36.15 27.02
C GLY A 1393 -7.21 36.70 28.43
N HIS A 1394 -7.26 35.84 29.45
CA HIS A 1394 -7.35 36.29 30.83
C HIS A 1394 -6.23 35.71 31.67
N GLN A 1395 -5.85 34.46 31.39
CA GLN A 1395 -4.79 33.79 32.15
C GLN A 1395 -3.42 34.09 31.56
N TRP A 1396 -3.05 35.37 31.62
CA TRP A 1396 -1.76 35.80 31.10
C TRP A 1396 -0.63 35.25 31.96
N THR A 1397 0.41 34.74 31.30
CA THR A 1397 1.55 34.13 31.97
C THR A 1397 2.83 34.75 31.41
N LEU A 1398 3.51 35.56 32.22
CA LEU A 1398 4.78 36.13 31.82
C LEU A 1398 5.79 35.03 31.58
N PHE A 1399 6.50 35.11 30.45
CA PHE A 1399 7.49 34.10 30.12
C PHE A 1399 8.63 34.12 31.13
N LEU A 1400 8.99 32.95 31.65
CA LEU A 1400 10.01 32.83 32.67
C LEU A 1400 10.98 31.71 32.27
N GLN A 1401 12.27 32.04 32.27
CA GLN A 1401 13.31 31.04 32.02
C GLN A 1401 13.88 30.60 33.36
N ASN A 1402 13.56 29.38 33.77
CA ASN A 1402 14.04 28.80 35.03
C ASN A 1402 13.65 29.67 36.23
N GLY A 1403 12.43 30.20 36.20
CA GLY A 1403 11.89 30.96 37.30
C GLY A 1403 12.15 32.46 37.25
N LYS A 1404 12.98 32.93 36.33
CA LYS A 1404 13.25 34.35 36.17
C LYS A 1404 12.68 34.82 34.83
N VAL A 1405 11.96 35.94 34.85
CA VAL A 1405 11.30 36.45 33.65
C VAL A 1405 12.30 36.59 32.51
N LYS A 1406 12.06 35.88 31.41
CA LYS A 1406 12.94 35.90 30.25
C LYS A 1406 12.56 37.10 29.40
N VAL A 1407 13.38 38.14 29.46
CA VAL A 1407 13.10 39.39 28.76
C VAL A 1407 13.99 39.41 27.52
N PHE A 1408 13.40 39.04 26.38
CA PHE A 1408 14.17 38.90 25.15
C PHE A 1408 14.71 40.24 24.68
N GLN A 1409 15.91 40.22 24.11
CA GLN A 1409 16.52 41.43 23.56
C GLN A 1409 15.78 41.83 22.29
N GLY A 1410 15.06 42.94 22.35
CA GLY A 1410 14.18 43.34 21.27
C GLY A 1410 14.87 43.74 19.98
N ASN A 1411 15.57 44.86 19.98
CA ASN A 1411 16.15 45.40 18.75
C ASN A 1411 17.31 46.31 19.10
N GLN A 1412 18.16 46.54 18.10
CA GLN A 1412 19.23 47.53 18.20
C GLN A 1412 19.12 48.64 17.17
N ASP A 1413 18.36 48.44 16.11
CA ASP A 1413 18.08 49.50 15.14
C ASP A 1413 16.63 49.34 14.68
N SER A 1414 16.24 50.16 13.70
CA SER A 1414 14.87 50.19 13.21
C SER A 1414 14.72 49.58 11.83
N PHE A 1415 15.75 48.94 11.28
CA PHE A 1415 15.70 48.39 9.94
C PHE A 1415 16.05 46.91 9.87
N THR A 1416 16.33 46.26 11.00
CA THR A 1416 16.77 44.87 10.99
C THR A 1416 16.02 44.10 12.06
N PRO A 1417 15.31 43.02 11.72
CA PRO A 1417 14.63 42.22 12.74
C PRO A 1417 15.61 41.45 13.59
N VAL A 1418 15.20 41.15 14.81
CA VAL A 1418 16.00 40.37 15.77
C VAL A 1418 15.18 39.17 16.18
N VAL A 1419 15.69 37.98 15.90
CA VAL A 1419 14.99 36.74 16.22
C VAL A 1419 15.20 36.41 17.70
N ASN A 1420 14.12 36.04 18.38
CA ASN A 1420 14.17 35.66 19.78
C ASN A 1420 13.37 34.36 19.93
N ALA A 1421 14.07 33.24 19.85
CA ALA A 1421 13.40 31.95 19.89
C ALA A 1421 12.90 31.63 21.29
N LEU A 1422 11.64 31.23 21.37
CA LEU A 1422 11.06 30.78 22.63
C LEU A 1422 11.60 29.41 23.00
N ASP A 1423 12.00 29.24 24.26
CA ASP A 1423 12.58 27.99 24.73
C ASP A 1423 11.92 27.61 26.07
N PRO A 1424 11.02 26.62 26.08
CA PRO A 1424 10.49 25.86 24.94
C PRO A 1424 9.41 26.64 24.20
N PRO A 1425 9.06 26.24 22.97
CA PRO A 1425 7.97 26.92 22.27
C PRO A 1425 6.66 26.81 23.04
N LEU A 1426 5.86 27.87 22.94
CA LEU A 1426 4.61 27.98 23.70
C LEU A 1426 3.43 27.67 22.79
N LEU A 1427 2.56 26.77 23.24
CA LEU A 1427 1.30 26.51 22.57
C LEU A 1427 0.23 27.33 23.28
N THR A 1428 -0.37 28.27 22.58
CA THR A 1428 -1.32 29.19 23.19
C THR A 1428 -2.21 29.78 22.11
N ARG A 1429 -3.32 30.38 22.56
CA ARG A 1429 -4.23 31.08 21.67
C ARG A 1429 -3.96 32.57 21.60
N TYR A 1430 -3.43 33.15 22.68
CA TYR A 1430 -3.09 34.56 22.74
C TYR A 1430 -1.70 34.73 23.36
N LEU A 1431 -1.03 35.81 22.99
CA LEU A 1431 0.25 36.16 23.59
C LEU A 1431 0.44 37.67 23.51
N ARG A 1432 1.11 38.22 24.52
CA ARG A 1432 1.29 39.66 24.65
C ARG A 1432 2.77 40.00 24.51
N ILE A 1433 3.05 41.14 23.90
CA ILE A 1433 4.41 41.64 23.73
C ILE A 1433 4.55 42.87 24.61
N HIS A 1434 5.31 42.77 25.69
CA HIS A 1434 5.45 43.87 26.63
C HIS A 1434 6.74 44.62 26.34
N PRO A 1435 6.70 45.84 25.80
CA PRO A 1435 7.93 46.56 25.49
C PRO A 1435 8.56 47.20 26.72
N GLN A 1436 9.39 46.44 27.43
CA GLN A 1436 10.02 46.94 28.65
C GLN A 1436 10.92 48.14 28.35
N SER A 1437 11.72 48.06 27.29
CA SER A 1437 12.62 49.15 26.93
C SER A 1437 12.47 49.44 25.43
N TRP A 1438 12.73 50.69 25.07
CA TRP A 1438 12.54 51.16 23.70
C TRP A 1438 13.34 52.44 23.50
N ALA A 1439 13.14 53.08 22.36
CA ALA A 1439 13.76 54.36 22.05
C ALA A 1439 12.68 55.33 21.62
N HIS A 1440 12.70 56.53 22.21
CA HIS A 1440 11.69 57.55 21.97
C HIS A 1440 10.29 57.02 22.21
N HIS A 1441 9.60 56.62 21.14
CA HIS A 1441 8.27 56.05 21.21
C HIS A 1441 8.34 54.56 20.94
N ILE A 1442 7.48 53.79 21.62
CA ILE A 1442 7.46 52.35 21.44
C ILE A 1442 7.01 52.04 20.02
N ALA A 1443 7.85 51.31 19.29
CA ALA A 1443 7.55 50.89 17.92
C ALA A 1443 7.79 49.39 17.82
N LEU A 1444 6.87 48.67 17.18
CA LEU A 1444 6.93 47.22 17.13
C LEU A 1444 6.34 46.73 15.81
N ARG A 1445 7.21 46.45 14.85
CA ARG A 1445 6.83 45.79 13.60
C ARG A 1445 7.09 44.28 13.71
N LEU A 1446 6.44 43.66 14.68
CA LEU A 1446 6.77 42.30 15.07
C LEU A 1446 6.36 41.30 13.99
N GLU A 1447 6.78 40.05 14.19
CA GLU A 1447 6.46 38.96 13.27
C GLU A 1447 6.64 37.66 14.05
N VAL A 1448 5.56 36.91 14.20
CA VAL A 1448 5.60 35.70 15.00
C VAL A 1448 5.94 34.50 14.12
N LEU A 1449 6.54 33.49 14.73
CA LEU A 1449 6.94 32.26 14.06
C LEU A 1449 6.38 31.05 14.79
N GLY A 1450 6.13 30.00 14.04
CA GLY A 1450 5.59 28.78 14.60
C GLY A 1450 4.76 28.04 13.57
N CYS A 1451 4.25 26.89 13.99
CA CYS A 1451 3.44 26.03 13.13
C CYS A 1451 2.19 25.59 13.86
N GLU A 1452 1.20 25.17 13.08
CA GLU A 1452 -0.09 24.78 13.64
C GLU A 1452 0.05 23.52 14.49
N ALA A 1453 -0.81 23.41 15.51
CA ALA A 1453 -0.78 22.27 16.40
C ALA A 1453 -2.21 21.91 16.82
N GLN A 1454 -2.33 20.82 17.56
CA GLN A 1454 -3.63 20.39 18.06
C GLN A 1454 -4.17 21.40 19.08
N ASP A 1455 -5.48 21.42 19.22
CA ASP A 1455 -6.12 22.17 20.28
C ASP A 1455 -6.10 21.36 21.58
N LEU A 1456 -6.31 22.06 22.68
CA LEU A 1456 -6.37 21.41 24.00
C LEU A 1456 -7.82 21.18 24.38
N TYR A 1457 -8.44 20.21 23.70
CA TYR A 1457 -9.82 19.86 23.96
C TYR A 1457 -9.98 19.26 25.36
#